data_9HC2
# 
_entry.id   9HC2 
# 
_audit_conform.dict_name       mmcif_pdbx.dic 
_audit_conform.dict_version    5.399 
_audit_conform.dict_location   http://mmcif.pdb.org/dictionaries/ascii/mmcif_pdbx.dic 
# 
loop_
_database_2.database_id 
_database_2.database_code 
_database_2.pdbx_database_accession 
_database_2.pdbx_DOI 
PDB   9HC2         pdb_00009hc2 10.2210/pdb9hc2/pdb 
WWPDB D_1292143075 ?            ?                   
# 
_pdbx_audit_revision_history.ordinal             1 
_pdbx_audit_revision_history.data_content_type   'Structure model' 
_pdbx_audit_revision_history.major_revision      1 
_pdbx_audit_revision_history.minor_revision      0 
_pdbx_audit_revision_history.revision_date       2024-12-18 
# 
_pdbx_audit_revision_details.ordinal             1 
_pdbx_audit_revision_details.revision_ordinal    1 
_pdbx_audit_revision_details.data_content_type   'Structure model' 
_pdbx_audit_revision_details.provider            repository 
_pdbx_audit_revision_details.type                'Initial release' 
_pdbx_audit_revision_details.description         ? 
_pdbx_audit_revision_details.details             ? 
# 
_pdbx_database_status.status_code                     REL 
_pdbx_database_status.status_code_sf                  REL 
_pdbx_database_status.status_code_mr                  ? 
_pdbx_database_status.entry_id                        9HC2 
_pdbx_database_status.recvd_initial_deposition_date   2024-11-08 
_pdbx_database_status.SG_entry                        N 
_pdbx_database_status.deposit_site                    PDBE 
_pdbx_database_status.process_site                    PDBE 
_pdbx_database_status.status_code_cs                  ? 
_pdbx_database_status.status_code_nmr_data            ? 
_pdbx_database_status.methods_development_category    ? 
_pdbx_database_status.pdb_format_compatible           Y 
# 
_pdbx_contact_author.id                 2 
_pdbx_contact_author.email              peter.crowley@universityofgalway.ie 
_pdbx_contact_author.name_first         Peter 
_pdbx_contact_author.name_last          Crowley 
_pdbx_contact_author.name_mi            B 
_pdbx_contact_author.role               'principal investigator/group leader' 
_pdbx_contact_author.identifier_ORCID   0000-0002-5365-0096 
# 
loop_
_audit_author.name 
_audit_author.pdbx_ordinal 
_audit_author.identifier_ORCID 
'Ifeagwu, M.C.' 1 0009-0001-8729-726X 
'Flood, R.J.'   2 0000-0002-0848-4236 
'Mockler, N.M.' 3 0000-0003-3392-9564 
'Crowley, P.B.' 4 0000-0002-5365-0096 
# 
_citation.abstract                  ? 
_citation.abstract_id_CAS           ? 
_citation.book_id_ISBN              ? 
_citation.book_publisher            ? 
_citation.book_publisher_city       ? 
_citation.book_title                ? 
_citation.coordinate_linkage        ? 
_citation.country                   ? 
_citation.database_id_Medline       ? 
_citation.details                   ? 
_citation.id                        primary 
_citation.journal_abbrev            'To Be Published' 
_citation.journal_id_ASTM           ? 
_citation.journal_id_CSD            0353 
_citation.journal_id_ISSN           ? 
_citation.journal_full              ? 
_citation.journal_issue             ? 
_citation.journal_volume            ? 
_citation.language                  ? 
_citation.page_first                ? 
_citation.page_last                 ? 
_citation.title                     'Crystal structure of Lysozyme in complex with Gentisic Acid' 
_citation.year                      ? 
_citation.database_id_CSD           ? 
_citation.pdbx_database_id_DOI      ? 
_citation.pdbx_database_id_PubMed   ? 
_citation.pdbx_database_id_patent   ? 
_citation.unpublished_flag          ? 
# 
loop_
_citation_author.citation_id 
_citation_author.name 
_citation_author.ordinal 
_citation_author.identifier_ORCID 
primary 'Ifeagwu, M.C.' 1 0009-0001-8729-726X 
primary 'Flood, R.J.'   2 0000-0002-0848-4236 
primary 'Mockler, N.M.' 3 0000-0003-3392-9564 
primary 'Crowley, P.B.' 4 0000-0002-5365-0096 
# 
loop_
_entity.id 
_entity.type 
_entity.src_method 
_entity.pdbx_description 
_entity.formula_weight 
_entity.pdbx_number_of_molecules 
_entity.pdbx_ec 
_entity.pdbx_mutation 
_entity.pdbx_fragment 
_entity.details 
1 polymer     nat 'Lysozyme C'                14331.160 1  3.2.1.17 ? ? ? 
2 non-polymer syn '2,5-dihydroxybenzoic acid' 154.120   2  ?        ? ? ? 
3 non-polymer syn 1,2-ETHANEDIOL              62.068    5  ?        ? ? ? 
4 water       nat water                       18.015    80 ?        ? ? ? 
# 
_entity_name_com.entity_id   1 
_entity_name_com.name        '1,4-beta-N-acetylmuramidase C,Allergen Gal d IV' 
# 
_entity_poly.entity_id                      1 
_entity_poly.type                           'polypeptide(L)' 
_entity_poly.nstd_linkage                   no 
_entity_poly.nstd_monomer                   no 
_entity_poly.pdbx_seq_one_letter_code       
;KVFGRCELAAAMKRHGLDNYRGYSLGNWVCAAKFESNFNTQATNRNTDGSTDYGILQINSRWWCNDGRTPGSRNLCNIPC
SALLSSDITASVNCAKKIVSDGNGMNAWVAWRNRCKGTDVQAWIRGCRL
;
_entity_poly.pdbx_seq_one_letter_code_can   
;KVFGRCELAAAMKRHGLDNYRGYSLGNWVCAAKFESNFNTQATNRNTDGSTDYGILQINSRWWCNDGRTPGSRNLCNIPC
SALLSSDITASVNCAKKIVSDGNGMNAWVAWRNRCKGTDVQAWIRGCRL
;
_entity_poly.pdbx_strand_id                 A 
_entity_poly.pdbx_target_identifier         ? 
# 
loop_
_pdbx_entity_nonpoly.entity_id 
_pdbx_entity_nonpoly.name 
_pdbx_entity_nonpoly.comp_id 
2 '2,5-dihydroxybenzoic acid' GTQ 
3 1,2-ETHANEDIOL              EDO 
4 water                       HOH 
# 
loop_
_entity_poly_seq.entity_id 
_entity_poly_seq.num 
_entity_poly_seq.mon_id 
_entity_poly_seq.hetero 
1 1   LYS n 
1 2   VAL n 
1 3   PHE n 
1 4   GLY n 
1 5   ARG n 
1 6   CYS n 
1 7   GLU n 
1 8   LEU n 
1 9   ALA n 
1 10  ALA n 
1 11  ALA n 
1 12  MET n 
1 13  LYS n 
1 14  ARG n 
1 15  HIS n 
1 16  GLY n 
1 17  LEU n 
1 18  ASP n 
1 19  ASN n 
1 20  TYR n 
1 21  ARG n 
1 22  GLY n 
1 23  TYR n 
1 24  SER n 
1 25  LEU n 
1 26  GLY n 
1 27  ASN n 
1 28  TRP n 
1 29  VAL n 
1 30  CYS n 
1 31  ALA n 
1 32  ALA n 
1 33  LYS n 
1 34  PHE n 
1 35  GLU n 
1 36  SER n 
1 37  ASN n 
1 38  PHE n 
1 39  ASN n 
1 40  THR n 
1 41  GLN n 
1 42  ALA n 
1 43  THR n 
1 44  ASN n 
1 45  ARG n 
1 46  ASN n 
1 47  THR n 
1 48  ASP n 
1 49  GLY n 
1 50  SER n 
1 51  THR n 
1 52  ASP n 
1 53  TYR n 
1 54  GLY n 
1 55  ILE n 
1 56  LEU n 
1 57  GLN n 
1 58  ILE n 
1 59  ASN n 
1 60  SER n 
1 61  ARG n 
1 62  TRP n 
1 63  TRP n 
1 64  CYS n 
1 65  ASN n 
1 66  ASP n 
1 67  GLY n 
1 68  ARG n 
1 69  THR n 
1 70  PRO n 
1 71  GLY n 
1 72  SER n 
1 73  ARG n 
1 74  ASN n 
1 75  LEU n 
1 76  CYS n 
1 77  ASN n 
1 78  ILE n 
1 79  PRO n 
1 80  CYS n 
1 81  SER n 
1 82  ALA n 
1 83  LEU n 
1 84  LEU n 
1 85  SER n 
1 86  SER n 
1 87  ASP n 
1 88  ILE n 
1 89  THR n 
1 90  ALA n 
1 91  SER n 
1 92  VAL n 
1 93  ASN n 
1 94  CYS n 
1 95  ALA n 
1 96  LYS n 
1 97  LYS n 
1 98  ILE n 
1 99  VAL n 
1 100 SER n 
1 101 ASP n 
1 102 GLY n 
1 103 ASN n 
1 104 GLY n 
1 105 MET n 
1 106 ASN n 
1 107 ALA n 
1 108 TRP n 
1 109 VAL n 
1 110 ALA n 
1 111 TRP n 
1 112 ARG n 
1 113 ASN n 
1 114 ARG n 
1 115 CYS n 
1 116 LYS n 
1 117 GLY n 
1 118 THR n 
1 119 ASP n 
1 120 VAL n 
1 121 GLN n 
1 122 ALA n 
1 123 TRP n 
1 124 ILE n 
1 125 ARG n 
1 126 GLY n 
1 127 CYS n 
1 128 ARG n 
1 129 LEU n 
# 
_entity_src_nat.entity_id                  1 
_entity_src_nat.pdbx_src_id                1 
_entity_src_nat.pdbx_alt_source_flag       sample 
_entity_src_nat.pdbx_beg_seq_num           1 
_entity_src_nat.pdbx_end_seq_num           129 
_entity_src_nat.common_name                chicken 
_entity_src_nat.pdbx_organism_scientific   'Gallus gallus' 
_entity_src_nat.pdbx_ncbi_taxonomy_id      9031 
_entity_src_nat.genus                      ? 
_entity_src_nat.species                    ? 
_entity_src_nat.strain                     ? 
_entity_src_nat.tissue                     ? 
_entity_src_nat.tissue_fraction            ? 
_entity_src_nat.pdbx_secretion             ? 
_entity_src_nat.pdbx_fragment              ? 
_entity_src_nat.pdbx_variant               ? 
_entity_src_nat.pdbx_cell_line             ? 
_entity_src_nat.pdbx_atcc                  ? 
_entity_src_nat.pdbx_cellular_location     ? 
_entity_src_nat.pdbx_organ                 ? 
_entity_src_nat.pdbx_organelle             ? 
_entity_src_nat.pdbx_cell                  ? 
_entity_src_nat.pdbx_plasmid_name          ? 
_entity_src_nat.pdbx_plasmid_details       ? 
_entity_src_nat.details                    ? 
# 
loop_
_chem_comp.id 
_chem_comp.type 
_chem_comp.mon_nstd_flag 
_chem_comp.name 
_chem_comp.pdbx_synonyms 
_chem_comp.formula 
_chem_comp.formula_weight 
ALA 'L-peptide linking' y ALANINE                     ?                 'C3 H7 N O2'     89.093  
ARG 'L-peptide linking' y ARGININE                    ?                 'C6 H15 N4 O2 1' 175.209 
ASN 'L-peptide linking' y ASPARAGINE                  ?                 'C4 H8 N2 O3'    132.118 
ASP 'L-peptide linking' y 'ASPARTIC ACID'             ?                 'C4 H7 N O4'     133.103 
CYS 'L-peptide linking' y CYSTEINE                    ?                 'C3 H7 N O2 S'   121.158 
EDO non-polymer         . 1,2-ETHANEDIOL              'ETHYLENE GLYCOL' 'C2 H6 O2'       62.068  
GLN 'L-peptide linking' y GLUTAMINE                   ?                 'C5 H10 N2 O3'   146.144 
GLU 'L-peptide linking' y 'GLUTAMIC ACID'             ?                 'C5 H9 N O4'     147.129 
GLY 'peptide linking'   y GLYCINE                     ?                 'C2 H5 N O2'     75.067  
GTQ non-polymer         . '2,5-dihydroxybenzoic acid' ?                 'C7 H6 O4'       154.120 
HIS 'L-peptide linking' y HISTIDINE                   ?                 'C6 H10 N3 O2 1' 156.162 
HOH non-polymer         . WATER                       ?                 'H2 O'           18.015  
ILE 'L-peptide linking' y ISOLEUCINE                  ?                 'C6 H13 N O2'    131.173 
LEU 'L-peptide linking' y LEUCINE                     ?                 'C6 H13 N O2'    131.173 
LYS 'L-peptide linking' y LYSINE                      ?                 'C6 H15 N2 O2 1' 147.195 
MET 'L-peptide linking' y METHIONINE                  ?                 'C5 H11 N O2 S'  149.211 
PHE 'L-peptide linking' y PHENYLALANINE               ?                 'C9 H11 N O2'    165.189 
PRO 'L-peptide linking' y PROLINE                     ?                 'C5 H9 N O2'     115.130 
SER 'L-peptide linking' y SERINE                      ?                 'C3 H7 N O3'     105.093 
THR 'L-peptide linking' y THREONINE                   ?                 'C4 H9 N O3'     119.119 
TRP 'L-peptide linking' y TRYPTOPHAN                  ?                 'C11 H12 N2 O2'  204.225 
TYR 'L-peptide linking' y TYROSINE                    ?                 'C9 H11 N O3'    181.189 
VAL 'L-peptide linking' y VALINE                      ?                 'C5 H11 N O2'    117.146 
# 
loop_
_pdbx_poly_seq_scheme.asym_id 
_pdbx_poly_seq_scheme.entity_id 
_pdbx_poly_seq_scheme.seq_id 
_pdbx_poly_seq_scheme.mon_id 
_pdbx_poly_seq_scheme.ndb_seq_num 
_pdbx_poly_seq_scheme.pdb_seq_num 
_pdbx_poly_seq_scheme.auth_seq_num 
_pdbx_poly_seq_scheme.pdb_mon_id 
_pdbx_poly_seq_scheme.auth_mon_id 
_pdbx_poly_seq_scheme.pdb_strand_id 
_pdbx_poly_seq_scheme.pdb_ins_code 
_pdbx_poly_seq_scheme.hetero 
A 1 1   LYS 1   1   1   LYS LYS A . n 
A 1 2   VAL 2   2   2   VAL VAL A . n 
A 1 3   PHE 3   3   3   PHE PHE A . n 
A 1 4   GLY 4   4   4   GLY GLY A . n 
A 1 5   ARG 5   5   5   ARG ARG A . n 
A 1 6   CYS 6   6   6   CYS CYS A . n 
A 1 7   GLU 7   7   7   GLU GLU A . n 
A 1 8   LEU 8   8   8   LEU LEU A . n 
A 1 9   ALA 9   9   9   ALA ALA A . n 
A 1 10  ALA 10  10  10  ALA ALA A . n 
A 1 11  ALA 11  11  11  ALA ALA A . n 
A 1 12  MET 12  12  12  MET MET A . n 
A 1 13  LYS 13  13  13  LYS LYS A . n 
A 1 14  ARG 14  14  14  ARG ARG A . n 
A 1 15  HIS 15  15  15  HIS HIS A . n 
A 1 16  GLY 16  16  16  GLY GLY A . n 
A 1 17  LEU 17  17  17  LEU LEU A . n 
A 1 18  ASP 18  18  18  ASP ASP A . n 
A 1 19  ASN 19  19  19  ASN ASN A . n 
A 1 20  TYR 20  20  20  TYR TYR A . n 
A 1 21  ARG 21  21  21  ARG ARG A . n 
A 1 22  GLY 22  22  22  GLY GLY A . n 
A 1 23  TYR 23  23  23  TYR TYR A . n 
A 1 24  SER 24  24  24  SER SER A . n 
A 1 25  LEU 25  25  25  LEU LEU A . n 
A 1 26  GLY 26  26  26  GLY GLY A . n 
A 1 27  ASN 27  27  27  ASN ASN A . n 
A 1 28  TRP 28  28  28  TRP TRP A . n 
A 1 29  VAL 29  29  29  VAL VAL A . n 
A 1 30  CYS 30  30  30  CYS CYS A . n 
A 1 31  ALA 31  31  31  ALA ALA A . n 
A 1 32  ALA 32  32  32  ALA ALA A . n 
A 1 33  LYS 33  33  33  LYS LYS A . n 
A 1 34  PHE 34  34  34  PHE PHE A . n 
A 1 35  GLU 35  35  35  GLU GLU A . n 
A 1 36  SER 36  36  36  SER SER A . n 
A 1 37  ASN 37  37  37  ASN ASN A . n 
A 1 38  PHE 38  38  38  PHE PHE A . n 
A 1 39  ASN 39  39  39  ASN ASN A . n 
A 1 40  THR 40  40  40  THR THR A . n 
A 1 41  GLN 41  41  41  GLN GLN A . n 
A 1 42  ALA 42  42  42  ALA ALA A . n 
A 1 43  THR 43  43  43  THR THR A . n 
A 1 44  ASN 44  44  44  ASN ASN A . n 
A 1 45  ARG 45  45  45  ARG ARG A . n 
A 1 46  ASN 46  46  46  ASN ASN A . n 
A 1 47  THR 47  47  47  THR THR A . n 
A 1 48  ASP 48  48  48  ASP ASP A . n 
A 1 49  GLY 49  49  49  GLY GLY A . n 
A 1 50  SER 50  50  50  SER SER A . n 
A 1 51  THR 51  51  51  THR THR A . n 
A 1 52  ASP 52  52  52  ASP ASP A . n 
A 1 53  TYR 53  53  53  TYR TYR A . n 
A 1 54  GLY 54  54  54  GLY GLY A . n 
A 1 55  ILE 55  55  55  ILE ILE A . n 
A 1 56  LEU 56  56  56  LEU LEU A . n 
A 1 57  GLN 57  57  57  GLN GLN A . n 
A 1 58  ILE 58  58  58  ILE ILE A . n 
A 1 59  ASN 59  59  59  ASN ASN A . n 
A 1 60  SER 60  60  60  SER SER A . n 
A 1 61  ARG 61  61  61  ARG ARG A . n 
A 1 62  TRP 62  62  62  TRP TRP A . n 
A 1 63  TRP 63  63  63  TRP TRP A . n 
A 1 64  CYS 64  64  64  CYS CYS A . n 
A 1 65  ASN 65  65  65  ASN ASN A . n 
A 1 66  ASP 66  66  66  ASP ASP A . n 
A 1 67  GLY 67  67  67  GLY GLY A . n 
A 1 68  ARG 68  68  68  ARG ARG A . n 
A 1 69  THR 69  69  69  THR THR A . n 
A 1 70  PRO 70  70  70  PRO PRO A . n 
A 1 71  GLY 71  71  71  GLY GLY A . n 
A 1 72  SER 72  72  72  SER SER A . n 
A 1 73  ARG 73  73  73  ARG ARG A . n 
A 1 74  ASN 74  74  74  ASN ASN A . n 
A 1 75  LEU 75  75  75  LEU LEU A . n 
A 1 76  CYS 76  76  76  CYS CYS A . n 
A 1 77  ASN 77  77  77  ASN ASN A . n 
A 1 78  ILE 78  78  78  ILE ILE A . n 
A 1 79  PRO 79  79  79  PRO PRO A . n 
A 1 80  CYS 80  80  80  CYS CYS A . n 
A 1 81  SER 81  81  81  SER SER A . n 
A 1 82  ALA 82  82  82  ALA ALA A . n 
A 1 83  LEU 83  83  83  LEU LEU A . n 
A 1 84  LEU 84  84  84  LEU LEU A . n 
A 1 85  SER 85  85  85  SER SER A . n 
A 1 86  SER 86  86  86  SER SER A . n 
A 1 87  ASP 87  87  87  ASP ASP A . n 
A 1 88  ILE 88  88  88  ILE ILE A . n 
A 1 89  THR 89  89  89  THR THR A . n 
A 1 90  ALA 90  90  90  ALA ALA A . n 
A 1 91  SER 91  91  91  SER SER A . n 
A 1 92  VAL 92  92  92  VAL VAL A . n 
A 1 93  ASN 93  93  93  ASN ASN A . n 
A 1 94  CYS 94  94  94  CYS CYS A . n 
A 1 95  ALA 95  95  95  ALA ALA A . n 
A 1 96  LYS 96  96  96  LYS LYS A . n 
A 1 97  LYS 97  97  97  LYS LYS A . n 
A 1 98  ILE 98  98  98  ILE ILE A . n 
A 1 99  VAL 99  99  99  VAL VAL A . n 
A 1 100 SER 100 100 100 SER SER A . n 
A 1 101 ASP 101 101 101 ASP ASP A . n 
A 1 102 GLY 102 102 102 GLY GLY A . n 
A 1 103 ASN 103 103 103 ASN ASN A . n 
A 1 104 GLY 104 104 104 GLY GLY A . n 
A 1 105 MET 105 105 105 MET MET A . n 
A 1 106 ASN 106 106 106 ASN ASN A . n 
A 1 107 ALA 107 107 107 ALA ALA A . n 
A 1 108 TRP 108 108 108 TRP TRP A . n 
A 1 109 VAL 109 109 109 VAL VAL A . n 
A 1 110 ALA 110 110 110 ALA ALA A . n 
A 1 111 TRP 111 111 111 TRP TRP A . n 
A 1 112 ARG 112 112 112 ARG ARG A . n 
A 1 113 ASN 113 113 113 ASN ASN A . n 
A 1 114 ARG 114 114 114 ARG ARG A . n 
A 1 115 CYS 115 115 115 CYS CYS A . n 
A 1 116 LYS 116 116 116 LYS LYS A . n 
A 1 117 GLY 117 117 117 GLY GLY A . n 
A 1 118 THR 118 118 118 THR THR A . n 
A 1 119 ASP 119 119 119 ASP ASP A . n 
A 1 120 VAL 120 120 120 VAL VAL A . n 
A 1 121 GLN 121 121 121 GLN GLN A . n 
A 1 122 ALA 122 122 122 ALA ALA A . n 
A 1 123 TRP 123 123 123 TRP TRP A . n 
A 1 124 ILE 124 124 124 ILE ILE A . n 
A 1 125 ARG 125 125 125 ARG ARG A . n 
A 1 126 GLY 126 126 126 GLY GLY A . n 
A 1 127 CYS 127 127 127 CYS CYS A . n 
A 1 128 ARG 128 128 128 ARG ARG A . n 
A 1 129 LEU 129 129 129 LEU LEU A . n 
# 
_pdbx_entity_instance_feature.ordinal        1 
_pdbx_entity_instance_feature.comp_id        GTQ 
_pdbx_entity_instance_feature.asym_id        ? 
_pdbx_entity_instance_feature.seq_num        ? 
_pdbx_entity_instance_feature.auth_comp_id   GTQ 
_pdbx_entity_instance_feature.auth_asym_id   ? 
_pdbx_entity_instance_feature.auth_seq_num   ? 
_pdbx_entity_instance_feature.feature_type   'SUBJECT OF INVESTIGATION' 
_pdbx_entity_instance_feature.details        ? 
# 
loop_
_pdbx_nonpoly_scheme.asym_id 
_pdbx_nonpoly_scheme.entity_id 
_pdbx_nonpoly_scheme.mon_id 
_pdbx_nonpoly_scheme.ndb_seq_num 
_pdbx_nonpoly_scheme.pdb_seq_num 
_pdbx_nonpoly_scheme.auth_seq_num 
_pdbx_nonpoly_scheme.pdb_mon_id 
_pdbx_nonpoly_scheme.auth_mon_id 
_pdbx_nonpoly_scheme.pdb_strand_id 
_pdbx_nonpoly_scheme.pdb_ins_code 
B 2 GTQ 1  201 202 GTQ GTQ A . 
C 2 GTQ 1  202 203 GTQ GTQ A . 
D 3 EDO 1  203 204 EDO EDO A . 
E 3 EDO 1  204 205 EDO EDO A . 
F 3 EDO 1  205 206 EDO EDO A . 
G 3 EDO 1  206 207 EDO EDO A . 
H 3 EDO 1  207 208 EDO EDO A . 
I 4 HOH 1  301 111 HOH HOH A . 
I 4 HOH 2  302 75  HOH HOH A . 
I 4 HOH 3  303 44  HOH HOH A . 
I 4 HOH 4  304 107 HOH HOH A . 
I 4 HOH 5  305 38  HOH HOH A . 
I 4 HOH 6  306 82  HOH HOH A . 
I 4 HOH 7  307 88  HOH HOH A . 
I 4 HOH 8  308 25  HOH HOH A . 
I 4 HOH 9  309 69  HOH HOH A . 
I 4 HOH 10 310 29  HOH HOH A . 
I 4 HOH 11 311 19  HOH HOH A . 
I 4 HOH 12 312 53  HOH HOH A . 
I 4 HOH 13 313 8   HOH HOH A . 
I 4 HOH 14 314 68  HOH HOH A . 
I 4 HOH 15 315 66  HOH HOH A . 
I 4 HOH 16 316 3   HOH HOH A . 
I 4 HOH 17 317 2   HOH HOH A . 
I 4 HOH 18 318 138 HOH HOH A . 
I 4 HOH 19 319 16  HOH HOH A . 
I 4 HOH 20 320 54  HOH HOH A . 
I 4 HOH 21 321 9   HOH HOH A . 
I 4 HOH 22 322 99  HOH HOH A . 
I 4 HOH 23 323 106 HOH HOH A . 
I 4 HOH 24 324 7   HOH HOH A . 
I 4 HOH 25 325 26  HOH HOH A . 
I 4 HOH 26 326 55  HOH HOH A . 
I 4 HOH 27 327 1   HOH HOH A . 
I 4 HOH 28 328 17  HOH HOH A . 
I 4 HOH 29 329 20  HOH HOH A . 
I 4 HOH 30 330 48  HOH HOH A . 
I 4 HOH 31 331 92  HOH HOH A . 
I 4 HOH 32 332 30  HOH HOH A . 
I 4 HOH 33 333 27  HOH HOH A . 
I 4 HOH 34 334 14  HOH HOH A . 
I 4 HOH 35 335 28  HOH HOH A . 
I 4 HOH 36 336 21  HOH HOH A . 
I 4 HOH 37 337 23  HOH HOH A . 
I 4 HOH 38 338 11  HOH HOH A . 
I 4 HOH 39 339 12  HOH HOH A . 
I 4 HOH 40 340 39  HOH HOH A . 
I 4 HOH 41 341 51  HOH HOH A . 
I 4 HOH 42 342 59  HOH HOH A . 
I 4 HOH 43 343 41  HOH HOH A . 
I 4 HOH 44 344 4   HOH HOH A . 
I 4 HOH 45 345 18  HOH HOH A . 
I 4 HOH 46 346 13  HOH HOH A . 
I 4 HOH 47 347 43  HOH HOH A . 
I 4 HOH 48 348 31  HOH HOH A . 
I 4 HOH 49 349 50  HOH HOH A . 
I 4 HOH 50 350 81  HOH HOH A . 
I 4 HOH 51 351 34  HOH HOH A . 
I 4 HOH 52 352 47  HOH HOH A . 
I 4 HOH 53 353 61  HOH HOH A . 
I 4 HOH 54 354 22  HOH HOH A . 
I 4 HOH 55 355 52  HOH HOH A . 
I 4 HOH 56 356 10  HOH HOH A . 
I 4 HOH 57 357 24  HOH HOH A . 
I 4 HOH 58 358 5   HOH HOH A . 
I 4 HOH 59 359 15  HOH HOH A . 
I 4 HOH 60 360 32  HOH HOH A . 
I 4 HOH 61 361 93  HOH HOH A . 
I 4 HOH 62 362 35  HOH HOH A . 
I 4 HOH 63 363 141 HOH HOH A . 
I 4 HOH 64 364 33  HOH HOH A . 
I 4 HOH 65 365 139 HOH HOH A . 
I 4 HOH 66 366 42  HOH HOH A . 
I 4 HOH 67 367 36  HOH HOH A . 
I 4 HOH 68 368 37  HOH HOH A . 
I 4 HOH 69 369 84  HOH HOH A . 
I 4 HOH 70 370 96  HOH HOH A . 
I 4 HOH 71 371 140 HOH HOH A . 
I 4 HOH 72 372 64  HOH HOH A . 
I 4 HOH 73 373 71  HOH HOH A . 
I 4 HOH 74 374 45  HOH HOH A . 
I 4 HOH 75 375 126 HOH HOH A . 
I 4 HOH 76 376 78  HOH HOH A . 
I 4 HOH 77 377 124 HOH HOH A . 
I 4 HOH 78 378 72  HOH HOH A . 
I 4 HOH 79 379 57  HOH HOH A . 
I 4 HOH 80 380 74  HOH HOH A . 
# 
loop_
_pdbx_unobs_or_zero_occ_atoms.id 
_pdbx_unobs_or_zero_occ_atoms.PDB_model_num 
_pdbx_unobs_or_zero_occ_atoms.polymer_flag 
_pdbx_unobs_or_zero_occ_atoms.occupancy_flag 
_pdbx_unobs_or_zero_occ_atoms.auth_asym_id 
_pdbx_unobs_or_zero_occ_atoms.auth_comp_id 
_pdbx_unobs_or_zero_occ_atoms.auth_seq_id 
_pdbx_unobs_or_zero_occ_atoms.PDB_ins_code 
_pdbx_unobs_or_zero_occ_atoms.auth_atom_id 
_pdbx_unobs_or_zero_occ_atoms.label_alt_id 
_pdbx_unobs_or_zero_occ_atoms.label_asym_id 
_pdbx_unobs_or_zero_occ_atoms.label_comp_id 
_pdbx_unobs_or_zero_occ_atoms.label_seq_id 
_pdbx_unobs_or_zero_occ_atoms.label_atom_id 
1  1 Y 0 A ARG 61  ? NE  ? A ARG 61  NE  
2  1 Y 0 A TRP 62  ? CZ3 ? A TRP 62  CZ3 
3  1 Y 0 A TRP 62  ? CH2 ? A TRP 62  CH2 
4  1 Y 0 A ARG 73  ? CD  ? A ARG 73  CD  
5  1 Y 0 A ARG 73  ? NE  ? A ARG 73  NE  
6  1 Y 0 A ARG 73  ? CZ  ? A ARG 73  CZ  
7  1 Y 0 A ARG 73  ? NH1 ? A ARG 73  NH1 
8  1 Y 0 A ARG 73  ? NH2 ? A ARG 73  NH2 
9  1 Y 0 A LYS 97  ? CE  ? A LYS 97  CE  
10 1 Y 0 A LYS 97  ? NZ  ? A LYS 97  NZ  
11 1 Y 0 A GLN 121 ? CD  ? A GLN 121 CD  
12 1 Y 0 A GLN 121 ? NE2 ? A GLN 121 NE2 
13 1 Y 0 A LEU 129 ? C   ? A LEU 129 C   
# 
loop_
_software.citation_id 
_software.classification 
_software.compiler_name 
_software.compiler_version 
_software.contact_author 
_software.contact_author_email 
_software.date 
_software.description 
_software.dependencies 
_software.hardware 
_software.language 
_software.location 
_software.mods 
_software.name 
_software.os 
_software.os_version 
_software.type 
_software.version 
_software.pdbx_ordinal 
? refinement        ? ? ? ? ? ? ? ? ? ? ? PHENIX   ? ? ? 1.20.1_4487 1 
? 'data reduction'  ? ? ? ? ? ? ? ? ? ? ? XDS      ? ? ? 1.20.1_4487 2 
? 'data scaling'    ? ? ? ? ? ? ? ? ? ? ? Aimless  ? ? ? .           3 
? phasing           ? ? ? ? ? ? ? ? ? ? ? PHASER   ? ? ? .           4 
? 'data processing' ? ? ? ? ? ? ? ? ? ? ? autoPROC ? ? ? .           5 
# 
_cell.angle_alpha                  90.000 
_cell.angle_alpha_esd              ? 
_cell.angle_beta                   90.000 
_cell.angle_beta_esd               ? 
_cell.angle_gamma                  90.000 
_cell.angle_gamma_esd              ? 
_cell.entry_id                     9HC2 
_cell.details                      ? 
_cell.formula_units_Z              ? 
_cell.length_a                     77.974 
_cell.length_a_esd                 ? 
_cell.length_b                     77.974 
_cell.length_b_esd                 ? 
_cell.length_c                     37.090 
_cell.length_c_esd                 ? 
_cell.volume                       225505.148 
_cell.volume_esd                   ? 
_cell.Z_PDB                        8 
_cell.reciprocal_angle_alpha       ? 
_cell.reciprocal_angle_beta        ? 
_cell.reciprocal_angle_gamma       ? 
_cell.reciprocal_angle_alpha_esd   ? 
_cell.reciprocal_angle_beta_esd    ? 
_cell.reciprocal_angle_gamma_esd   ? 
_cell.reciprocal_length_a          ? 
_cell.reciprocal_length_b          ? 
_cell.reciprocal_length_c          ? 
_cell.reciprocal_length_a_esd      ? 
_cell.reciprocal_length_b_esd      ? 
_cell.reciprocal_length_c_esd      ? 
_cell.pdbx_unique_axis             ? 
_cell.pdbx_esd_method              ? 
# 
_symmetry.entry_id                         9HC2 
_symmetry.cell_setting                     ? 
_symmetry.Int_Tables_number                96 
_symmetry.space_group_name_Hall            'P 4nw 2abw' 
_symmetry.space_group_name_H-M             'P 43 21 2' 
_symmetry.pdbx_full_space_group_name_H-M   ? 
# 
_exptl.absorpt_coefficient_mu     ? 
_exptl.absorpt_correction_T_max   ? 
_exptl.absorpt_correction_T_min   ? 
_exptl.absorpt_correction_type    ? 
_exptl.absorpt_process_details    ? 
_exptl.entry_id                   9HC2 
_exptl.crystals_number            1 
_exptl.details                    ? 
_exptl.method                     'X-RAY DIFFRACTION' 
_exptl.method_details             ? 
# 
_exptl_crystal.colour                       ? 
_exptl_crystal.density_diffrn               ? 
_exptl_crystal.density_Matthews             1.95 
_exptl_crystal.density_method               ? 
_exptl_crystal.density_percent_sol          36.79 
_exptl_crystal.description                  ? 
_exptl_crystal.F_000                        ? 
_exptl_crystal.id                           1 
_exptl_crystal.preparation                  ? 
_exptl_crystal.size_max                     ? 
_exptl_crystal.size_mid                     ? 
_exptl_crystal.size_min                     ? 
_exptl_crystal.size_rad                     ? 
_exptl_crystal.colour_lustre                ? 
_exptl_crystal.colour_modifier              ? 
_exptl_crystal.colour_primary               ? 
_exptl_crystal.density_meas                 ? 
_exptl_crystal.density_meas_esd             ? 
_exptl_crystal.density_meas_gt              ? 
_exptl_crystal.density_meas_lt              ? 
_exptl_crystal.density_meas_temp            ? 
_exptl_crystal.density_meas_temp_esd        ? 
_exptl_crystal.density_meas_temp_gt         ? 
_exptl_crystal.density_meas_temp_lt         ? 
_exptl_crystal.pdbx_crystal_image_url       ? 
_exptl_crystal.pdbx_crystal_image_format    ? 
_exptl_crystal.pdbx_mosaicity               ? 
_exptl_crystal.pdbx_mosaicity_esd           ? 
_exptl_crystal.pdbx_mosaic_method           ? 
_exptl_crystal.pdbx_mosaic_block_size       ? 
_exptl_crystal.pdbx_mosaic_block_size_esd   ? 
# 
_exptl_crystal_grow.apparatus       ? 
_exptl_crystal_grow.atmosphere      ? 
_exptl_crystal_grow.crystal_id      1 
_exptl_crystal_grow.details         ? 
_exptl_crystal_grow.method          'VAPOR DIFFUSION, HANGING DROP' 
_exptl_crystal_grow.method_ref      ? 
_exptl_crystal_grow.pH              4 
_exptl_crystal_grow.pressure        ? 
_exptl_crystal_grow.pressure_esd    ? 
_exptl_crystal_grow.seeding         ? 
_exptl_crystal_grow.seeding_ref     ? 
_exptl_crystal_grow.temp_details    ? 
_exptl_crystal_grow.temp_esd        ? 
_exptl_crystal_grow.time            ? 
_exptl_crystal_grow.pdbx_details    '100 mM tri-Sodium citrate pH 4.0, 800 mM Ammonium sulfate' 
_exptl_crystal_grow.pdbx_pH_range   ? 
_exptl_crystal_grow.temp            293 
# 
_diffrn.ambient_environment              ? 
_diffrn.ambient_temp                     100 
_diffrn.ambient_temp_details             ? 
_diffrn.ambient_temp_esd                 ? 
_diffrn.crystal_id                       1 
_diffrn.crystal_support                  ? 
_diffrn.crystal_treatment                ? 
_diffrn.details                          ? 
_diffrn.id                               1 
_diffrn.ambient_pressure                 ? 
_diffrn.ambient_pressure_esd             ? 
_diffrn.ambient_pressure_gt              ? 
_diffrn.ambient_pressure_lt              ? 
_diffrn.ambient_temp_gt                  ? 
_diffrn.ambient_temp_lt                  ? 
_diffrn.pdbx_serial_crystal_experiment   N 
# 
_diffrn_detector.details                      ? 
_diffrn_detector.detector                     PIXEL 
_diffrn_detector.diffrn_id                    1 
_diffrn_detector.type                         'DECTRIS EIGER X 9M' 
_diffrn_detector.area_resol_mean              ? 
_diffrn_detector.dtime                        ? 
_diffrn_detector.pdbx_frames_total            ? 
_diffrn_detector.pdbx_collection_time_total   ? 
_diffrn_detector.pdbx_collection_date         2024-02-07 
_diffrn_detector.pdbx_frequency               ? 
_diffrn_detector.id                           ? 
_diffrn_detector.number_of_axes               ? 
# 
_diffrn_radiation.collimation                      ? 
_diffrn_radiation.diffrn_id                        1 
_diffrn_radiation.filter_edge                      ? 
_diffrn_radiation.inhomogeneity                    ? 
_diffrn_radiation.monochromator                    M 
_diffrn_radiation.polarisn_norm                    ? 
_diffrn_radiation.polarisn_ratio                   ? 
_diffrn_radiation.probe                            ? 
_diffrn_radiation.type                             ? 
_diffrn_radiation.xray_symbol                      ? 
_diffrn_radiation.wavelength_id                    1 
_diffrn_radiation.pdbx_monochromatic_or_laue_m_l   M 
_diffrn_radiation.pdbx_wavelength_list             ? 
_diffrn_radiation.pdbx_wavelength                  ? 
_diffrn_radiation.pdbx_diffrn_protocol             'SINGLE WAVELENGTH' 
_diffrn_radiation.pdbx_analyzer                    ? 
_diffrn_radiation.pdbx_scattering_type             x-ray 
# 
_diffrn_radiation_wavelength.id           1 
_diffrn_radiation_wavelength.wavelength   0.98 
_diffrn_radiation_wavelength.wt           1.0 
# 
_diffrn_source.current                     ? 
_diffrn_source.details                     ? 
_diffrn_source.diffrn_id                   1 
_diffrn_source.power                       ? 
_diffrn_source.size                        ? 
_diffrn_source.source                      SYNCHROTRON 
_diffrn_source.target                      ? 
_diffrn_source.type                        'SOLEIL BEAMLINE PROXIMA 2' 
_diffrn_source.voltage                     ? 
_diffrn_source.take-off_angle              ? 
_diffrn_source.pdbx_wavelength_list        0.98 
_diffrn_source.pdbx_wavelength             ? 
_diffrn_source.pdbx_synchrotron_beamline   'PROXIMA 2' 
_diffrn_source.pdbx_synchrotron_site       SOLEIL 
# 
_reflns.B_iso_Wilson_estimate                          ? 
_reflns.entry_id                                       9HC2 
_reflns.data_reduction_details                         ? 
_reflns.data_reduction_method                          ? 
_reflns.d_resolution_high                              1.27 
_reflns.d_resolution_low                               55.14 
_reflns.details                                        ? 
_reflns.limit_h_max                                    ? 
_reflns.limit_h_min                                    ? 
_reflns.limit_k_max                                    ? 
_reflns.limit_k_min                                    ? 
_reflns.limit_l_max                                    ? 
_reflns.limit_l_min                                    ? 
_reflns.number_all                                     ? 
_reflns.number_obs                                     30172 
_reflns.observed_criterion                             ? 
_reflns.observed_criterion_F_max                       ? 
_reflns.observed_criterion_F_min                       ? 
_reflns.observed_criterion_I_max                       ? 
_reflns.observed_criterion_I_min                       ? 
_reflns.observed_criterion_sigma_F                     ? 
_reflns.observed_criterion_sigma_I                     ? 
_reflns.percent_possible_obs                           98.1 
_reflns.R_free_details                                 ? 
_reflns.Rmerge_F_all                                   ? 
_reflns.Rmerge_F_obs                                   ? 
_reflns.Friedel_coverage                               ? 
_reflns.number_gt                                      ? 
_reflns.threshold_expression                           ? 
_reflns.pdbx_redundancy                                21.8 
_reflns.pdbx_netI_over_av_sigmaI                       ? 
_reflns.pdbx_netI_over_sigmaI                          15.6 
_reflns.pdbx_res_netI_over_av_sigmaI_2                 ? 
_reflns.pdbx_res_netI_over_sigmaI_2                    ? 
_reflns.pdbx_chi_squared                               ? 
_reflns.pdbx_scaling_rejects                           ? 
_reflns.pdbx_d_res_high_opt                            ? 
_reflns.pdbx_d_res_low_opt                             ? 
_reflns.pdbx_d_res_opt_method                          ? 
_reflns.phase_calculation_details                      ? 
_reflns.pdbx_Rrim_I_all                                0.091 
_reflns.pdbx_Rpim_I_all                                0.019 
_reflns.pdbx_d_opt                                     ? 
_reflns.pdbx_number_measured_all                       ? 
_reflns.pdbx_diffrn_id                                 1 
_reflns.pdbx_ordinal                                   1 
_reflns.pdbx_CC_half                                   1.000 
_reflns.pdbx_CC_star                                   ? 
_reflns.pdbx_R_split                                   ? 
_reflns.pdbx_Rmerge_I_obs                              0.089 
_reflns.pdbx_Rmerge_I_all                              ? 
_reflns.pdbx_Rsym_value                                ? 
_reflns.pdbx_CC_split_method                           ? 
_reflns.pdbx_aniso_diffraction_limit_axis_1_ortho[1]   ? 
_reflns.pdbx_aniso_diffraction_limit_axis_1_ortho[2]   ? 
_reflns.pdbx_aniso_diffraction_limit_axis_1_ortho[3]   ? 
_reflns.pdbx_aniso_diffraction_limit_axis_2_ortho[1]   ? 
_reflns.pdbx_aniso_diffraction_limit_axis_2_ortho[2]   ? 
_reflns.pdbx_aniso_diffraction_limit_axis_2_ortho[3]   ? 
_reflns.pdbx_aniso_diffraction_limit_axis_3_ortho[1]   ? 
_reflns.pdbx_aniso_diffraction_limit_axis_3_ortho[2]   ? 
_reflns.pdbx_aniso_diffraction_limit_axis_3_ortho[3]   ? 
_reflns.pdbx_aniso_diffraction_limit_1                 ? 
_reflns.pdbx_aniso_diffraction_limit_2                 ? 
_reflns.pdbx_aniso_diffraction_limit_3                 ? 
_reflns.pdbx_aniso_B_tensor_eigenvector_1_ortho[1]     ? 
_reflns.pdbx_aniso_B_tensor_eigenvector_1_ortho[2]     ? 
_reflns.pdbx_aniso_B_tensor_eigenvector_1_ortho[3]     ? 
_reflns.pdbx_aniso_B_tensor_eigenvector_2_ortho[1]     ? 
_reflns.pdbx_aniso_B_tensor_eigenvector_2_ortho[2]     ? 
_reflns.pdbx_aniso_B_tensor_eigenvector_2_ortho[3]     ? 
_reflns.pdbx_aniso_B_tensor_eigenvector_3_ortho[1]     ? 
_reflns.pdbx_aniso_B_tensor_eigenvector_3_ortho[2]     ? 
_reflns.pdbx_aniso_B_tensor_eigenvector_3_ortho[3]     ? 
_reflns.pdbx_aniso_B_tensor_eigenvalue_1               ? 
_reflns.pdbx_aniso_B_tensor_eigenvalue_2               ? 
_reflns.pdbx_aniso_B_tensor_eigenvalue_3               ? 
_reflns.pdbx_orthogonalization_convention              ? 
_reflns.pdbx_percent_possible_ellipsoidal              ? 
_reflns.pdbx_percent_possible_spherical                ? 
_reflns.pdbx_percent_possible_ellipsoidal_anomalous    ? 
_reflns.pdbx_percent_possible_spherical_anomalous      ? 
_reflns.pdbx_redundancy_anomalous                      ? 
_reflns.pdbx_CC_half_anomalous                         ? 
_reflns.pdbx_absDiff_over_sigma_anomalous              ? 
_reflns.pdbx_percent_possible_anomalous                ? 
_reflns.pdbx_observed_signal_threshold                 ? 
_reflns.pdbx_signal_type                               ? 
_reflns.pdbx_signal_details                            ? 
_reflns.pdbx_signal_software_id                        ? 
# 
_reflns_shell.d_res_high                                    1.27 
_reflns_shell.d_res_low                                     1.29 
_reflns_shell.meanI_over_sigI_all                           ? 
_reflns_shell.meanI_over_sigI_obs                           0.5 
_reflns_shell.number_measured_all                           ? 
_reflns_shell.number_measured_obs                           ? 
_reflns_shell.number_possible                               ? 
_reflns_shell.number_unique_all                             ? 
_reflns_shell.number_unique_obs                             1266 
_reflns_shell.percent_possible_obs                          ? 
_reflns_shell.Rmerge_F_all                                  ? 
_reflns_shell.Rmerge_F_obs                                  ? 
_reflns_shell.meanI_over_sigI_gt                            ? 
_reflns_shell.meanI_over_uI_all                             ? 
_reflns_shell.meanI_over_uI_gt                              ? 
_reflns_shell.number_measured_gt                            ? 
_reflns_shell.number_unique_gt                              ? 
_reflns_shell.percent_possible_gt                           ? 
_reflns_shell.Rmerge_F_gt                                   ? 
_reflns_shell.Rmerge_I_gt                                   ? 
_reflns_shell.pdbx_redundancy                               7.3 
_reflns_shell.pdbx_chi_squared                              ? 
_reflns_shell.pdbx_netI_over_sigmaI_all                     ? 
_reflns_shell.pdbx_netI_over_sigmaI_obs                     ? 
_reflns_shell.pdbx_Rrim_I_all                               3.348 
_reflns_shell.pdbx_Rpim_I_all                               1.193 
_reflns_shell.pdbx_rejects                                  ? 
_reflns_shell.pdbx_ordinal                                  1 
_reflns_shell.pdbx_diffrn_id                                1 
_reflns_shell.pdbx_CC_half                                  0.325 
_reflns_shell.pdbx_CC_star                                  ? 
_reflns_shell.pdbx_R_split                                  ? 
_reflns_shell.percent_possible_all                          84.3 
_reflns_shell.Rmerge_I_all                                  ? 
_reflns_shell.Rmerge_I_obs                                  3.111 
_reflns_shell.pdbx_Rsym_value                               ? 
_reflns_shell.pdbx_percent_possible_ellipsoidal             ? 
_reflns_shell.pdbx_percent_possible_spherical               ? 
_reflns_shell.pdbx_percent_possible_ellipsoidal_anomalous   ? 
_reflns_shell.pdbx_percent_possible_spherical_anomalous     ? 
_reflns_shell.pdbx_redundancy_anomalous                     ? 
_reflns_shell.pdbx_CC_half_anomalous                        ? 
_reflns_shell.pdbx_absDiff_over_sigma_anomalous             ? 
_reflns_shell.pdbx_percent_possible_anomalous               ? 
# 
_refine.aniso_B[1][1]                            ? 
_refine.aniso_B[1][2]                            ? 
_refine.aniso_B[1][3]                            ? 
_refine.aniso_B[2][2]                            ? 
_refine.aniso_B[2][3]                            ? 
_refine.aniso_B[3][3]                            ? 
_refine.B_iso_max                                ? 
_refine.B_iso_mean                               20.32 
_refine.B_iso_min                                ? 
_refine.correlation_coeff_Fo_to_Fc               ? 
_refine.correlation_coeff_Fo_to_Fc_free          ? 
_refine.details                                  ? 
_refine.diff_density_max                         ? 
_refine.diff_density_max_esd                     ? 
_refine.diff_density_min                         ? 
_refine.diff_density_min_esd                     ? 
_refine.diff_density_rms                         ? 
_refine.diff_density_rms_esd                     ? 
_refine.entry_id                                 9HC2 
_refine.pdbx_refine_id                           'X-RAY DIFFRACTION' 
_refine.ls_abs_structure_details                 ? 
_refine.ls_abs_structure_Flack                   ? 
_refine.ls_abs_structure_Flack_esd               ? 
_refine.ls_abs_structure_Rogers                  ? 
_refine.ls_abs_structure_Rogers_esd              ? 
_refine.ls_d_res_high                            1.27 
_refine.ls_d_res_low                             55.14 
_refine.ls_extinction_coef                       ? 
_refine.ls_extinction_coef_esd                   ? 
_refine.ls_extinction_expression                 ? 
_refine.ls_extinction_method                     ? 
_refine.ls_goodness_of_fit_all                   ? 
_refine.ls_goodness_of_fit_all_esd               ? 
_refine.ls_goodness_of_fit_obs                   ? 
_refine.ls_goodness_of_fit_obs_esd               ? 
_refine.ls_hydrogen_treatment                    ? 
_refine.ls_matrix_type                           ? 
_refine.ls_number_constraints                    ? 
_refine.ls_number_parameters                     ? 
_refine.ls_number_reflns_all                     ? 
_refine.ls_number_reflns_obs                     29230 
_refine.ls_number_reflns_R_free                  1535 
_refine.ls_number_reflns_R_work                  27695 
_refine.ls_number_restraints                     ? 
_refine.ls_percent_reflns_obs                    95.03 
_refine.ls_percent_reflns_R_free                 5.25 
_refine.ls_R_factor_all                          ? 
_refine.ls_R_factor_obs                          0.1929 
_refine.ls_R_factor_R_free                       0.2090 
_refine.ls_R_factor_R_free_error                 ? 
_refine.ls_R_factor_R_free_error_details         ? 
_refine.ls_R_factor_R_work                       0.1920 
_refine.ls_R_Fsqd_factor_obs                     ? 
_refine.ls_R_I_factor_obs                        ? 
_refine.ls_redundancy_reflns_all                 ? 
_refine.ls_redundancy_reflns_obs                 ? 
_refine.ls_restrained_S_all                      ? 
_refine.ls_restrained_S_obs                      ? 
_refine.ls_shift_over_esd_max                    ? 
_refine.ls_shift_over_esd_mean                   ? 
_refine.ls_structure_factor_coef                 ? 
_refine.ls_weighting_details                     ? 
_refine.ls_weighting_scheme                      ? 
_refine.ls_wR_factor_all                         ? 
_refine.ls_wR_factor_obs                         ? 
_refine.ls_wR_factor_R_free                      ? 
_refine.ls_wR_factor_R_work                      ? 
_refine.occupancy_max                            ? 
_refine.occupancy_min                            ? 
_refine.solvent_model_details                    'FLAT BULK SOLVENT MODEL' 
_refine.solvent_model_param_bsol                 ? 
_refine.solvent_model_param_ksol                 ? 
_refine.pdbx_R_complete                          ? 
_refine.ls_R_factor_gt                           ? 
_refine.ls_goodness_of_fit_gt                    ? 
_refine.ls_goodness_of_fit_ref                   ? 
_refine.ls_shift_over_su_max                     ? 
_refine.ls_shift_over_su_max_lt                  ? 
_refine.ls_shift_over_su_mean                    ? 
_refine.ls_shift_over_su_mean_lt                 ? 
_refine.pdbx_ls_sigma_I                          ? 
_refine.pdbx_ls_sigma_F                          1.34 
_refine.pdbx_ls_sigma_Fsqd                       ? 
_refine.pdbx_data_cutoff_high_absF               ? 
_refine.pdbx_data_cutoff_high_rms_absF           ? 
_refine.pdbx_data_cutoff_low_absF                ? 
_refine.pdbx_isotropic_thermal_model             ? 
_refine.pdbx_ls_cross_valid_method               'FREE R-VALUE' 
_refine.pdbx_method_to_determine_struct          'MOLECULAR REPLACEMENT' 
_refine.pdbx_starting_model                      ? 
_refine.pdbx_stereochemistry_target_values       'GeoStd + Monomer Library + CDL v1.2' 
_refine.pdbx_R_Free_selection_details            ? 
_refine.pdbx_stereochem_target_val_spec_case     ? 
_refine.pdbx_overall_ESU_R                       ? 
_refine.pdbx_overall_ESU_R_Free                  ? 
_refine.pdbx_solvent_vdw_probe_radii             1.1000 
_refine.pdbx_solvent_ion_probe_radii             ? 
_refine.pdbx_solvent_shrinkage_radii             0.9000 
_refine.pdbx_real_space_R                        ? 
_refine.pdbx_density_correlation                 ? 
_refine.pdbx_pd_number_of_powder_patterns        ? 
_refine.pdbx_pd_number_of_points                 ? 
_refine.pdbx_pd_meas_number_of_points            ? 
_refine.pdbx_pd_proc_ls_prof_R_factor            ? 
_refine.pdbx_pd_proc_ls_prof_wR_factor           ? 
_refine.pdbx_pd_Marquardt_correlation_coeff      ? 
_refine.pdbx_pd_Fsqrd_R_factor                   ? 
_refine.pdbx_pd_ls_matrix_band_width             ? 
_refine.pdbx_overall_phase_error                 22.2263 
_refine.pdbx_overall_SU_R_free_Cruickshank_DPI   ? 
_refine.pdbx_overall_SU_R_free_Blow_DPI          ? 
_refine.pdbx_overall_SU_R_Blow_DPI               ? 
_refine.pdbx_TLS_residual_ADP_flag               ? 
_refine.pdbx_diffrn_id                           1 
_refine.overall_SU_B                             ? 
_refine.overall_SU_ML                            0.1584 
_refine.overall_SU_R_Cruickshank_DPI             ? 
_refine.overall_SU_R_free                        ? 
_refine.overall_FOM_free_R_set                   ? 
_refine.overall_FOM_work_R_set                   ? 
_refine.pdbx_average_fsc_overall                 ? 
_refine.pdbx_average_fsc_work                    ? 
_refine.pdbx_average_fsc_free                    ? 
# 
_refine_hist.pdbx_refine_id                   'X-RAY DIFFRACTION' 
_refine_hist.cycle_id                         LAST 
_refine_hist.details                          ? 
_refine_hist.d_res_high                       1.27 
_refine_hist.d_res_low                        55.14 
_refine_hist.number_atoms_solvent             80 
_refine_hist.number_atoms_total               1123 
_refine_hist.number_reflns_all                ? 
_refine_hist.number_reflns_obs                ? 
_refine_hist.number_reflns_R_free             ? 
_refine_hist.number_reflns_R_work             ? 
_refine_hist.R_factor_all                     ? 
_refine_hist.R_factor_obs                     ? 
_refine_hist.R_factor_R_free                  ? 
_refine_hist.R_factor_R_work                  ? 
_refine_hist.pdbx_number_residues_total       ? 
_refine_hist.pdbx_B_iso_mean_ligand           ? 
_refine_hist.pdbx_B_iso_mean_solvent          ? 
_refine_hist.pdbx_number_atoms_protein        1001 
_refine_hist.pdbx_number_atoms_nucleic_acid   0 
_refine_hist.pdbx_number_atoms_ligand         42 
_refine_hist.pdbx_number_atoms_lipid          ? 
_refine_hist.pdbx_number_atoms_carb           ? 
_refine_hist.pdbx_pseudo_atom_details         ? 
# 
loop_
_refine_ls_restr.pdbx_refine_id 
_refine_ls_restr.criterion 
_refine_ls_restr.dev_ideal 
_refine_ls_restr.dev_ideal_target 
_refine_ls_restr.number 
_refine_ls_restr.rejects 
_refine_ls_restr.type 
_refine_ls_restr.weight 
_refine_ls_restr.pdbx_restraint_function 
'X-RAY DIFFRACTION' ? 0.0081  ? 1058 ? f_bond_d           ? ? 
'X-RAY DIFFRACTION' ? 0.9840  ? 1421 ? f_angle_d          ? ? 
'X-RAY DIFFRACTION' ? 0.0972  ? 144  ? f_chiral_restr     ? ? 
'X-RAY DIFFRACTION' ? 0.0095  ? 185  ? f_plane_restr      ? ? 
'X-RAY DIFFRACTION' ? 12.7847 ? 372  ? f_dihedral_angle_d ? ? 
# 
loop_
_refine_ls_shell.pdbx_refine_id 
_refine_ls_shell.d_res_high 
_refine_ls_shell.d_res_low 
_refine_ls_shell.number_reflns_all 
_refine_ls_shell.number_reflns_obs 
_refine_ls_shell.number_reflns_R_free 
_refine_ls_shell.number_reflns_R_work 
_refine_ls_shell.percent_reflns_obs 
_refine_ls_shell.percent_reflns_R_free 
_refine_ls_shell.R_factor_all 
_refine_ls_shell.R_factor_obs 
_refine_ls_shell.R_factor_R_free_error 
_refine_ls_shell.R_factor_R_work 
_refine_ls_shell.redundancy_reflns_all 
_refine_ls_shell.redundancy_reflns_obs 
_refine_ls_shell.wR_factor_all 
_refine_ls_shell.wR_factor_obs 
_refine_ls_shell.wR_factor_R_free 
_refine_ls_shell.wR_factor_R_work 
_refine_ls_shell.pdbx_R_complete 
_refine_ls_shell.pdbx_total_number_of_bins_used 
_refine_ls_shell.pdbx_phase_error 
_refine_ls_shell.pdbx_fsc_work 
_refine_ls_shell.pdbx_fsc_free 
_refine_ls_shell.R_factor_R_free 
'X-RAY DIFFRACTION' 1.27 1.31  . . 68  1435 55.14  . . . . 0.3491 . . . . . . . . . . . 0.3290 
'X-RAY DIFFRACTION' 1.31 1.36  . . 150 2323 89.93  . . . . 0.3042 . . . . . . . . . . . 0.3254 
'X-RAY DIFFRACTION' 1.36 1.41  . . 125 2608 99.17  . . . . 0.2633 . . . . . . . . . . . 0.2798 
'X-RAY DIFFRACTION' 1.41 1.48  . . 172 2587 100.00 . . . . 0.2226 . . . . . . . . . . . 0.2549 
'X-RAY DIFFRACTION' 1.48 1.55  . . 129 2630 100.00 . . . . 0.2014 . . . . . . . . . . . 0.2480 
'X-RAY DIFFRACTION' 1.55 1.65  . . 150 2607 100.00 . . . . 0.1883 . . . . . . . . . . . 0.2072 
'X-RAY DIFFRACTION' 1.65 1.78  . . 137 2650 100.00 . . . . 0.1939 . . . . . . . . . . . 0.2295 
'X-RAY DIFFRACTION' 1.78 1.96  . . 133 2674 100.00 . . . . 0.1917 . . . . . . . . . . . 0.1947 
'X-RAY DIFFRACTION' 1.96 2.24  . . 144 2649 99.93  . . . . 0.1832 . . . . . . . . . . . 0.2316 
'X-RAY DIFFRACTION' 2.24 2.82  . . 166 2692 100.00 . . . . 0.1882 . . . . . . . . . . . 0.2024 
'X-RAY DIFFRACTION' 2.82 55.14 . . 161 2840 99.90  . . . . 0.1770 . . . . . . . . . . . 0.1827 
# 
_struct.entry_id                     9HC2 
_struct.title                        'Crystal structure of Lysozyme in complex with Gentisic Acid' 
_struct.pdbx_model_details           ? 
_struct.pdbx_formula_weight          ? 
_struct.pdbx_formula_weight_method   ? 
_struct.pdbx_model_type_details      ? 
_struct.pdbx_CASP_flag               N 
# 
_struct_keywords.entry_id        9HC2 
_struct_keywords.text            'Globular, Enzyme, HYDROLASE' 
_struct_keywords.pdbx_keywords   HYDROLASE 
# 
loop_
_struct_asym.id 
_struct_asym.pdbx_blank_PDB_chainid_flag 
_struct_asym.pdbx_modified 
_struct_asym.entity_id 
_struct_asym.details 
A N N 1 ? 
B N N 2 ? 
C N N 2 ? 
D N N 3 ? 
E N N 3 ? 
F N N 3 ? 
G N N 3 ? 
H N N 3 ? 
I N N 4 ? 
# 
_struct_ref.id                         1 
_struct_ref.db_name                    UNP 
_struct_ref.db_code                    LYSC_CHICK 
_struct_ref.pdbx_db_accession          P00698 
_struct_ref.pdbx_db_isoform            ? 
_struct_ref.entity_id                  1 
_struct_ref.pdbx_seq_one_letter_code   
;KVFGRCELAAAMKRHGLDNYRGYSLGNWVCAAKFESNFNTQATNRNTDGSTDYGILQINSRWWCNDGRTPGSRNLCNIPC
SALLSSDITASVNCAKKIVSDGNGMNAWVAWRNRCKGTDVQAWIRGCRL
;
_struct_ref.pdbx_align_begin           19 
# 
_struct_ref_seq.align_id                      1 
_struct_ref_seq.ref_id                        1 
_struct_ref_seq.pdbx_PDB_id_code              9HC2 
_struct_ref_seq.pdbx_strand_id                A 
_struct_ref_seq.seq_align_beg                 1 
_struct_ref_seq.pdbx_seq_align_beg_ins_code   ? 
_struct_ref_seq.seq_align_end                 129 
_struct_ref_seq.pdbx_seq_align_end_ins_code   ? 
_struct_ref_seq.pdbx_db_accession             P00698 
_struct_ref_seq.db_align_beg                  19 
_struct_ref_seq.pdbx_db_align_beg_ins_code    ? 
_struct_ref_seq.db_align_end                  147 
_struct_ref_seq.pdbx_db_align_end_ins_code    ? 
_struct_ref_seq.pdbx_auth_seq_align_beg       1 
_struct_ref_seq.pdbx_auth_seq_align_end       129 
# 
_pdbx_struct_assembly.id                   1 
_pdbx_struct_assembly.details              author_defined_assembly 
_pdbx_struct_assembly.method_details       ? 
_pdbx_struct_assembly.oligomeric_details   monomeric 
_pdbx_struct_assembly.oligomeric_count     1 
# 
loop_
_pdbx_struct_assembly_prop.biol_id 
_pdbx_struct_assembly_prop.type 
_pdbx_struct_assembly_prop.value 
_pdbx_struct_assembly_prop.details 
1 'ABSA (A^2)' 740  ? 
1 MORE         8    ? 
1 'SSA (A^2)'  6650 ? 
# 
_pdbx_struct_assembly_gen.assembly_id       1 
_pdbx_struct_assembly_gen.oper_expression   1 
_pdbx_struct_assembly_gen.asym_id_list      A,B,C,D,E,F,G,H,I 
# 
_pdbx_struct_assembly_auth_evidence.id                     1 
_pdbx_struct_assembly_auth_evidence.assembly_id            1 
_pdbx_struct_assembly_auth_evidence.experimental_support   none 
_pdbx_struct_assembly_auth_evidence.details                ? 
# 
_pdbx_struct_oper_list.id                   1 
_pdbx_struct_oper_list.type                 'identity operation' 
_pdbx_struct_oper_list.name                 1_555 
_pdbx_struct_oper_list.symmetry_operation   x,y,z 
_pdbx_struct_oper_list.matrix[1][1]         1.0000000000 
_pdbx_struct_oper_list.matrix[1][2]         0.0000000000 
_pdbx_struct_oper_list.matrix[1][3]         0.0000000000 
_pdbx_struct_oper_list.vector[1]            0.0000000000 
_pdbx_struct_oper_list.matrix[2][1]         0.0000000000 
_pdbx_struct_oper_list.matrix[2][2]         1.0000000000 
_pdbx_struct_oper_list.matrix[2][3]         0.0000000000 
_pdbx_struct_oper_list.vector[2]            0.0000000000 
_pdbx_struct_oper_list.matrix[3][1]         0.0000000000 
_pdbx_struct_oper_list.matrix[3][2]         0.0000000000 
_pdbx_struct_oper_list.matrix[3][3]         1.0000000000 
_pdbx_struct_oper_list.vector[3]            0.0000000000 
# 
loop_
_struct_conf.conf_type_id 
_struct_conf.id 
_struct_conf.pdbx_PDB_helix_id 
_struct_conf.beg_label_comp_id 
_struct_conf.beg_label_asym_id 
_struct_conf.beg_label_seq_id 
_struct_conf.pdbx_beg_PDB_ins_code 
_struct_conf.end_label_comp_id 
_struct_conf.end_label_asym_id 
_struct_conf.end_label_seq_id 
_struct_conf.pdbx_end_PDB_ins_code 
_struct_conf.beg_auth_comp_id 
_struct_conf.beg_auth_asym_id 
_struct_conf.beg_auth_seq_id 
_struct_conf.end_auth_comp_id 
_struct_conf.end_auth_asym_id 
_struct_conf.end_auth_seq_id 
_struct_conf.pdbx_PDB_helix_class 
_struct_conf.details 
_struct_conf.pdbx_PDB_helix_length 
HELX_P HELX_P1 AA1 GLY A 4   ? HIS A 15  ? GLY A 4   HIS A 15  1 ? 12 
HELX_P HELX_P2 AA2 ASN A 19  ? TYR A 23  ? ASN A 19  TYR A 23  5 ? 5  
HELX_P HELX_P3 AA3 SER A 24  ? ASN A 37  ? SER A 24  ASN A 37  1 ? 14 
HELX_P HELX_P4 AA4 PRO A 79  ? SER A 85  ? PRO A 79  SER A 85  5 ? 7  
HELX_P HELX_P5 AA5 ILE A 88  ? SER A 100 ? ILE A 88  SER A 100 1 ? 13 
HELX_P HELX_P6 AA6 ASN A 103 ? ALA A 107 ? ASN A 103 ALA A 107 5 ? 5  
HELX_P HELX_P7 AA7 TRP A 108 ? CYS A 115 ? TRP A 108 CYS A 115 1 ? 8  
HELX_P HELX_P8 AA8 ASP A 119 ? ARG A 125 ? ASP A 119 ARG A 125 5 ? 7  
# 
_struct_conf_type.id          HELX_P 
_struct_conf_type.criteria    ? 
_struct_conf_type.reference   ? 
# 
loop_
_struct_conn.id 
_struct_conn.conn_type_id 
_struct_conn.pdbx_leaving_atom_flag 
_struct_conn.pdbx_PDB_id 
_struct_conn.ptnr1_label_asym_id 
_struct_conn.ptnr1_label_comp_id 
_struct_conn.ptnr1_label_seq_id 
_struct_conn.ptnr1_label_atom_id 
_struct_conn.pdbx_ptnr1_label_alt_id 
_struct_conn.pdbx_ptnr1_PDB_ins_code 
_struct_conn.pdbx_ptnr1_standard_comp_id 
_struct_conn.ptnr1_symmetry 
_struct_conn.ptnr2_label_asym_id 
_struct_conn.ptnr2_label_comp_id 
_struct_conn.ptnr2_label_seq_id 
_struct_conn.ptnr2_label_atom_id 
_struct_conn.pdbx_ptnr2_label_alt_id 
_struct_conn.pdbx_ptnr2_PDB_ins_code 
_struct_conn.ptnr1_auth_asym_id 
_struct_conn.ptnr1_auth_comp_id 
_struct_conn.ptnr1_auth_seq_id 
_struct_conn.ptnr2_auth_asym_id 
_struct_conn.ptnr2_auth_comp_id 
_struct_conn.ptnr2_auth_seq_id 
_struct_conn.ptnr2_symmetry 
_struct_conn.pdbx_ptnr3_label_atom_id 
_struct_conn.pdbx_ptnr3_label_seq_id 
_struct_conn.pdbx_ptnr3_label_comp_id 
_struct_conn.pdbx_ptnr3_label_asym_id 
_struct_conn.pdbx_ptnr3_label_alt_id 
_struct_conn.pdbx_ptnr3_PDB_ins_code 
_struct_conn.details 
_struct_conn.pdbx_dist_value 
_struct_conn.pdbx_value_order 
_struct_conn.pdbx_role 
disulf1 disulf ? ? A CYS 6  SG ? ? ? 1_555 A CYS 127 SG ? ? A CYS 6  A CYS 127 1_555 ? ? ? ? ? ? ? 2.021 ? ? 
disulf2 disulf ? ? A CYS 30 SG ? ? ? 1_555 A CYS 115 SG ? ? A CYS 30 A CYS 115 1_555 ? ? ? ? ? ? ? 2.022 ? ? 
disulf3 disulf ? ? A CYS 64 SG ? ? ? 1_555 A CYS 80  SG ? ? A CYS 64 A CYS 80  1_555 ? ? ? ? ? ? ? 2.038 ? ? 
disulf4 disulf ? ? A CYS 76 SG ? ? ? 1_555 A CYS 94  SG ? ? A CYS 76 A CYS 94  1_555 ? ? ? ? ? ? ? 2.026 ? ? 
# 
_struct_conn_type.id          disulf 
_struct_conn_type.criteria    ? 
_struct_conn_type.reference   ? 
# 
loop_
_pdbx_modification_feature.ordinal 
_pdbx_modification_feature.label_comp_id 
_pdbx_modification_feature.label_asym_id 
_pdbx_modification_feature.label_seq_id 
_pdbx_modification_feature.label_alt_id 
_pdbx_modification_feature.modified_residue_label_comp_id 
_pdbx_modification_feature.modified_residue_label_asym_id 
_pdbx_modification_feature.modified_residue_label_seq_id 
_pdbx_modification_feature.modified_residue_label_alt_id 
_pdbx_modification_feature.auth_comp_id 
_pdbx_modification_feature.auth_asym_id 
_pdbx_modification_feature.auth_seq_id 
_pdbx_modification_feature.PDB_ins_code 
_pdbx_modification_feature.symmetry 
_pdbx_modification_feature.modified_residue_auth_comp_id 
_pdbx_modification_feature.modified_residue_auth_asym_id 
_pdbx_modification_feature.modified_residue_auth_seq_id 
_pdbx_modification_feature.modified_residue_PDB_ins_code 
_pdbx_modification_feature.modified_residue_symmetry 
_pdbx_modification_feature.comp_id_linking_atom 
_pdbx_modification_feature.modified_residue_id_linking_atom 
_pdbx_modification_feature.modified_residue_id 
_pdbx_modification_feature.ref_pcm_id 
_pdbx_modification_feature.ref_comp_id 
_pdbx_modification_feature.type 
_pdbx_modification_feature.category 
1 CYS A 6  ? CYS A 127 ? CYS A 6  ? 1_555 CYS A 127 ? 1_555 SG SG . . . None 'Disulfide bridge' 
2 CYS A 30 ? CYS A 115 ? CYS A 30 ? 1_555 CYS A 115 ? 1_555 SG SG . . . None 'Disulfide bridge' 
3 CYS A 64 ? CYS A 80  ? CYS A 64 ? 1_555 CYS A 80  ? 1_555 SG SG . . . None 'Disulfide bridge' 
4 CYS A 76 ? CYS A 94  ? CYS A 76 ? 1_555 CYS A 94  ? 1_555 SG SG . . . None 'Disulfide bridge' 
# 
_struct_sheet.id               AA1 
_struct_sheet.type             ? 
_struct_sheet.number_strands   3 
_struct_sheet.details          ? 
# 
loop_
_struct_sheet_order.sheet_id 
_struct_sheet_order.range_id_1 
_struct_sheet_order.range_id_2 
_struct_sheet_order.offset 
_struct_sheet_order.sense 
AA1 1 2 ? anti-parallel 
AA1 2 3 ? anti-parallel 
# 
loop_
_struct_sheet_range.sheet_id 
_struct_sheet_range.id 
_struct_sheet_range.beg_label_comp_id 
_struct_sheet_range.beg_label_asym_id 
_struct_sheet_range.beg_label_seq_id 
_struct_sheet_range.pdbx_beg_PDB_ins_code 
_struct_sheet_range.end_label_comp_id 
_struct_sheet_range.end_label_asym_id 
_struct_sheet_range.end_label_seq_id 
_struct_sheet_range.pdbx_end_PDB_ins_code 
_struct_sheet_range.beg_auth_comp_id 
_struct_sheet_range.beg_auth_asym_id 
_struct_sheet_range.beg_auth_seq_id 
_struct_sheet_range.end_auth_comp_id 
_struct_sheet_range.end_auth_asym_id 
_struct_sheet_range.end_auth_seq_id 
AA1 1 THR A 43 ? ARG A 45 ? THR A 43 ARG A 45 
AA1 2 THR A 51 ? TYR A 53 ? THR A 51 TYR A 53 
AA1 3 ILE A 58 ? ASN A 59 ? ILE A 58 ASN A 59 
# 
loop_
_pdbx_struct_sheet_hbond.sheet_id 
_pdbx_struct_sheet_hbond.range_id_1 
_pdbx_struct_sheet_hbond.range_id_2 
_pdbx_struct_sheet_hbond.range_1_label_atom_id 
_pdbx_struct_sheet_hbond.range_1_label_comp_id 
_pdbx_struct_sheet_hbond.range_1_label_asym_id 
_pdbx_struct_sheet_hbond.range_1_label_seq_id 
_pdbx_struct_sheet_hbond.range_1_PDB_ins_code 
_pdbx_struct_sheet_hbond.range_1_auth_atom_id 
_pdbx_struct_sheet_hbond.range_1_auth_comp_id 
_pdbx_struct_sheet_hbond.range_1_auth_asym_id 
_pdbx_struct_sheet_hbond.range_1_auth_seq_id 
_pdbx_struct_sheet_hbond.range_2_label_atom_id 
_pdbx_struct_sheet_hbond.range_2_label_comp_id 
_pdbx_struct_sheet_hbond.range_2_label_asym_id 
_pdbx_struct_sheet_hbond.range_2_label_seq_id 
_pdbx_struct_sheet_hbond.range_2_PDB_ins_code 
_pdbx_struct_sheet_hbond.range_2_auth_atom_id 
_pdbx_struct_sheet_hbond.range_2_auth_comp_id 
_pdbx_struct_sheet_hbond.range_2_auth_asym_id 
_pdbx_struct_sheet_hbond.range_2_auth_seq_id 
AA1 1 2 N ASN A 44 ? N ASN A 44 O ASP A 52 ? O ASP A 52 
AA1 2 3 N TYR A 53 ? N TYR A 53 O ILE A 58 ? O ILE A 58 
# 
_pdbx_entry_details.entry_id                   9HC2 
_pdbx_entry_details.nonpolymer_details         ? 
_pdbx_entry_details.sequence_details           ? 
_pdbx_entry_details.compound_details           ? 
_pdbx_entry_details.source_details             ? 
_pdbx_entry_details.has_ligand_of_interest     Y 
_pdbx_entry_details.has_protein_modification   Y 
# 
_pdbx_validate_torsion.id              1 
_pdbx_validate_torsion.PDB_model_num   1 
_pdbx_validate_torsion.auth_comp_id    ARG 
_pdbx_validate_torsion.auth_asym_id    A 
_pdbx_validate_torsion.auth_seq_id     21 
_pdbx_validate_torsion.PDB_ins_code    ? 
_pdbx_validate_torsion.label_alt_id    ? 
_pdbx_validate_torsion.phi             49.70 
_pdbx_validate_torsion.psi             29.71 
# 
loop_
_pdbx_struct_special_symmetry.id 
_pdbx_struct_special_symmetry.PDB_model_num 
_pdbx_struct_special_symmetry.auth_asym_id 
_pdbx_struct_special_symmetry.auth_comp_id 
_pdbx_struct_special_symmetry.auth_seq_id 
_pdbx_struct_special_symmetry.PDB_ins_code 
_pdbx_struct_special_symmetry.label_asym_id 
_pdbx_struct_special_symmetry.label_comp_id 
_pdbx_struct_special_symmetry.label_seq_id 
1 1 A HOH 324 ? I HOH . 
2 1 A HOH 360 ? I HOH . 
3 1 A HOH 379 ? I HOH . 
# 
loop_
_space_group_symop.id 
_space_group_symop.operation_xyz 
1 x,y,z               
2 -y+1/2,x+1/2,z+3/4  
3 y+1/2,-x+1/2,z+1/4  
4 x+1/2,-y+1/2,-z+1/4 
5 -x+1/2,y+1/2,-z+3/4 
6 -x,-y,z+1/2         
7 y,x,-z              
8 -y,-x,-z+1/2        
# 
loop_
_chem_comp_atom.comp_id 
_chem_comp_atom.atom_id 
_chem_comp_atom.type_symbol 
_chem_comp_atom.pdbx_aromatic_flag 
_chem_comp_atom.pdbx_stereo_config 
_chem_comp_atom.pdbx_ordinal 
ALA N    N N N 1   
ALA CA   C N S 2   
ALA C    C N N 3   
ALA O    O N N 4   
ALA CB   C N N 5   
ALA OXT  O N N 6   
ALA H    H N N 7   
ALA H2   H N N 8   
ALA HA   H N N 9   
ALA HB1  H N N 10  
ALA HB2  H N N 11  
ALA HB3  H N N 12  
ALA HXT  H N N 13  
ARG N    N N N 14  
ARG CA   C N S 15  
ARG C    C N N 16  
ARG O    O N N 17  
ARG CB   C N N 18  
ARG CG   C N N 19  
ARG CD   C N N 20  
ARG NE   N N N 21  
ARG CZ   C N N 22  
ARG NH1  N N N 23  
ARG NH2  N N N 24  
ARG OXT  O N N 25  
ARG H    H N N 26  
ARG H2   H N N 27  
ARG HA   H N N 28  
ARG HB2  H N N 29  
ARG HB3  H N N 30  
ARG HG2  H N N 31  
ARG HG3  H N N 32  
ARG HD2  H N N 33  
ARG HD3  H N N 34  
ARG HE   H N N 35  
ARG HH11 H N N 36  
ARG HH12 H N N 37  
ARG HH21 H N N 38  
ARG HH22 H N N 39  
ARG HXT  H N N 40  
ASN N    N N N 41  
ASN CA   C N S 42  
ASN C    C N N 43  
ASN O    O N N 44  
ASN CB   C N N 45  
ASN CG   C N N 46  
ASN OD1  O N N 47  
ASN ND2  N N N 48  
ASN OXT  O N N 49  
ASN H    H N N 50  
ASN H2   H N N 51  
ASN HA   H N N 52  
ASN HB2  H N N 53  
ASN HB3  H N N 54  
ASN HD21 H N N 55  
ASN HD22 H N N 56  
ASN HXT  H N N 57  
ASP N    N N N 58  
ASP CA   C N S 59  
ASP C    C N N 60  
ASP O    O N N 61  
ASP CB   C N N 62  
ASP CG   C N N 63  
ASP OD1  O N N 64  
ASP OD2  O N N 65  
ASP OXT  O N N 66  
ASP H    H N N 67  
ASP H2   H N N 68  
ASP HA   H N N 69  
ASP HB2  H N N 70  
ASP HB3  H N N 71  
ASP HD2  H N N 72  
ASP HXT  H N N 73  
CYS N    N N N 74  
CYS CA   C N R 75  
CYS C    C N N 76  
CYS O    O N N 77  
CYS CB   C N N 78  
CYS SG   S N N 79  
CYS OXT  O N N 80  
CYS H    H N N 81  
CYS H2   H N N 82  
CYS HA   H N N 83  
CYS HB2  H N N 84  
CYS HB3  H N N 85  
CYS HG   H N N 86  
CYS HXT  H N N 87  
EDO C1   C N N 88  
EDO O1   O N N 89  
EDO C2   C N N 90  
EDO O2   O N N 91  
EDO H11  H N N 92  
EDO H12  H N N 93  
EDO HO1  H N N 94  
EDO H21  H N N 95  
EDO H22  H N N 96  
EDO HO2  H N N 97  
GLN N    N N N 98  
GLN CA   C N S 99  
GLN C    C N N 100 
GLN O    O N N 101 
GLN CB   C N N 102 
GLN CG   C N N 103 
GLN CD   C N N 104 
GLN OE1  O N N 105 
GLN NE2  N N N 106 
GLN OXT  O N N 107 
GLN H    H N N 108 
GLN H2   H N N 109 
GLN HA   H N N 110 
GLN HB2  H N N 111 
GLN HB3  H N N 112 
GLN HG2  H N N 113 
GLN HG3  H N N 114 
GLN HE21 H N N 115 
GLN HE22 H N N 116 
GLN HXT  H N N 117 
GLU N    N N N 118 
GLU CA   C N S 119 
GLU C    C N N 120 
GLU O    O N N 121 
GLU CB   C N N 122 
GLU CG   C N N 123 
GLU CD   C N N 124 
GLU OE1  O N N 125 
GLU OE2  O N N 126 
GLU OXT  O N N 127 
GLU H    H N N 128 
GLU H2   H N N 129 
GLU HA   H N N 130 
GLU HB2  H N N 131 
GLU HB3  H N N 132 
GLU HG2  H N N 133 
GLU HG3  H N N 134 
GLU HE2  H N N 135 
GLU HXT  H N N 136 
GLY N    N N N 137 
GLY CA   C N N 138 
GLY C    C N N 139 
GLY O    O N N 140 
GLY OXT  O N N 141 
GLY H    H N N 142 
GLY H2   H N N 143 
GLY HA2  H N N 144 
GLY HA3  H N N 145 
GLY HXT  H N N 146 
GTQ OAA  O N N 147 
GTQ OAB  O N N 148 
GTQ OAC  O N N 149 
GTQ OAD  O N N 150 
GTQ CAE  C Y N 151 
GTQ CAF  C Y N 152 
GTQ CAG  C Y N 153 
GTQ CAH  C N N 154 
GTQ CAI  C Y N 155 
GTQ CAJ  C Y N 156 
GTQ CAK  C Y N 157 
GTQ HOAA H N N 158 
GTQ HOAC H N N 159 
GTQ HOAD H N N 160 
GTQ HAE  H N N 161 
GTQ HAF  H N N 162 
GTQ HAG  H N N 163 
HIS N    N N N 164 
HIS CA   C N S 165 
HIS C    C N N 166 
HIS O    O N N 167 
HIS CB   C N N 168 
HIS CG   C Y N 169 
HIS ND1  N Y N 170 
HIS CD2  C Y N 171 
HIS CE1  C Y N 172 
HIS NE2  N Y N 173 
HIS OXT  O N N 174 
HIS H    H N N 175 
HIS H2   H N N 176 
HIS HA   H N N 177 
HIS HB2  H N N 178 
HIS HB3  H N N 179 
HIS HD1  H N N 180 
HIS HD2  H N N 181 
HIS HE1  H N N 182 
HIS HE2  H N N 183 
HIS HXT  H N N 184 
HOH O    O N N 185 
HOH H1   H N N 186 
HOH H2   H N N 187 
ILE N    N N N 188 
ILE CA   C N S 189 
ILE C    C N N 190 
ILE O    O N N 191 
ILE CB   C N S 192 
ILE CG1  C N N 193 
ILE CG2  C N N 194 
ILE CD1  C N N 195 
ILE OXT  O N N 196 
ILE H    H N N 197 
ILE H2   H N N 198 
ILE HA   H N N 199 
ILE HB   H N N 200 
ILE HG12 H N N 201 
ILE HG13 H N N 202 
ILE HG21 H N N 203 
ILE HG22 H N N 204 
ILE HG23 H N N 205 
ILE HD11 H N N 206 
ILE HD12 H N N 207 
ILE HD13 H N N 208 
ILE HXT  H N N 209 
LEU N    N N N 210 
LEU CA   C N S 211 
LEU C    C N N 212 
LEU O    O N N 213 
LEU CB   C N N 214 
LEU CG   C N N 215 
LEU CD1  C N N 216 
LEU CD2  C N N 217 
LEU OXT  O N N 218 
LEU H    H N N 219 
LEU H2   H N N 220 
LEU HA   H N N 221 
LEU HB2  H N N 222 
LEU HB3  H N N 223 
LEU HG   H N N 224 
LEU HD11 H N N 225 
LEU HD12 H N N 226 
LEU HD13 H N N 227 
LEU HD21 H N N 228 
LEU HD22 H N N 229 
LEU HD23 H N N 230 
LEU HXT  H N N 231 
LYS N    N N N 232 
LYS CA   C N S 233 
LYS C    C N N 234 
LYS O    O N N 235 
LYS CB   C N N 236 
LYS CG   C N N 237 
LYS CD   C N N 238 
LYS CE   C N N 239 
LYS NZ   N N N 240 
LYS OXT  O N N 241 
LYS H    H N N 242 
LYS H2   H N N 243 
LYS HA   H N N 244 
LYS HB2  H N N 245 
LYS HB3  H N N 246 
LYS HG2  H N N 247 
LYS HG3  H N N 248 
LYS HD2  H N N 249 
LYS HD3  H N N 250 
LYS HE2  H N N 251 
LYS HE3  H N N 252 
LYS HZ1  H N N 253 
LYS HZ2  H N N 254 
LYS HZ3  H N N 255 
LYS HXT  H N N 256 
MET N    N N N 257 
MET CA   C N S 258 
MET C    C N N 259 
MET O    O N N 260 
MET CB   C N N 261 
MET CG   C N N 262 
MET SD   S N N 263 
MET CE   C N N 264 
MET OXT  O N N 265 
MET H    H N N 266 
MET H2   H N N 267 
MET HA   H N N 268 
MET HB2  H N N 269 
MET HB3  H N N 270 
MET HG2  H N N 271 
MET HG3  H N N 272 
MET HE1  H N N 273 
MET HE2  H N N 274 
MET HE3  H N N 275 
MET HXT  H N N 276 
PHE N    N N N 277 
PHE CA   C N S 278 
PHE C    C N N 279 
PHE O    O N N 280 
PHE CB   C N N 281 
PHE CG   C Y N 282 
PHE CD1  C Y N 283 
PHE CD2  C Y N 284 
PHE CE1  C Y N 285 
PHE CE2  C Y N 286 
PHE CZ   C Y N 287 
PHE OXT  O N N 288 
PHE H    H N N 289 
PHE H2   H N N 290 
PHE HA   H N N 291 
PHE HB2  H N N 292 
PHE HB3  H N N 293 
PHE HD1  H N N 294 
PHE HD2  H N N 295 
PHE HE1  H N N 296 
PHE HE2  H N N 297 
PHE HZ   H N N 298 
PHE HXT  H N N 299 
PRO N    N N N 300 
PRO CA   C N S 301 
PRO C    C N N 302 
PRO O    O N N 303 
PRO CB   C N N 304 
PRO CG   C N N 305 
PRO CD   C N N 306 
PRO OXT  O N N 307 
PRO H    H N N 308 
PRO HA   H N N 309 
PRO HB2  H N N 310 
PRO HB3  H N N 311 
PRO HG2  H N N 312 
PRO HG3  H N N 313 
PRO HD2  H N N 314 
PRO HD3  H N N 315 
PRO HXT  H N N 316 
SER N    N N N 317 
SER CA   C N S 318 
SER C    C N N 319 
SER O    O N N 320 
SER CB   C N N 321 
SER OG   O N N 322 
SER OXT  O N N 323 
SER H    H N N 324 
SER H2   H N N 325 
SER HA   H N N 326 
SER HB2  H N N 327 
SER HB3  H N N 328 
SER HG   H N N 329 
SER HXT  H N N 330 
THR N    N N N 331 
THR CA   C N S 332 
THR C    C N N 333 
THR O    O N N 334 
THR CB   C N R 335 
THR OG1  O N N 336 
THR CG2  C N N 337 
THR OXT  O N N 338 
THR H    H N N 339 
THR H2   H N N 340 
THR HA   H N N 341 
THR HB   H N N 342 
THR HG1  H N N 343 
THR HG21 H N N 344 
THR HG22 H N N 345 
THR HG23 H N N 346 
THR HXT  H N N 347 
TRP N    N N N 348 
TRP CA   C N S 349 
TRP C    C N N 350 
TRP O    O N N 351 
TRP CB   C N N 352 
TRP CG   C Y N 353 
TRP CD1  C Y N 354 
TRP CD2  C Y N 355 
TRP NE1  N Y N 356 
TRP CE2  C Y N 357 
TRP CE3  C Y N 358 
TRP CZ2  C Y N 359 
TRP CZ3  C Y N 360 
TRP CH2  C Y N 361 
TRP OXT  O N N 362 
TRP H    H N N 363 
TRP H2   H N N 364 
TRP HA   H N N 365 
TRP HB2  H N N 366 
TRP HB3  H N N 367 
TRP HD1  H N N 368 
TRP HE1  H N N 369 
TRP HE3  H N N 370 
TRP HZ2  H N N 371 
TRP HZ3  H N N 372 
TRP HH2  H N N 373 
TRP HXT  H N N 374 
TYR N    N N N 375 
TYR CA   C N S 376 
TYR C    C N N 377 
TYR O    O N N 378 
TYR CB   C N N 379 
TYR CG   C Y N 380 
TYR CD1  C Y N 381 
TYR CD2  C Y N 382 
TYR CE1  C Y N 383 
TYR CE2  C Y N 384 
TYR CZ   C Y N 385 
TYR OH   O N N 386 
TYR OXT  O N N 387 
TYR H    H N N 388 
TYR H2   H N N 389 
TYR HA   H N N 390 
TYR HB2  H N N 391 
TYR HB3  H N N 392 
TYR HD1  H N N 393 
TYR HD2  H N N 394 
TYR HE1  H N N 395 
TYR HE2  H N N 396 
TYR HH   H N N 397 
TYR HXT  H N N 398 
VAL N    N N N 399 
VAL CA   C N S 400 
VAL C    C N N 401 
VAL O    O N N 402 
VAL CB   C N N 403 
VAL CG1  C N N 404 
VAL CG2  C N N 405 
VAL OXT  O N N 406 
VAL H    H N N 407 
VAL H2   H N N 408 
VAL HA   H N N 409 
VAL HB   H N N 410 
VAL HG11 H N N 411 
VAL HG12 H N N 412 
VAL HG13 H N N 413 
VAL HG21 H N N 414 
VAL HG22 H N N 415 
VAL HG23 H N N 416 
VAL HXT  H N N 417 
# 
loop_
_chem_comp_bond.comp_id 
_chem_comp_bond.atom_id_1 
_chem_comp_bond.atom_id_2 
_chem_comp_bond.value_order 
_chem_comp_bond.pdbx_aromatic_flag 
_chem_comp_bond.pdbx_stereo_config 
_chem_comp_bond.pdbx_ordinal 
ALA N   CA   sing N N 1   
ALA N   H    sing N N 2   
ALA N   H2   sing N N 3   
ALA CA  C    sing N N 4   
ALA CA  CB   sing N N 5   
ALA CA  HA   sing N N 6   
ALA C   O    doub N N 7   
ALA C   OXT  sing N N 8   
ALA CB  HB1  sing N N 9   
ALA CB  HB2  sing N N 10  
ALA CB  HB3  sing N N 11  
ALA OXT HXT  sing N N 12  
ARG N   CA   sing N N 13  
ARG N   H    sing N N 14  
ARG N   H2   sing N N 15  
ARG CA  C    sing N N 16  
ARG CA  CB   sing N N 17  
ARG CA  HA   sing N N 18  
ARG C   O    doub N N 19  
ARG C   OXT  sing N N 20  
ARG CB  CG   sing N N 21  
ARG CB  HB2  sing N N 22  
ARG CB  HB3  sing N N 23  
ARG CG  CD   sing N N 24  
ARG CG  HG2  sing N N 25  
ARG CG  HG3  sing N N 26  
ARG CD  NE   sing N N 27  
ARG CD  HD2  sing N N 28  
ARG CD  HD3  sing N N 29  
ARG NE  CZ   sing N N 30  
ARG NE  HE   sing N N 31  
ARG CZ  NH1  sing N N 32  
ARG CZ  NH2  doub N N 33  
ARG NH1 HH11 sing N N 34  
ARG NH1 HH12 sing N N 35  
ARG NH2 HH21 sing N N 36  
ARG NH2 HH22 sing N N 37  
ARG OXT HXT  sing N N 38  
ASN N   CA   sing N N 39  
ASN N   H    sing N N 40  
ASN N   H2   sing N N 41  
ASN CA  C    sing N N 42  
ASN CA  CB   sing N N 43  
ASN CA  HA   sing N N 44  
ASN C   O    doub N N 45  
ASN C   OXT  sing N N 46  
ASN CB  CG   sing N N 47  
ASN CB  HB2  sing N N 48  
ASN CB  HB3  sing N N 49  
ASN CG  OD1  doub N N 50  
ASN CG  ND2  sing N N 51  
ASN ND2 HD21 sing N N 52  
ASN ND2 HD22 sing N N 53  
ASN OXT HXT  sing N N 54  
ASP N   CA   sing N N 55  
ASP N   H    sing N N 56  
ASP N   H2   sing N N 57  
ASP CA  C    sing N N 58  
ASP CA  CB   sing N N 59  
ASP CA  HA   sing N N 60  
ASP C   O    doub N N 61  
ASP C   OXT  sing N N 62  
ASP CB  CG   sing N N 63  
ASP CB  HB2  sing N N 64  
ASP CB  HB3  sing N N 65  
ASP CG  OD1  doub N N 66  
ASP CG  OD2  sing N N 67  
ASP OD2 HD2  sing N N 68  
ASP OXT HXT  sing N N 69  
CYS N   CA   sing N N 70  
CYS N   H    sing N N 71  
CYS N   H2   sing N N 72  
CYS CA  C    sing N N 73  
CYS CA  CB   sing N N 74  
CYS CA  HA   sing N N 75  
CYS C   O    doub N N 76  
CYS C   OXT  sing N N 77  
CYS CB  SG   sing N N 78  
CYS CB  HB2  sing N N 79  
CYS CB  HB3  sing N N 80  
CYS SG  HG   sing N N 81  
CYS OXT HXT  sing N N 82  
EDO C1  O1   sing N N 83  
EDO C1  C2   sing N N 84  
EDO C1  H11  sing N N 85  
EDO C1  H12  sing N N 86  
EDO O1  HO1  sing N N 87  
EDO C2  O2   sing N N 88  
EDO C2  H21  sing N N 89  
EDO C2  H22  sing N N 90  
EDO O2  HO2  sing N N 91  
GLN N   CA   sing N N 92  
GLN N   H    sing N N 93  
GLN N   H2   sing N N 94  
GLN CA  C    sing N N 95  
GLN CA  CB   sing N N 96  
GLN CA  HA   sing N N 97  
GLN C   O    doub N N 98  
GLN C   OXT  sing N N 99  
GLN CB  CG   sing N N 100 
GLN CB  HB2  sing N N 101 
GLN CB  HB3  sing N N 102 
GLN CG  CD   sing N N 103 
GLN CG  HG2  sing N N 104 
GLN CG  HG3  sing N N 105 
GLN CD  OE1  doub N N 106 
GLN CD  NE2  sing N N 107 
GLN NE2 HE21 sing N N 108 
GLN NE2 HE22 sing N N 109 
GLN OXT HXT  sing N N 110 
GLU N   CA   sing N N 111 
GLU N   H    sing N N 112 
GLU N   H2   sing N N 113 
GLU CA  C    sing N N 114 
GLU CA  CB   sing N N 115 
GLU CA  HA   sing N N 116 
GLU C   O    doub N N 117 
GLU C   OXT  sing N N 118 
GLU CB  CG   sing N N 119 
GLU CB  HB2  sing N N 120 
GLU CB  HB3  sing N N 121 
GLU CG  CD   sing N N 122 
GLU CG  HG2  sing N N 123 
GLU CG  HG3  sing N N 124 
GLU CD  OE1  doub N N 125 
GLU CD  OE2  sing N N 126 
GLU OE2 HE2  sing N N 127 
GLU OXT HXT  sing N N 128 
GLY N   CA   sing N N 129 
GLY N   H    sing N N 130 
GLY N   H2   sing N N 131 
GLY CA  C    sing N N 132 
GLY CA  HA2  sing N N 133 
GLY CA  HA3  sing N N 134 
GLY C   O    doub N N 135 
GLY C   OXT  sing N N 136 
GLY OXT HXT  sing N N 137 
GTQ CAH OAA  sing N N 138 
GTQ OAA HOAA sing N N 139 
GTQ OAB CAH  doub N N 140 
GTQ OAC CAI  sing N N 141 
GTQ OAC HOAC sing N N 142 
GTQ CAJ OAD  sing N N 143 
GTQ OAD HOAD sing N N 144 
GTQ CAI CAE  doub Y N 145 
GTQ CAE CAF  sing Y N 146 
GTQ CAE HAE  sing N N 147 
GTQ CAJ CAF  doub Y N 148 
GTQ CAF HAF  sing N N 149 
GTQ CAG CAK  doub Y N 150 
GTQ CAG CAI  sing Y N 151 
GTQ CAG HAG  sing N N 152 
GTQ CAH CAK  sing N N 153 
GTQ CAK CAJ  sing Y N 154 
HIS N   CA   sing N N 155 
HIS N   H    sing N N 156 
HIS N   H2   sing N N 157 
HIS CA  C    sing N N 158 
HIS CA  CB   sing N N 159 
HIS CA  HA   sing N N 160 
HIS C   O    doub N N 161 
HIS C   OXT  sing N N 162 
HIS CB  CG   sing N N 163 
HIS CB  HB2  sing N N 164 
HIS CB  HB3  sing N N 165 
HIS CG  ND1  sing Y N 166 
HIS CG  CD2  doub Y N 167 
HIS ND1 CE1  doub Y N 168 
HIS ND1 HD1  sing N N 169 
HIS CD2 NE2  sing Y N 170 
HIS CD2 HD2  sing N N 171 
HIS CE1 NE2  sing Y N 172 
HIS CE1 HE1  sing N N 173 
HIS NE2 HE2  sing N N 174 
HIS OXT HXT  sing N N 175 
HOH O   H1   sing N N 176 
HOH O   H2   sing N N 177 
ILE N   CA   sing N N 178 
ILE N   H    sing N N 179 
ILE N   H2   sing N N 180 
ILE CA  C    sing N N 181 
ILE CA  CB   sing N N 182 
ILE CA  HA   sing N N 183 
ILE C   O    doub N N 184 
ILE C   OXT  sing N N 185 
ILE CB  CG1  sing N N 186 
ILE CB  CG2  sing N N 187 
ILE CB  HB   sing N N 188 
ILE CG1 CD1  sing N N 189 
ILE CG1 HG12 sing N N 190 
ILE CG1 HG13 sing N N 191 
ILE CG2 HG21 sing N N 192 
ILE CG2 HG22 sing N N 193 
ILE CG2 HG23 sing N N 194 
ILE CD1 HD11 sing N N 195 
ILE CD1 HD12 sing N N 196 
ILE CD1 HD13 sing N N 197 
ILE OXT HXT  sing N N 198 
LEU N   CA   sing N N 199 
LEU N   H    sing N N 200 
LEU N   H2   sing N N 201 
LEU CA  C    sing N N 202 
LEU CA  CB   sing N N 203 
LEU CA  HA   sing N N 204 
LEU C   O    doub N N 205 
LEU C   OXT  sing N N 206 
LEU CB  CG   sing N N 207 
LEU CB  HB2  sing N N 208 
LEU CB  HB3  sing N N 209 
LEU CG  CD1  sing N N 210 
LEU CG  CD2  sing N N 211 
LEU CG  HG   sing N N 212 
LEU CD1 HD11 sing N N 213 
LEU CD1 HD12 sing N N 214 
LEU CD1 HD13 sing N N 215 
LEU CD2 HD21 sing N N 216 
LEU CD2 HD22 sing N N 217 
LEU CD2 HD23 sing N N 218 
LEU OXT HXT  sing N N 219 
LYS N   CA   sing N N 220 
LYS N   H    sing N N 221 
LYS N   H2   sing N N 222 
LYS CA  C    sing N N 223 
LYS CA  CB   sing N N 224 
LYS CA  HA   sing N N 225 
LYS C   O    doub N N 226 
LYS C   OXT  sing N N 227 
LYS CB  CG   sing N N 228 
LYS CB  HB2  sing N N 229 
LYS CB  HB3  sing N N 230 
LYS CG  CD   sing N N 231 
LYS CG  HG2  sing N N 232 
LYS CG  HG3  sing N N 233 
LYS CD  CE   sing N N 234 
LYS CD  HD2  sing N N 235 
LYS CD  HD3  sing N N 236 
LYS CE  NZ   sing N N 237 
LYS CE  HE2  sing N N 238 
LYS CE  HE3  sing N N 239 
LYS NZ  HZ1  sing N N 240 
LYS NZ  HZ2  sing N N 241 
LYS NZ  HZ3  sing N N 242 
LYS OXT HXT  sing N N 243 
MET N   CA   sing N N 244 
MET N   H    sing N N 245 
MET N   H2   sing N N 246 
MET CA  C    sing N N 247 
MET CA  CB   sing N N 248 
MET CA  HA   sing N N 249 
MET C   O    doub N N 250 
MET C   OXT  sing N N 251 
MET CB  CG   sing N N 252 
MET CB  HB2  sing N N 253 
MET CB  HB3  sing N N 254 
MET CG  SD   sing N N 255 
MET CG  HG2  sing N N 256 
MET CG  HG3  sing N N 257 
MET SD  CE   sing N N 258 
MET CE  HE1  sing N N 259 
MET CE  HE2  sing N N 260 
MET CE  HE3  sing N N 261 
MET OXT HXT  sing N N 262 
PHE N   CA   sing N N 263 
PHE N   H    sing N N 264 
PHE N   H2   sing N N 265 
PHE CA  C    sing N N 266 
PHE CA  CB   sing N N 267 
PHE CA  HA   sing N N 268 
PHE C   O    doub N N 269 
PHE C   OXT  sing N N 270 
PHE CB  CG   sing N N 271 
PHE CB  HB2  sing N N 272 
PHE CB  HB3  sing N N 273 
PHE CG  CD1  doub Y N 274 
PHE CG  CD2  sing Y N 275 
PHE CD1 CE1  sing Y N 276 
PHE CD1 HD1  sing N N 277 
PHE CD2 CE2  doub Y N 278 
PHE CD2 HD2  sing N N 279 
PHE CE1 CZ   doub Y N 280 
PHE CE1 HE1  sing N N 281 
PHE CE2 CZ   sing Y N 282 
PHE CE2 HE2  sing N N 283 
PHE CZ  HZ   sing N N 284 
PHE OXT HXT  sing N N 285 
PRO N   CA   sing N N 286 
PRO N   CD   sing N N 287 
PRO N   H    sing N N 288 
PRO CA  C    sing N N 289 
PRO CA  CB   sing N N 290 
PRO CA  HA   sing N N 291 
PRO C   O    doub N N 292 
PRO C   OXT  sing N N 293 
PRO CB  CG   sing N N 294 
PRO CB  HB2  sing N N 295 
PRO CB  HB3  sing N N 296 
PRO CG  CD   sing N N 297 
PRO CG  HG2  sing N N 298 
PRO CG  HG3  sing N N 299 
PRO CD  HD2  sing N N 300 
PRO CD  HD3  sing N N 301 
PRO OXT HXT  sing N N 302 
SER N   CA   sing N N 303 
SER N   H    sing N N 304 
SER N   H2   sing N N 305 
SER CA  C    sing N N 306 
SER CA  CB   sing N N 307 
SER CA  HA   sing N N 308 
SER C   O    doub N N 309 
SER C   OXT  sing N N 310 
SER CB  OG   sing N N 311 
SER CB  HB2  sing N N 312 
SER CB  HB3  sing N N 313 
SER OG  HG   sing N N 314 
SER OXT HXT  sing N N 315 
THR N   CA   sing N N 316 
THR N   H    sing N N 317 
THR N   H2   sing N N 318 
THR CA  C    sing N N 319 
THR CA  CB   sing N N 320 
THR CA  HA   sing N N 321 
THR C   O    doub N N 322 
THR C   OXT  sing N N 323 
THR CB  OG1  sing N N 324 
THR CB  CG2  sing N N 325 
THR CB  HB   sing N N 326 
THR OG1 HG1  sing N N 327 
THR CG2 HG21 sing N N 328 
THR CG2 HG22 sing N N 329 
THR CG2 HG23 sing N N 330 
THR OXT HXT  sing N N 331 
TRP N   CA   sing N N 332 
TRP N   H    sing N N 333 
TRP N   H2   sing N N 334 
TRP CA  C    sing N N 335 
TRP CA  CB   sing N N 336 
TRP CA  HA   sing N N 337 
TRP C   O    doub N N 338 
TRP C   OXT  sing N N 339 
TRP CB  CG   sing N N 340 
TRP CB  HB2  sing N N 341 
TRP CB  HB3  sing N N 342 
TRP CG  CD1  doub Y N 343 
TRP CG  CD2  sing Y N 344 
TRP CD1 NE1  sing Y N 345 
TRP CD1 HD1  sing N N 346 
TRP CD2 CE2  doub Y N 347 
TRP CD2 CE3  sing Y N 348 
TRP NE1 CE2  sing Y N 349 
TRP NE1 HE1  sing N N 350 
TRP CE2 CZ2  sing Y N 351 
TRP CE3 CZ3  doub Y N 352 
TRP CE3 HE3  sing N N 353 
TRP CZ2 CH2  doub Y N 354 
TRP CZ2 HZ2  sing N N 355 
TRP CZ3 CH2  sing Y N 356 
TRP CZ3 HZ3  sing N N 357 
TRP CH2 HH2  sing N N 358 
TRP OXT HXT  sing N N 359 
TYR N   CA   sing N N 360 
TYR N   H    sing N N 361 
TYR N   H2   sing N N 362 
TYR CA  C    sing N N 363 
TYR CA  CB   sing N N 364 
TYR CA  HA   sing N N 365 
TYR C   O    doub N N 366 
TYR C   OXT  sing N N 367 
TYR CB  CG   sing N N 368 
TYR CB  HB2  sing N N 369 
TYR CB  HB3  sing N N 370 
TYR CG  CD1  doub Y N 371 
TYR CG  CD2  sing Y N 372 
TYR CD1 CE1  sing Y N 373 
TYR CD1 HD1  sing N N 374 
TYR CD2 CE2  doub Y N 375 
TYR CD2 HD2  sing N N 376 
TYR CE1 CZ   doub Y N 377 
TYR CE1 HE1  sing N N 378 
TYR CE2 CZ   sing Y N 379 
TYR CE2 HE2  sing N N 380 
TYR CZ  OH   sing N N 381 
TYR OH  HH   sing N N 382 
TYR OXT HXT  sing N N 383 
VAL N   CA   sing N N 384 
VAL N   H    sing N N 385 
VAL N   H2   sing N N 386 
VAL CA  C    sing N N 387 
VAL CA  CB   sing N N 388 
VAL CA  HA   sing N N 389 
VAL C   O    doub N N 390 
VAL C   OXT  sing N N 391 
VAL CB  CG1  sing N N 392 
VAL CB  CG2  sing N N 393 
VAL CB  HB   sing N N 394 
VAL CG1 HG11 sing N N 395 
VAL CG1 HG12 sing N N 396 
VAL CG1 HG13 sing N N 397 
VAL CG2 HG21 sing N N 398 
VAL CG2 HG22 sing N N 399 
VAL CG2 HG23 sing N N 400 
VAL OXT HXT  sing N N 401 
# 
_pdbx_audit_support.funding_organization   'Science Foundation Ireland' 
_pdbx_audit_support.country                Ireland 
_pdbx_audit_support.grant_number           12/RC/2275_P2 
_pdbx_audit_support.ordinal                1 
# 
_pdbx_initial_refinement_model.id               1 
_pdbx_initial_refinement_model.entity_id_list   ? 
_pdbx_initial_refinement_model.type             'experimental model' 
_pdbx_initial_refinement_model.source_name      PDB 
_pdbx_initial_refinement_model.accession_code   2VB1 
_pdbx_initial_refinement_model.details          ? 
# 
_space_group.name_H-M_alt     'P 43 21 2' 
_space_group.name_Hall        'P 4nw 2abw' 
_space_group.IT_number        96 
_space_group.crystal_system   tetragonal 
_space_group.id               1 
# 
_atom_sites.entry_id                    9HC2 
_atom_sites.Cartn_transf_matrix[1][1]   ? 
_atom_sites.Cartn_transf_matrix[1][2]   ? 
_atom_sites.Cartn_transf_matrix[1][3]   ? 
_atom_sites.Cartn_transf_matrix[2][1]   ? 
_atom_sites.Cartn_transf_matrix[2][2]   ? 
_atom_sites.Cartn_transf_matrix[2][3]   ? 
_atom_sites.Cartn_transf_matrix[3][1]   ? 
_atom_sites.Cartn_transf_matrix[3][2]   ? 
_atom_sites.Cartn_transf_matrix[3][3]   ? 
_atom_sites.Cartn_transf_vector[1]      ? 
_atom_sites.Cartn_transf_vector[2]      ? 
_atom_sites.Cartn_transf_vector[3]      ? 
_atom_sites.Cartn_transform_axes        ? 
_atom_sites.fract_transf_matrix[1][1]   0.00559599 
_atom_sites.fract_transf_matrix[1][2]   -0.00441419 
_atom_sites.fract_transf_matrix[1][3]   0.01066211 
_atom_sites.fract_transf_matrix[2][1]   0.01149289 
_atom_sites.fract_transf_matrix[2][2]   0.00319855 
_atom_sites.fract_transf_matrix[2][3]   -0.00470780 
_atom_sites.fract_transf_matrix[3][1]   -0.00218372 
_atom_sites.fract_transf_matrix[3][2]   0.02440433 
_atom_sites.fract_transf_matrix[3][3]   0.01124969 
_atom_sites.fract_transf_vector[1]      -0.254653 
_atom_sites.fract_transf_vector[2]      -0.010951 
_atom_sites.fract_transf_vector[3]      -0.235068 
_atom_sites.solution_primary            ? 
_atom_sites.solution_secondary          ? 
_atom_sites.solution_hydrogens          ? 
_atom_sites.special_details             ? 
# 
loop_
_atom_type.symbol 
_atom_type.scat_dispersion_real 
_atom_type.scat_dispersion_imag 
_atom_type.scat_Cromer_Mann_a1 
_atom_type.scat_Cromer_Mann_a2 
_atom_type.scat_Cromer_Mann_a3 
_atom_type.scat_Cromer_Mann_a4 
_atom_type.scat_Cromer_Mann_b1 
_atom_type.scat_Cromer_Mann_b2 
_atom_type.scat_Cromer_Mann_b3 
_atom_type.scat_Cromer_Mann_b4 
_atom_type.scat_Cromer_Mann_c 
_atom_type.scat_source 
_atom_type.scat_dispersion_source 
C ? ? 3.54356 2.42580 ? ? 25.62398 1.50364  ? ? 0.0 
;2-Gaussian fit: Grosse-Kunstleve RW, Sauter NK, Adams PD: Newsletter of the IUCr Commission on Crystallographic Computing 2004, 3, 22-31.
;
? 
N ? ? 4.01032 2.96436 ? ? 19.97189 1.75589  ? ? 0.0 
;2-Gaussian fit: Grosse-Kunstleve RW, Sauter NK, Adams PD: Newsletter of the IUCr Commission on Crystallographic Computing 2004, 3, 22-31.
;
? 
O ? ? 4.49882 3.47563 ? ? 15.80542 1.70748  ? ? 0.0 
;2-Gaussian fit: Grosse-Kunstleve RW, Sauter NK, Adams PD: Newsletter of the IUCr Commission on Crystallographic Computing 2004, 3, 22-31.
;
? 
S ? ? 9.55732 6.39887 ? ? 1.23737  29.19336 ? ? 0.0 
;2-Gaussian fit: Grosse-Kunstleve RW, Sauter NK, Adams PD: Newsletter of the IUCr Commission on Crystallographic Computing 2004, 3, 22-31.
;
? 
# 
loop_
_atom_site.group_PDB 
_atom_site.id 
_atom_site.type_symbol 
_atom_site.label_atom_id 
_atom_site.label_alt_id 
_atom_site.label_comp_id 
_atom_site.label_asym_id 
_atom_site.label_entity_id 
_atom_site.label_seq_id 
_atom_site.pdbx_PDB_ins_code 
_atom_site.Cartn_x 
_atom_site.Cartn_y 
_atom_site.Cartn_z 
_atom_site.occupancy 
_atom_site.B_iso_or_equiv 
_atom_site.pdbx_formal_charge 
_atom_site.auth_seq_id 
_atom_site.auth_comp_id 
_atom_site.auth_asym_id 
_atom_site.auth_atom_id 
_atom_site.pdbx_PDB_model_num 
ATOM   1    N N   . LYS A 1 1   ? 8.25567   -10.71428 3.43697   1.000 16.80492 ? 1   LYS A N   1 
ATOM   2    C CA  . LYS A 1 1   ? 7.37030   -11.79707 2.97556   1.000 16.95985 ? 1   LYS A CA  1 
ATOM   3    C C   . LYS A 1 1   ? 6.83139   -11.47232 1.60702   1.000 17.05067 ? 1   LYS A C   1 
ATOM   4    O O   . LYS A 1 1   ? 6.39593   -10.35312 1.37915   1.000 17.68889 ? 1   LYS A O   1 
ATOM   5    C CB  . LYS A 1 1   ? 6.20328   -11.96251 3.94961   1.000 20.11404 ? 1   LYS A CB  1 
ATOM   6    C CG  . LYS A 1 1   ? 5.14051   -12.91834 3.46160   1.000 18.58129 ? 1   LYS A CG  1 
ATOM   7    C CD  . LYS A 1 1   ? 4.13310   -13.19691 4.54882   1.000 22.60864 ? 1   LYS A CD  1 
ATOM   8    C CE  . LYS A 1 1   ? 2.93583   -13.98326 3.99638   1.000 24.96361 ? 1   LYS A CE  1 
ATOM   9    N NZ  . LYS A 1 1   ? 3.29709   -15.40500 3.69925   1.000 29.49622 ? 1   LYS A NZ  1 
ATOM   10   N N   . VAL A 1 2   ? 6.85317   -12.43316 0.69222   1.000 17.84992 ? 2   VAL A N   1 
ATOM   11   C CA  . VAL A 1 2   ? 6.24683   -12.28492 -0.62569  1.000 16.22328 ? 2   VAL A CA  1 
ATOM   12   C C   . VAL A 1 2   ? 4.91992   -13.02050 -0.56534  1.000 18.76846 ? 2   VAL A C   1 
ATOM   13   O O   . VAL A 1 2   ? 4.88828   -14.25781 -0.48342  1.000 19.09833 ? 2   VAL A O   1 
ATOM   14   C CB  . VAL A 1 2   ? 7.14488   -12.82991 -1.74548  1.000 16.64407 ? 2   VAL A CB  1 
ATOM   15   C CG1 . VAL A 1 2   ? 6.44681   -12.74617 -3.10227  1.000 23.22110 ? 2   VAL A CG1 1 
ATOM   16   C CG2 . VAL A 1 2   ? 8.49176   -12.08651 -1.74463  1.000 18.62084 ? 2   VAL A CG2 1 
ATOM   17   N N   . PHE A 1 3   ? 3.82537   -12.26536 -0.57157  1.000 16.22983 ? 3   PHE A N   1 
ATOM   18   C CA  . PHE A 1 3   ? 2.49618   -12.86135 -0.50189  1.000 15.17293 ? 3   PHE A CA  1 
ATOM   19   C C   . PHE A 1 3   ? 2.12107   -13.44248 -1.85313  1.000 18.31316 ? 3   PHE A C   1 
ATOM   20   O O   . PHE A 1 3   ? 2.53599   -12.95640 -2.90717  1.000 17.94546 ? 3   PHE A O   1 
ATOM   21   C CB  . PHE A 1 3   ? 1.45766   -11.79094 -0.16836  1.000 16.71143 ? 3   PHE A CB  1 
ATOM   22   C CG  . PHE A 1 3   ? 1.29355   -11.51346 1.28308   1.000 16.51872 ? 3   PHE A CG  1 
ATOM   23   C CD1 . PHE A 1 3   ? 2.17866   -10.65657 1.94078   1.000 17.27568 ? 3   PHE A CD1 1 
ATOM   24   C CD2 . PHE A 1 3   ? 0.23012   -12.05248 1.99531   1.000 16.24618 ? 3   PHE A CD2 1 
ATOM   25   C CE1 . PHE A 1 3   ? 2.04111   -10.36927 3.27228   1.000 18.30293 ? 3   PHE A CE1 1 
ATOM   26   C CE2 . PHE A 1 3   ? 0.07727   -11.76554 3.32363   1.000 17.21023 ? 3   PHE A CE2 1 
ATOM   27   C CZ  . PHE A 1 3   ? 0.97250   -10.92103 3.97958   1.000 22.32291 ? 3   PHE A CZ  1 
ATOM   28   N N   . GLY A 1 4   ? 1.31682   -14.51037 -1.80698  1.000 19.24919 ? 4   GLY A N   1 
ATOM   29   C CA  . GLY A 1 4   ? 0.52921   -14.87681 -2.96325  1.000 19.48365 ? 4   GLY A CA  1 
ATOM   30   C C   . GLY A 1 4   ? -0.60047  -13.89467 -3.18380  1.000 16.80718 ? 4   GLY A C   1 
ATOM   31   O O   . GLY A 1 4   ? -0.99829  -13.18000 -2.27013  1.000 17.12231 ? 4   GLY A O   1 
ATOM   32   N N   . ARG A 1 5   ? -1.09245  -13.86281 -4.42830  1.000 18.60940 ? 5   ARG A N   1 
ATOM   33   C CA  . ARG A 1 5   ? -2.19109  -12.97708 -4.81190  1.000 17.21914 ? 5   ARG A CA  1 
ATOM   34   C C   . ARG A 1 5   ? -3.41107  -13.16656 -3.91544  1.000 17.81706 ? 5   ARG A C   1 
ATOM   35   O O   . ARG A 1 5   ? -3.91533  -12.21218 -3.30740  1.000 18.17137 ? 5   ARG A O   1 
ATOM   36   C CB  . ARG A 1 5   ? -2.56919  -13.22010 -6.27545  1.000 19.81714 ? 5   ARG A CB  1 
ATOM   37   C CG  . ARG A 1 5   ? -3.70987  -12.35665 -6.73202  1.000 19.82263 ? 5   ARG A CG  1 
ATOM   38   C CD  . ARG A 1 5   ? -4.07924  -12.63727 -8.17979  1.000 23.36381 ? 5   ARG A CD  1 
ATOM   39   N NE  . ARG A 1 5   ? -4.47824  -14.02484 -8.41123  1.000 27.06309 ? 5   ARG A NE  1 
ATOM   40   C CZ  . ARG A 1 5   ? -5.73905  -14.44281 -8.46174  1.000 24.09791 ? 5   ARG A CZ  1 
ATOM   41   N NH1 . ARG A 1 5   ? -6.74992  -13.61894 -8.24679  1.000 23.02086 ? 5   ARG A NH1 1 
ATOM   42   N NH2 . ARG A 1 5   ? -5.98896  -15.71776 -8.75213  1.000 27.77657 ? 5   ARG A NH2 1 
ATOM   43   N N   . CYS A 1 6   ? -3.93761  -14.39748 -3.85266  1.000 17.20928 ? 6   CYS A N   1 
ATOM   44   C CA  . CYS A 1 6   ? -5.12623  -14.62442 -3.03812  1.000 20.44101 ? 6   CYS A CA  1 
ATOM   45   C C   . CYS A 1 6   ? -4.81155  -14.55336 -1.55164  1.000 15.96737 ? 6   CYS A C   1 
ATOM   46   O O   . CYS A 1 6   ? -5.64920  -14.12024 -0.76284  1.000 17.34239 ? 6   CYS A O   1 
ATOM   47   C CB  . CYS A 1 6   ? -5.78272  -15.96079 -3.41111  1.000 21.47222 ? 6   CYS A CB  1 
ATOM   48   S SG  . CYS A 1 6   ? -6.44940  -15.98814 -5.08345  1.000 23.96890 ? 6   CYS A SG  1 
ATOM   49   N N   . GLU A 1 7   ? -3.59799  -14.93181 -1.16123  1.000 18.15484 ? 7   GLU A N   1 
ATOM   50   C CA  . GLU A 1 7   ? -3.20097  -14.78707 0.23182   1.000 16.62790 ? 7   GLU A CA  1 
ATOM   51   C C   . GLU A 1 7   ? -3.25491  -13.32769 0.66822   1.000 17.81515 ? 7   GLU A C   1 
ATOM   52   O O   . GLU A 1 7   ? -3.74536  -13.00671 1.75322   1.000 16.80082 ? 7   GLU A O   1 
ATOM   53   C CB  . GLU A 1 7   ? -1.78176  -15.33012 0.40179   1.000 18.09616 ? 7   GLU A CB  1 
ATOM   54   C CG  . GLU A 1 7   ? -1.28594  -15.33773 1.83503   1.000 18.58792 ? 7   GLU A CG  1 
ATOM   55   C CD  . GLU A 1 7   ? 0.20567   -15.68165 1.97230   1.000 20.13435 ? 7   GLU A CD  1 
ATOM   56   O OE1 . GLU A 1 7   ? 0.97044   -15.57866 0.97909   1.000 20.36201 ? 7   GLU A OE1 1 
ATOM   57   O OE2 . GLU A 1 7   ? 0.58306   -16.08189 3.08535   1.000 25.03525 ? 7   GLU A OE2 1 
ATOM   58   N N   . LEU A 1 8   ? -2.72648  -12.42967 -0.15894  1.000 16.54874 ? 8   LEU A N   1 
ATOM   59   C CA  . LEU A 1 8   ? -2.77989  -11.01702 0.19425   1.000 17.20859 ? 8   LEU A CA  1 
ATOM   60   C C   . LEU A 1 8   ? -4.20755  -10.48352 0.17540   1.000 15.79337 ? 8   LEU A C   1 
ATOM   61   O O   . LEU A 1 8   ? -4.58454  -9.70363  1.05901   1.000 15.72438 ? 8   LEU A O   1 
ATOM   62   C CB  . LEU A 1 8   ? -1.89614  -10.21303 -0.75250  1.000 15.22589 ? 8   LEU A CB  1 
ATOM   63   C CG  . LEU A 1 8   ? -1.87313  -8.72746  -0.40004  1.000 15.74021 ? 8   LEU A CG  1 
ATOM   64   C CD1 . LEU A 1 8   ? -1.29870  -8.45754  0.98725   1.000 15.47490 ? 8   LEU A CD1 1 
ATOM   65   C CD2 . LEU A 1 8   ? -1.10264  -7.98723  -1.48915  1.000 15.74537 ? 8   LEU A CD2 1 
ATOM   66   N N   . ALA A 1 9   ? -5.02086  -10.89453 -0.81338  1.000 15.49817 ? 9   ALA A N   1 
ATOM   67   C CA  . ALA A 1 9   ? -6.42188  -10.47034 -0.83629  1.000 16.62134 ? 9   ALA A CA  1 
ATOM   68   C C   . ALA A 1 9   ? -7.09831  -10.81812 0.48498   1.000 18.08607 ? 9   ALA A C   1 
ATOM   69   O O   . ALA A 1 9   ? -7.79800  -9.98623  1.08696   1.000 17.74157 ? 9   ALA A O   1 
ATOM   70   C CB  . ALA A 1 9   ? -7.14574  -11.11833 -2.02564  1.000 16.74824 ? 9   ALA A CB  1 
ATOM   71   N N   . ALA A 1 10  ? -6.86680  -12.03876 0.98222   1.000 17.71453 ? 10  ALA A N   1 
ATOM   72   C CA  . ALA A 1 10  ? -7.49254  -12.43847 2.23417   1.000 20.14793 ? 10  ALA A CA  1 
ATOM   73   C C   . ALA A 1 10  ? -6.96843  -11.61893 3.40206   1.000 18.52576 ? 10  ALA A C   1 
ATOM   74   O O   . ALA A 1 10  ? -7.74203  -11.19746 4.26642   1.000 19.28064 ? 10  ALA A O   1 
ATOM   75   C CB  . ALA A 1 10  ? -7.29347  -13.93504 2.46827   1.000 20.64848 ? 10  ALA A CB  1 
ATOM   76   N N   . ALA A 1 11  ? -5.65926  -11.36155 3.44121   1.000 17.59300 ? 11  ALA A N   1 
ATOM   77   C CA  . ALA A 1 11  ? -5.11108  -10.54965 4.52102   1.000 18.39243 ? 11  ALA A CA  1 
ATOM   78   C C   . ALA A 1 11  ? -5.67343  -9.13691  4.48677   1.000 18.18236 ? 11  ALA A C   1 
ATOM   79   O O   . ALA A 1 11  ? -6.04552  -8.58448  5.52504   1.000 18.12227 ? 11  ALA A O   1 
ATOM   80   C CB  . ALA A 1 11  ? -3.58291  -10.52118 4.42614   1.000 18.41246 ? 11  ALA A CB  1 
ATOM   81   N N   . MET A 1 12  ? -5.75710  -8.54665  3.29579   1.000 16.11477 ? 12  MET A N   1 
ATOM   82   C CA  . MET A 1 12  ? -6.30596  -7.20041  3.16128   1.000 15.85381 ? 12  MET A CA  1 
ATOM   83   C C   . MET A 1 12  ? -7.75832  -7.15550  3.60013   1.000 16.63295 ? 12  MET A C   1 
ATOM   84   O O   . MET A 1 12  ? -8.17543  -6.20261  4.26639   1.000 17.34557 ? 12  MET A O   1 
ATOM   85   C CB  . MET A 1 12  ? -6.13347  -6.69610  1.73251   1.000 15.50703 ? 12  MET A CB  1 
ATOM   86   C CG  . MET A 1 12  ? -4.68495  -6.33577  1.43262   1.000 15.90430 ? 12  MET A CG  1 
ATOM   87   S SD  . MET A 1 12  ? -4.51398  -5.84229  -0.29040  1.000 15.75379 ? 12  MET A SD  1 
ATOM   88   C CE  . MET A 1 12  ? -3.12102  -4.72856  -0.15402  1.000 16.43342 ? 12  MET A CE  1 
ATOM   89   N N   . LYS A 1 13  ? -8.54323  -8.17686  3.24186   1.000 16.21055 ? 13  LYS A N   1 
ATOM   90   C CA  . LYS A 1 13  ? -9.94999  -8.22023  3.65741   1.000 17.31470 ? 13  LYS A CA  1 
ATOM   91   C C   . LYS A 1 13  ? -10.07454 -8.30268  5.16822   1.000 16.88469 ? 13  LYS A C   1 
ATOM   92   O O   . LYS A 1 13  ? -10.88176 -7.59609  5.78562   1.000 20.90761 ? 13  LYS A O   1 
ATOM   93   C CB  . LYS A 1 13  ? -10.63936 -9.41462  3.01189   1.000 18.87719 ? 13  LYS A CB  1 
ATOM   94   C CG  . LYS A 1 13  ? -12.13178 -9.51250  3.33482   1.000 22.18169 ? 13  LYS A CG  1 
ATOM   95   C CD  . LYS A 1 13  ? -12.83631 -10.42839 2.37215   1.000 24.60950 ? 13  LYS A CD  1 
ATOM   96   C CE  . LYS A 1 13  ? -14.31316 -10.54392 2.73615   1.000 30.29488 ? 13  LYS A CE  1 
ATOM   97   N NZ  . LYS A 1 13  ? -15.08773 -11.22552 1.66058   1.000 37.31930 ? 13  LYS A NZ  1 
ATOM   98   N N   . ARG A 1 14  ? -9.27644  -9.16836  5.78411   1.000 16.69875 ? 14  ARG A N   1 
ATOM   99   C CA  . ARG A 1 14  ? -9.35322  -9.31490  7.22791   1.000 18.73326 ? 14  ARG A CA  1 
ATOM   100  C C   . ARG A 1 14  ? -9.04526  -8.00087  7.93715   1.000 22.90186 ? 14  ARG A C   1 
ATOM   101  O O   . ARG A 1 14  ? -9.64519  -7.68727  8.97053   1.000 23.61492 ? 14  ARG A O   1 
ATOM   102  C CB  . ARG A 1 14  ? -8.40011  -10.41274 7.68945   1.000 21.04442 ? 14  ARG A CB  1 
ATOM   103  C CG  . ARG A 1 14  ? -8.34106  -10.49696 9.19804   1.000 26.21927 ? 14  ARG A CG  1 
ATOM   104  C CD  . ARG A 1 14  ? -7.46388  -11.63044 9.64025   1.000 29.94905 ? 14  ARG A CD  1 
ATOM   105  N NE  . ARG A 1 14  ? -6.08702  -11.22540 9.87529   1.000 30.81863 ? 14  ARG A NE  1 
ATOM   106  C CZ  . ARG A 1 14  ? -5.66126  -10.66731 10.99722  1.000 25.53135 ? 14  ARG A CZ  1 
ATOM   107  N NH1 . ARG A 1 14  ? -6.49750  -10.36649 11.97269  1.000 30.77170 ? 14  ARG A NH1 1 
ATOM   108  N NH2 . ARG A 1 14  ? -4.36375  -10.41094 11.14278  1.000 30.78834 ? 14  ARG A NH2 1 
ATOM   109  N N   . HIS A 1 15  ? -8.12135  -7.21252  7.38675   1.000 20.31956 ? 15  HIS A N   1 
ATOM   110  C CA  . HIS A 1 15  ? -7.71103  -5.93288  7.94741   1.000 20.27780 ? 15  HIS A CA  1 
ATOM   111  C C   . HIS A 1 15  ? -8.59199  -4.77021  7.49781   1.000 20.46774 ? 15  HIS A C   1 
ATOM   112  O O   . HIS A 1 15  ? -8.26603  -3.61814  7.79067   1.000 22.54226 ? 15  HIS A O   1 
ATOM   113  C CB  . HIS A 1 15  ? -6.23966  -5.65137  7.59198   1.000 18.82593 ? 15  HIS A CB  1 
ATOM   114  C CG  . HIS A 1 15  ? -5.25960  -6.51782  8.31706   1.000 18.71159 ? 15  HIS A CG  1 
ATOM   115  N ND1 . HIS A 1 15  ? -4.69676  -6.15233  9.52030   1.000 26.22687 ? 15  HIS A ND1 1 
ATOM   116  C CD2 . HIS A 1 15  ? -4.72537  -7.72147  8.00206   1.000 18.96130 ? 15  HIS A CD2 1 
ATOM   117  C CE1 . HIS A 1 15  ? -3.87148  -7.10232  9.92445   1.000 21.62433 ? 15  HIS A CE1 1 
ATOM   118  N NE2 . HIS A 1 15  ? -3.86672  -8.06457  9.02063   1.000 21.96321 ? 15  HIS A NE2 1 
ATOM   119  N N   . GLY A 1 16  ? -9.69507  -5.04077  6.81298   1.000 18.65123 ? 16  GLY A N   1 
ATOM   120  C CA  . GLY A 1 16  ? -10.69928 -4.01782  6.57621   1.000 20.58201 ? 16  GLY A CA  1 
ATOM   121  C C   . GLY A 1 16  ? -10.54570 -3.17099  5.32788   1.000 19.85484 ? 16  GLY A C   1 
ATOM   122  O O   . GLY A 1 16  ? -11.17950 -2.11117  5.24777   1.000 22.53321 ? 16  GLY A O   1 
ATOM   123  N N   . LEU A 1 17  ? -9.78288  -3.61206  4.33007   1.000 19.12536 ? 17  LEU A N   1 
ATOM   124  C CA  . LEU A 1 17  ? -9.64750  -2.81734  3.11024   1.000 16.48920 ? 17  LEU A CA  1 
ATOM   125  C C   . LEU A 1 17  ? -10.71842 -3.06851  2.05730   1.000 18.88511 ? 17  LEU A C   1 
ATOM   126  O O   . LEU A 1 17  ? -10.84318 -2.24841  1.14150   1.000 20.17865 ? 17  LEU A O   1 
ATOM   127  C CB  . LEU A 1 17  ? -8.27392  -3.00957  2.46441   1.000 18.60083 ? 17  LEU A CB  1 
ATOM   128  C CG  . LEU A 1 17  ? -7.11838  -2.32627  3.17783   1.000 17.68486 ? 17  LEU A CG  1 
ATOM   129  C CD1 . LEU A 1 17  ? -5.88857  -2.69939  2.39958   1.000 17.61235 ? 17  LEU A CD1 1 
ATOM   130  C CD2 . LEU A 1 17  ? -7.26314  -0.81756  3.20535   1.000 18.19727 ? 17  LEU A CD2 1 
ATOM   131  N N   . ASP A 1 18  ? -11.48919 -4.15132  2.12579   1.000 18.51449 ? 18  ASP A N   1 
ATOM   132  C CA  . ASP A 1 18  ? -12.46826 -4.38663  1.06910   1.000 19.71141 ? 18  ASP A CA  1 
ATOM   133  C C   . ASP A 1 18  ? -13.56348 -3.33733  1.17017   1.000 21.16919 ? 18  ASP A C   1 
ATOM   134  O O   . ASP A 1 18  ? -14.26819 -3.26142  2.18078   1.000 20.00272 ? 18  ASP A O   1 
ATOM   135  C CB  . ASP A 1 18  ? -13.06812 -5.78614  1.16293   1.000 21.49771 ? 18  ASP A CB  1 
ATOM   136  C CG  . ASP A 1 18  ? -14.04364 -6.08481  0.02157   1.000 24.48192 ? 18  ASP A CG  1 
ATOM   137  O OD1 . ASP A 1 18  ? -13.95080 -5.47059  -1.07046  1.000 23.24571 ? 18  ASP A OD1 1 
ATOM   138  O OD2 . ASP A 1 18  ? -14.92112 -6.95767  0.21944   1.000 29.88462 ? 18  ASP A OD2 1 
ATOM   139  N N   . ASN A 1 19  ? -13.67266 -2.49866  0.15092   1.000 19.15289 ? 19  ASN A N   1 
ATOM   140  C CA  . ASN A 1 19  ? -14.61857 -1.38671  0.10337   1.000 17.90947 ? 19  ASN A CA  1 
ATOM   141  C C   . ASN A 1 19  ? -14.26725 -0.24651  1.04551   1.000 16.87654 ? 19  ASN A C   1 
ATOM   142  O O   . ASN A 1 19  ? -15.09526 0.62813   1.30089   1.000 19.62417 ? 19  ASN A O   1 
ATOM   143  C CB  . ASN A 1 19  ? -16.07277 -1.83826  0.27576   1.000 19.67252 ? 19  ASN A CB  1 
ATOM   144  C CG  . ASN A 1 19  ? -16.46830 -2.82476  -0.77467  1.000 25.84775 ? 19  ASN A CG  1 
ATOM   145  O OD1 . ASN A 1 19  ? -16.17171 -2.62499  -1.95356  1.000 29.01529 ? 19  ASN A OD1 1 
ATOM   146  N ND2 . ASN A 1 19  ? -17.10496 -3.92145  -0.36164  1.000 35.35398 ? 19  ASN A ND2 1 
ATOM   147  N N   . TYR A 1 20  ? -13.03818 -0.19417  1.54714   1.000 17.29203 ? 20  TYR A N   1 
ATOM   148  C CA  . TYR A 1 20  ? -12.64256 0.92448   2.38945   1.000 19.12146 ? 20  TYR A CA  1 
ATOM   149  C C   . TYR A 1 20  ? -12.59083 2.18879   1.54402   1.000 19.29917 ? 20  TYR A C   1 
ATOM   150  O O   . TYR A 1 20  ? -11.96117 2.21178   0.47519   1.000 17.46979 ? 20  TYR A O   1 
ATOM   151  C CB  . TYR A 1 20  ? -11.27643 0.67836   3.03735   1.000 16.65096 ? 20  TYR A CB  1 
ATOM   152  C CG  . TYR A 1 20  ? -10.94825 1.69065   4.09942   1.000 17.38241 ? 20  TYR A CG  1 
ATOM   153  C CD1 . TYR A 1 20  ? -11.39679 1.51703   5.41195   1.000 20.82490 ? 20  TYR A CD1 1 
ATOM   154  C CD2 . TYR A 1 20  ? -10.23211 2.84320   3.79912   1.000 16.95387 ? 20  TYR A CD2 1 
ATOM   155  C CE1 . TYR A 1 20  ? -11.12515 2.44959   6.38135   1.000 20.53975 ? 20  TYR A CE1 1 
ATOM   156  C CE2 . TYR A 1 20  ? -9.97951  3.79100   4.75671   1.000 17.85846 ? 20  TYR A CE2 1 
ATOM   157  C CZ  . TYR A 1 20  ? -10.42788 3.59024   6.04527   1.000 19.23368 ? 20  TYR A CZ  1 
ATOM   158  O OH  . TYR A 1 20  ? -10.15599 4.53706   6.98532   1.000 24.24454 ? 20  TYR A OH  1 
ATOM   159  N N   . ARG A 1 21  ? -13.26077 3.24116   2.02176   1.000 19.44088 ? 21  ARG A N   1 
ATOM   160  C CA  . ARG A 1 21  ? -13.46415 4.46580   1.24530   1.000 22.17960 ? 21  ARG A CA  1 
ATOM   161  C C   . ARG A 1 21  ? -13.99809 4.17283   -0.15298  1.000 17.89330 ? 21  ARG A C   1 
ATOM   162  O O   . ARG A 1 21  ? -13.73494 4.92048   -1.10321  1.000 21.22899 ? 21  ARG A O   1 
ATOM   163  C CB  . ARG A 1 21  ? -12.20857 5.32713   1.18878   1.000 21.82721 ? 21  ARG A CB  1 
ATOM   164  C CG  . ARG A 1 21  ? -11.84060 5.90515   2.52879   1.000 23.60557 ? 21  ARG A CG  1 
ATOM   165  C CD  . ARG A 1 21  ? -13.00007 6.72251   3.09934   1.000 29.85962 ? 21  ARG A CD  1 
ATOM   166  N NE  . ARG A 1 21  ? -12.64420 7.27410   4.40262   1.000 35.68056 ? 21  ARG A NE  1 
ATOM   167  C CZ  . ARG A 1 21  ? -12.89025 6.68826   5.56915   1.000 41.51656 ? 21  ARG A CZ  1 
ATOM   168  N NH1 . ARG A 1 21  ? -13.56257 5.54829   5.64849   1.000 39.54235 ? 21  ARG A NH1 1 
ATOM   169  N NH2 . ARG A 1 21  ? -12.45136 7.26221   6.68694   1.000 46.33003 ? 21  ARG A NH2 1 
ATOM   170  N N   . GLY A 1 22  ? -14.75112 3.08472   -0.29499  1.000 18.26907 ? 22  GLY A N   1 
ATOM   171  C CA  . GLY A 1 22  ? -15.38609 2.72630   -1.53842  1.000 15.86914 ? 22  GLY A CA  1 
ATOM   172  C C   . GLY A 1 22  ? -14.52939 1.97956   -2.53984  1.000 19.62762 ? 22  GLY A C   1 
ATOM   173  O O   . GLY A 1 22  ? -14.98298 1.72986   -3.66915  1.000 19.83165 ? 22  GLY A O   1 
ATOM   174  N N   . TYR A 1 23  ? -13.31380 1.59501   -2.16325  1.000 16.58563 ? 23  TYR A N   1 
ATOM   175  C CA  . TYR A 1 23  ? -12.39090 0.91611   -3.07100  1.000 15.11052 ? 23  TYR A CA  1 
ATOM   176  C C   . TYR A 1 23  ? -12.49164 -0.58003  -2.81753  1.000 15.42320 ? 23  TYR A C   1 
ATOM   177  O O   . TYR A 1 23  ? -12.05734 -1.07398  -1.77127  1.000 15.25044 ? 23  TYR A O   1 
ATOM   178  C CB  . TYR A 1 23  ? -10.96143 1.41670   -2.87449  1.000 15.17766 ? 23  TYR A CB  1 
ATOM   179  C CG  . TYR A 1 23  ? -10.78752 2.82790   -3.36901  1.000 12.91277 ? 23  TYR A CG  1 
ATOM   180  C CD1 . TYR A 1 23  ? -10.45005 3.07909   -4.70824  1.000 14.38435 ? 23  TYR A CD1 1 
ATOM   181  C CD2 . TYR A 1 23  ? -10.96073 3.90685   -2.50866  1.000 12.66340 ? 23  TYR A CD2 1 
ATOM   182  C CE1 . TYR A 1 23  ? -10.28244 4.36592   -5.16123  1.000 12.45450 ? 23  TYR A CE1 1 
ATOM   183  C CE2 . TYR A 1 23  ? -10.81840 5.20805   -2.96634  1.000 13.49414 ? 23  TYR A CE2 1 
ATOM   184  C CZ  . TYR A 1 23  ? -10.46876 5.41856   -4.29719  1.000 13.39793 ? 23  TYR A CZ  1 
ATOM   185  O OH  . TYR A 1 23  ? -10.30317 6.70019   -4.78091  1.000 14.36309 ? 23  TYR A OH  1 
ATOM   186  N N   . SER A 1 24  ? -13.02273 -1.29498  -3.79637  1.000 14.70834 ? 24  SER A N   1 
ATOM   187  C CA  . SER A 1 24  ? -13.15630 -2.74218  -3.68935  1.000 16.17443 ? 24  SER A CA  1 
ATOM   188  C C   . SER A 1 24  ? -11.78584 -3.40914  -3.56235  1.000 17.54242 ? 24  SER A C   1 
ATOM   189  O O   . SER A 1 24  ? -10.74673 -2.87416  -3.97970  1.000 15.96367 ? 24  SER A O   1 
ATOM   190  C CB  . SER A 1 24  ? -13.88085 -3.29196  -4.91170  1.000 19.06903 ? 24  SER A CB  1 
ATOM   191  O OG  . SER A 1 24  ? -13.12310 -3.08178  -6.07131  1.000 18.79646 ? 24  SER A OG  1 
ATOM   192  N N   . LEU A 1 25  ? -11.80682 -4.61686  -3.00148  1.000 16.09089 ? 25  LEU A N   1 
ATOM   193  C CA  . LEU A 1 25  ? -10.58524 -5.34804  -2.66907  1.000 16.08802 ? 25  LEU A CA  1 
ATOM   194  C C   . LEU A 1 25  ? -9.62191  -5.45288  -3.84420  1.000 16.74090 ? 25  LEU A C   1 
ATOM   195  O O   . LEU A 1 25  ? -8.39867  -5.35686  -3.65660  1.000 14.88072 ? 25  LEU A O   1 
ATOM   196  C CB  . LEU A 1 25  ? -10.97448 -6.73692  -2.14858  1.000 17.46770 ? 25  LEU A CB  1 
ATOM   197  C CG  . LEU A 1 25  ? -9.85665  -7.54851  -1.50615  1.000 14.66999 ? 25  LEU A CG  1 
ATOM   198  C CD1 . LEU A 1 25  ? -9.22997  -6.79810  -0.34363  1.000 17.99958 ? 25  LEU A CD1 1 
ATOM   199  C CD2 . LEU A 1 25  ? -10.45203 -8.84079  -0.96998  1.000 18.07410 ? 25  LEU A CD2 1 
ATOM   200  N N   . GLY A 1 26  ? -10.13774 -5.65804  -5.05652  1.000 15.30306 ? 26  GLY A N   1 
ATOM   201  C CA  . GLY A 1 26  ? -9.27324  -5.81928  -6.21038  1.000 16.41170 ? 26  GLY A CA  1 
ATOM   202  C C   . GLY A 1 26  ? -8.42205  -4.59276  -6.48841  1.000 15.60579 ? 26  GLY A C   1 
ATOM   203  O O   . GLY A 1 26  ? -7.31849  -4.71394  -7.02349  1.000 13.80532 ? 26  GLY A O   1 
ATOM   204  N N   . ASN A 1 27  ? -8.93010  -3.39533  -6.17125  1.000 13.83061 ? 27  ASN A N   1 
ATOM   205  C CA  . ASN A 1 27  ? -8.10927  -2.18860  -6.30018  1.000 11.66407 ? 27  ASN A CA  1 
ATOM   206  C C   . ASN A 1 27  ? -6.86787  -2.26788  -5.42750  1.000 12.02652 ? 27  ASN A C   1 
ATOM   207  O O   . ASN A 1 27  ? -5.76936  -1.88065  -5.85022  1.000 11.72084 ? 27  ASN A O   1 
ATOM   208  C CB  . ASN A 1 27  ? -8.91468  -0.95401  -5.87936  1.000 11.91857 ? 27  ASN A CB  1 
ATOM   209  C CG  . ASN A 1 27  ? -9.90101  -0.54205  -6.92838  1.000 11.63906 ? 27  ASN A CG  1 
ATOM   210  O OD1 . ASN A 1 27  ? -9.52126  -0.02952  -7.96131  1.000 12.97362 ? 27  ASN A OD1 1 
ATOM   211  N ND2 . ASN A 1 27  ? -11.18259 -0.87228  -6.70715  1.000 14.79524 ? 27  ASN A ND2 1 
ATOM   212  N N   . TRP A 1 28  ? -7.03727  -2.72565  -4.20153  1.000 11.90637 ? 28  TRP A N   1 
ATOM   213  C CA  . TRP A 1 28  ? -5.91871  -2.79538  -3.27183  1.000 12.37296 ? 28  TRP A CA  1 
ATOM   214  C C   . TRP A 1 28  ? -4.92143  -3.87736  -3.67623  1.000 12.40225 ? 28  TRP A C   1 
ATOM   215  O O   . TRP A 1 28  ? -3.69986  -3.68651  -3.53830  1.000 12.79178 ? 28  TRP A O   1 
ATOM   216  C CB  . TRP A 1 28  ? -6.46809  -3.10063  -1.88607  1.000 12.54111 ? 28  TRP A CB  1 
ATOM   217  C CG  . TRP A 1 28  ? -7.32142  -1.97977  -1.33391  1.000 12.36018 ? 28  TRP A CG  1 
ATOM   218  C CD1 . TRP A 1 28  ? -8.68827  -1.92939  -1.26795  1.000 15.88436 ? 28  TRP A CD1 1 
ATOM   219  C CD2 . TRP A 1 28  ? -6.85534  -0.71318  -0.86943  1.000 13.82532 ? 28  TRP A CD2 1 
ATOM   220  N NE1 . TRP A 1 28  ? -9.09012  -0.73122  -0.73461  1.000 14.43549 ? 28  TRP A NE1 1 
ATOM   221  C CE2 . TRP A 1 28  ? -7.98441  0.03931   -0.48560  1.000 15.03511 ? 28  TRP A CE2 1 
ATOM   222  C CE3 . TRP A 1 28  ? -5.58011  -0.15155  -0.70745  1.000 12.97556 ? 28  TRP A CE3 1 
ATOM   223  C CZ2 . TRP A 1 28  ? -7.87894  1.32409   0.06535   1.000 15.86195 ? 28  TRP A CZ2 1 
ATOM   224  C CZ3 . TRP A 1 28  ? -5.47490  1.13669   -0.16474  1.000 15.34585 ? 28  TRP A CZ3 1 
ATOM   225  C CH2 . TRP A 1 28  ? -6.61960  1.85906   0.20120   1.000 16.58656 ? 28  TRP A CH2 1 
ATOM   226  N N   . VAL A 1 29  ? -5.41534  -5.04074  -4.13582  1.000 12.68227 ? 29  VAL A N   1 
ATOM   227  C CA  . VAL A 1 29  ? -4.53059  -6.10430  -4.60282  1.000 13.22652 ? 29  VAL A CA  1 
ATOM   228  C C   . VAL A 1 29  ? -3.75885  -5.64692  -5.83769  1.000 12.09307 ? 29  VAL A C   1 
ATOM   229  O O   . VAL A 1 29  ? -2.54792  -5.88143  -5.94965  1.000 12.58471 ? 29  VAL A O   1 
ATOM   230  C CB  . VAL A 1 29  ? -5.31632  -7.42707  -4.83699  1.000 13.21492 ? 29  VAL A CB  1 
ATOM   231  C CG1 . VAL A 1 29  ? -4.38951  -8.49321  -5.42391  1.000 14.05075 ? 29  VAL A CG1 1 
ATOM   232  C CG2 . VAL A 1 29  ? -5.99086  -7.92555  -3.53030  1.000 16.00180 ? 29  VAL A CG2 1 
ATOM   233  N N   . CYS A 1 30  ? -4.45472  -5.01723  -6.79154  1.000 12.66763 ? 30  CYS A N   1 
ATOM   234  C CA  . CYS A 1 30  ? -3.80415  -4.50571  -7.98552  1.000 13.74558 ? 30  CYS A CA  1 
ATOM   235  C C   . CYS A 1 30  ? -2.73407  -3.48966  -7.60649  1.000 12.12064 ? 30  CYS A C   1 
ATOM   236  O O   . CYS A 1 30  ? -1.60659  -3.53821  -8.11764  1.000 12.19942 ? 30  CYS A O   1 
ATOM   237  C CB  . CYS A 1 30  ? -4.87148  -3.86687  -8.88967  1.000 13.46570 ? 30  CYS A CB  1 
ATOM   238  S SG  . CYS A 1 30  ? -4.23080  -3.28863  -10.49985 1.000 13.94773 ? 30  CYS A SG  1 
ATOM   239  N N   . ALA A 1 31  ? -3.06554  -2.57496  -6.69223  1.000 12.14336 ? 31  ALA A N   1 
ATOM   240  C CA  . ALA A 1 31  ? -2.07181  -1.58850  -6.26961  1.000 12.05081 ? 31  ALA A CA  1 
ATOM   241  C C   . ALA A 1 31  ? -0.83872  -2.26218  -5.66565  1.000 11.98408 ? 31  ALA A C   1 
ATOM   242  O O   . ALA A 1 31  ? 0.28896   -1.89400  -5.99019  1.000 12.48548 ? 31  ALA A O   1 
ATOM   243  C CB  . ALA A 1 31  ? -2.68724  -0.57199  -5.30708  1.000 12.40918 ? 31  ALA A CB  1 
ATOM   244  N N   . ALA A 1 32  ? -1.02689  -3.24356  -4.78563  1.000 12.06187 ? 32  ALA A N   1 
ATOM   245  C CA  . ALA A 1 32  ? 0.12552   -3.91271  -4.19598  1.000 12.25244 ? 32  ALA A CA  1 
ATOM   246  C C   . ALA A 1 32  ? 0.93857   -4.65886  -5.23982  1.000 13.07615 ? 32  ALA A C   1 
ATOM   247  O O   . ALA A 1 32  ? 2.18149   -4.68892  -5.16682  1.000 12.31839 ? 32  ALA A O   1 
ATOM   248  C CB  . ALA A 1 32  ? -0.34652  -4.85625  -3.09977  1.000 12.97146 ? 32  ALA A CB  1 
ATOM   249  N N   . LYS A 1 33  ? 0.26725   -5.28079  -6.21459  1.000 12.30494 ? 33  LYS A N   1 
ATOM   250  C CA  . LYS A 1 33  ? 0.98646   -5.99368  -7.25846  1.000 11.14662 ? 33  LYS A CA  1 
ATOM   251  C C   . LYS A 1 33  ? 1.96460   -5.06413  -7.95264  1.000 12.63588 ? 33  LYS A C   1 
ATOM   252  O O   . LYS A 1 33  ? 3.15090   -5.39036  -8.12149  1.000 13.86180 ? 33  LYS A O   1 
ATOM   253  C CB  . LYS A 1 33  ? -0.00315  -6.56187  -8.28873  1.000 13.62605 ? 33  LYS A CB  1 
ATOM   254  C CG  . LYS A 1 33  ? 0.65701   -7.10602  -9.56588  1.000 17.04339 ? 33  LYS A CG  1 
ATOM   255  C CD  . LYS A 1 33  ? 1.60378   -8.25722  -9.34088  1.000 18.87253 ? 33  LYS A CD  1 
ATOM   256  C CE  . LYS A 1 33  ? 2.26934   -8.65331  -10.65016 1.000 24.85761 ? 33  LYS A CE  1 
ATOM   257  N NZ  . LYS A 1 33  ? 3.13731   -9.84919  -10.45106 1.000 25.13920 ? 33  LYS A NZ  1 
ATOM   258  N N   . PHE A 1 34  ? 1.47662   -3.90722  -8.39276  1.000 12.54336 ? 34  PHE A N   1 
ATOM   259  C CA  . PHE A 1 34  ? 2.30481   -3.02245  -9.18608  1.000 13.08833 ? 34  PHE A CA  1 
ATOM   260  C C   . PHE A 1 34  ? 3.16836   -2.07659  -8.36197  1.000 13.26881 ? 34  PHE A C   1 
ATOM   261  O O   . PHE A 1 34  ? 4.12531   -1.52180  -8.90463  1.000 17.42709 ? 34  PHE A O   1 
ATOM   262  C CB  . PHE A 1 34  ? 1.43566   -2.30364  -10.21156 1.000 13.64242 ? 34  PHE A CB  1 
ATOM   263  C CG  . PHE A 1 34  ? 0.84435   -3.24160  -11.22896 1.000 15.75769 ? 34  PHE A CG  1 
ATOM   264  C CD1 . PHE A 1 34  ? 1.65832   -4.10985  -11.93948 1.000 14.72764 ? 34  PHE A CD1 1 
ATOM   265  C CD2 . PHE A 1 34  ? -0.52045  -3.32632  -11.40184 1.000 16.67452 ? 34  PHE A CD2 1 
ATOM   266  C CE1 . PHE A 1 34  ? 1.12417   -4.98617  -12.88969 1.000 16.62807 ? 34  PHE A CE1 1 
ATOM   267  C CE2 . PHE A 1 34  ? -1.07037  -4.21780  -12.33508 1.000 21.44449 ? 34  PHE A CE2 1 
ATOM   268  C CZ  . PHE A 1 34  ? -0.24249  -5.03748  -13.07584 1.000 17.52115 ? 34  PHE A CZ  1 
ATOM   269  N N   . GLU A 1 35  ? 2.90955   -1.91121  -7.06758  1.000 12.51640 ? 35  GLU A N   1 
ATOM   270  C CA  . GLU A 1 35  ? 3.82297   -1.12427  -6.24984  1.000 11.65566 ? 35  GLU A CA  1 
ATOM   271  C C   . GLU A 1 35  ? 4.98998   -1.95742  -5.75727  1.000 13.73429 ? 35  GLU A C   1 
ATOM   272  O O   . GLU A 1 35  ? 6.11857   -1.46800  -5.72340  1.000 13.75038 ? 35  GLU A O   1 
ATOM   273  C CB  . GLU A 1 35  ? 3.06310   -0.58472  -5.04431  1.000 11.64070 ? 35  GLU A CB  1 
ATOM   274  C CG  . GLU A 1 35  ? 2.05149   0.55450   -5.31750  1.000 13.33658 ? 35  GLU A CG  1 
ATOM   275  C CD  . GLU A 1 35  ? 2.72677   1.84783   -5.79382  1.000 13.82998 ? 35  GLU A CD  1 
ATOM   276  O OE1 . GLU A 1 35  ? 3.97714   1.89980   -5.76091  1.000 13.77322 ? 35  GLU A OE1 1 
ATOM   277  O OE2 . GLU A 1 35  ? 2.02512   2.78625   -6.25017  1.000 14.42039 ? 35  GLU A OE2 1 
ATOM   278  N N   . SER A 1 36  ? 4.74098   -3.19390  -5.31776  1.000 13.05965 ? 36  SER A N   1 
ATOM   279  C CA  . SER A 1 36  ? 5.74949   -3.97442  -4.62047  1.000 13.71496 ? 36  SER A CA  1 
ATOM   280  C C   . SER A 1 36  ? 5.91173   -5.38861  -5.13023  1.000 12.72040 ? 36  SER A C   1 
ATOM   281  O O   . SER A 1 36  ? 6.70978   -6.13805  -4.56158  1.000 13.36401 ? 36  SER A O   1 
ATOM   282  C CB  . SER A 1 36  ? 5.39877   -4.07151  -3.14335  1.000 12.63414 ? 36  SER A CB  1 
ATOM   283  O OG  . SER A 1 36  ? 4.21610   -4.86738  -2.99526  1.000 12.15026 ? 36  SER A OG  1 
ATOM   284  N N   . ASN A 1 37  ? 5.10340   -5.82869  -6.09487  1.000 14.42543 ? 37  ASN A N   1 
ATOM   285  C CA  . ASN A 1 37  ? 5.07680   -7.24560  -6.49142  1.000 16.15649 ? 37  ASN A CA  1 
ATOM   286  C C   . ASN A 1 37  ? 4.72243   -8.15212  -5.32158  1.000 15.85119 ? 37  ASN A C   1 
ATOM   287  O O   . ASN A 1 37  ? 5.20182   -9.28119  -5.21860  1.000 16.11932 ? 37  ASN A O   1 
ATOM   288  C CB  . ASN A 1 37  ? 6.36812   -7.70111  -7.17288  1.000 16.84960 ? 37  ASN A CB  1 
ATOM   289  C CG  . ASN A 1 37  ? 6.14812   -8.87795  -8.07464  1.000 22.60686 ? 37  ASN A CG  1 
ATOM   290  O OD1 . ASN A 1 37  ? 5.02529   -9.12327  -8.52644  1.000 22.61209 ? 37  ASN A OD1 1 
ATOM   291  N ND2 . ASN A 1 37  ? 7.21326   -9.62464  -8.34705  1.000 24.55113 ? 37  ASN A ND2 1 
ATOM   292  N N   . PHE A 1 38  ? 3.88801   -7.65443  -4.42324  1.000 12.49245 ? 38  PHE A N   1 
ATOM   293  C CA  . PHE A 1 38  ? 3.41208   -8.35720  -3.23424  1.000 12.64587 ? 38  PHE A CA  1 
ATOM   294  C C   . PHE A 1 38  ? 4.50218   -8.63994  -2.20269  1.000 14.12237 ? 38  PHE A C   1 
ATOM   295  O O   . PHE A 1 38  ? 4.31515   -9.49639  -1.32740  1.000 14.55082 ? 38  PHE A O   1 
ATOM   296  C CB  . PHE A 1 38  ? 2.69086   -9.67947  -3.55590  1.000 13.23508 ? 38  PHE A CB  1 
ATOM   297  C CG  . PHE A 1 38  ? 1.52586   -9.57644  -4.52261  1.000 13.08012 ? 38  PHE A CG  1 
ATOM   298  C CD1 . PHE A 1 38  ? 0.58926   -8.56179  -4.44044  1.000 14.72342 ? 38  PHE A CD1 1 
ATOM   299  C CD2 . PHE A 1 38  ? 1.35206   -10.57964 -5.46179  1.000 16.10312 ? 38  PHE A CD2 1 
ATOM   300  C CE1 . PHE A 1 38  ? -0.51507  -8.52584  -5.34102  1.000 12.48818 ? 38  PHE A CE1 1 
ATOM   301  C CE2 . PHE A 1 38  ? 0.24300   -10.55826 -6.34214  1.000 16.24819 ? 38  PHE A CE2 1 
ATOM   302  C CZ  . PHE A 1 38  ? -0.67508  -9.53506  -6.26808  1.000 17.18089 ? 38  PHE A CZ  1 
ATOM   303  N N   . ASN A 1 39  ? 5.61960   -7.91496  -2.26152  1.000 12.83162 ? 39  ASN A N   1 
ATOM   304  C CA  . ASN A 1 39  ? 6.75379   -8.13379  -1.35758  1.000 13.81566 ? 39  ASN A CA  1 
ATOM   305  C C   . ASN A 1 39  ? 6.73993   -7.10183  -0.22688  1.000 12.52990 ? 39  ASN A C   1 
ATOM   306  O O   . ASN A 1 39  ? 6.96067   -5.91413  -0.47806  1.000 13.09292 ? 39  ASN A O   1 
ATOM   307  C CB  . ASN A 1 39  ? 8.03167   -8.06025  -2.19300  1.000 15.46298 ? 39  ASN A CB  1 
ATOM   308  C CG  . ASN A 1 39  ? 9.29715   -8.32141  -1.37340  1.000 12.90784 ? 39  ASN A CG  1 
ATOM   309  O OD1 . ASN A 1 39  ? 9.24358   -8.60971  -0.19013  1.000 13.49051 ? 39  ASN A OD1 1 
ATOM   310  N ND2 . ASN A 1 39  ? 10.43891  -8.14865  -2.01554  1.000 17.72667 ? 39  ASN A ND2 1 
ATOM   311  N N   . THR A 1 40  ? 6.51390   -7.53858  1.01197   1.000 12.72959 ? 40  THR A N   1 
ATOM   312  C CA  . THR A 1 40  ? 6.51373   -6.58472  2.12116   1.000 11.61404 ? 40  THR A CA  1 
ATOM   313  C C   . THR A 1 40  ? 7.85941   -5.88047  2.30354   1.000 14.04880 ? 40  THR A C   1 
ATOM   314  O O   . THR A 1 40  ? 7.87368   -4.79190  2.88293   1.000 13.34792 ? 40  THR A O   1 
ATOM   315  C CB  . THR A 1 40  ? 6.13104   -7.18548  3.47478   1.000 13.81630 ? 40  THR A CB  1 
ATOM   316  O OG1 . THR A 1 40  ? 7.17339   -8.05391  3.93238   1.000 14.84440 ? 40  THR A OG1 1 
ATOM   317  C CG2 . THR A 1 40  ? 4.80336   -7.93030  3.41927   1.000 15.96115 ? 40  THR A CG2 1 
ATOM   318  N N   . GLN A 1 41  ? 8.97523   -6.44855  1.82016   1.000 12.44124 ? 41  GLN A N   1 
ATOM   319  C CA  . GLN A 1 41  ? 10.29672  -5.87429  2.05913   1.000 12.61082 ? 41  GLN A CA  1 
ATOM   320  C C   . GLN A 1 41  ? 10.70905  -4.86150  1.00535   1.000 13.63170 ? 41  GLN A C   1 
ATOM   321  O O   . GLN A 1 41  ? 11.79386  -4.27704  1.13133   1.000 13.17537 ? 41  GLN A O   1 
ATOM   322  C CB  . GLN A 1 41  ? 11.34663  -6.97294  2.21165   1.000 12.86457 ? 41  GLN A CB  1 
ATOM   323  C CG  . GLN A 1 41  ? 11.11153  -7.87505  3.40474   1.000 13.15540 ? 41  GLN A CG  1 
ATOM   324  C CD  . GLN A 1 41  ? 12.31271  -8.74628  3.69246   1.000 14.90747 ? 41  GLN A CD  1 
ATOM   325  O OE1 . GLN A 1 41  ? 12.32958  -9.94636  3.39876   1.000 17.26345 ? 41  GLN A OE1 1 
ATOM   326  N NE2 . GLN A 1 41  ? 13.33661  -8.14950  4.23636   1.000 14.15165 ? 41  GLN A NE2 1 
ATOM   327  N N   . ALA A 1 42  ? 9.88401   -4.61585  -0.01182  1.000 12.28718 ? 42  ALA A N   1 
ATOM   328  C CA  . ALA A 1 42  ? 10.26285  -3.72058  -1.10019  1.000 12.43586 ? 42  ALA A CA  1 
ATOM   329  C C   . ALA A 1 42  ? 10.53799  -2.29223  -0.60783  1.000 11.13744 ? 42  ALA A C   1 
ATOM   330  O O   . ALA A 1 42  ? 9.75064   -1.70708  0.14429   1.000 11.65614 ? 42  ALA A O   1 
ATOM   331  C CB  . ALA A 1 42  ? 9.12129   -3.70063  -2.13455  1.000 13.18921 ? 42  ALA A CB  1 
ATOM   332  N N   . THR A 1 43  ? 11.65397  -1.72839  -1.06548  1.000 10.98804 ? 43  THR A N   1 
ATOM   333  C CA  . THR A 1 43  ? 12.01348  -0.33932  -0.80176  1.000 11.87373 ? 43  THR A CA  1 
ATOM   334  C C   . THR A 1 43  ? 12.49187  0.26457   -2.10477  1.000 12.60093 ? 43  THR A C   1 
ATOM   335  O O   . THR A 1 43  ? 13.18649  -0.38084  -2.89080  1.000 14.13295 ? 43  THR A O   1 
ATOM   336  C CB  . THR A 1 43  ? 13.13304  -0.17629  0.24697   1.000 13.43990 ? 43  THR A CB  1 
ATOM   337  O OG1 . THR A 1 43  ? 14.33615  -0.83847  -0.19474  1.000 13.34277 ? 43  THR A OG1 1 
ATOM   338  C CG2 . THR A 1 43  ? 12.67946  -0.68198  1.60484   1.000 13.66457 ? 43  THR A CG2 1 
ATOM   339  N N   . ASN A 1 44  ? 12.14954  1.52426   -2.32851  1.000 12.42882 ? 44  ASN A N   1 
ATOM   340  C CA  . ASN A 1 44  ? 12.62197  2.20973   -3.52191  1.000 14.07252 ? 44  ASN A CA  1 
ATOM   341  C C   . ASN A 1 44  ? 12.83031  3.68344   -3.22526  1.000 12.66513 ? 44  ASN A C   1 
ATOM   342  O O   . ASN A 1 44  ? 11.92510  4.34677   -2.71770  1.000 13.58429 ? 44  ASN A O   1 
ATOM   343  C CB  . ASN A 1 44  ? 11.60888  2.06904   -4.66434  1.000 16.32086 ? 44  ASN A CB  1 
ATOM   344  C CG  . ASN A 1 44  ? 11.55825  0.66697   -5.23407  1.000 18.32784 ? 44  ASN A CG  1 
ATOM   345  O OD1 . ASN A 1 44  ? 12.45586  0.23943   -5.96036  1.000 19.67299 ? 44  ASN A OD1 1 
ATOM   346  N ND2 . ASN A 1 44  ? 10.50436  -0.04626  -4.90991  1.000 18.05277 ? 44  ASN A ND2 1 
ATOM   347  N N   . ARG A 1 45  ? 14.00963  4.17704   -3.56162  1.000 13.91829 ? 45  ARG A N   1 
ATOM   348  C CA  . ARG A 1 45  ? 14.35298  5.56667   -3.32853  1.000 14.59152 ? 45  ARG A CA  1 
ATOM   349  C C   . ARG A 1 45  ? 13.72501  6.44144   -4.39703  1.000 17.11972 ? 45  ARG A C   1 
ATOM   350  O O   . ARG A 1 45  ? 13.73555  6.10237   -5.57890  1.000 19.10961 ? 45  ARG A O   1 
ATOM   351  C CB  . ARG A 1 45  ? 15.87231  5.72782   -3.38025  1.000 15.58518 ? 45  ARG A CB  1 
ATOM   352  C CG  . ARG A 1 45  ? 16.33561  7.14710   -3.08017  1.000 22.30719 ? 45  ARG A CG  1 
ATOM   353  C CD  . ARG A 1 45  ? 16.47606  7.41506   -1.60297  1.000 28.97350 ? 45  ARG A CD  1 
ATOM   354  N NE  . ARG A 1 45  ? 17.79131  6.99608   -1.14292  1.000 29.09159 ? 45  ARG A NE  1 
ATOM   355  C CZ  . ARG A 1 45  ? 18.51785  7.63527   -0.23444  1.000 24.29652 ? 45  ARG A CZ  1 
ATOM   356  N NH1 . ARG A 1 45  ? 18.09689  8.75710   0.33917   1.000 24.62055 ? 45  ARG A NH1 1 
ATOM   357  N NH2 . ARG A 1 45  ? 19.69660  7.14142   0.10599   1.000 27.13967 ? 45  ARG A NH2 1 
ATOM   358  N N   . ASN A 1 46  ? 13.19788  7.58311   -3.97766  1.000 14.31049 ? 46  ASN A N   1 
ATOM   359  C CA  . ASN A 1 46  ? 12.61538  8.56140   -4.89153  1.000 18.29647 ? 46  ASN A CA  1 
ATOM   360  C C   . ASN A 1 46  ? 13.63046  9.65223   -5.20816  1.000 20.03074 ? 46  ASN A C   1 
ATOM   361  O O   . ASN A 1 46  ? 14.58834  9.89037   -4.46399  1.000 19.13147 ? 46  ASN A O   1 
ATOM   362  C CB  . ASN A 1 46  ? 11.36526  9.20867   -4.28544  1.000 16.32607 ? 46  ASN A CB  1 
ATOM   363  C CG  . ASN A 1 46  ? 10.32418  8.19741   -3.86084  1.000 18.13113 ? 46  ASN A CG  1 
ATOM   364  O OD1 . ASN A 1 46  ? 9.82405   8.22880   -2.72044  1.000 21.03322 ? 46  ASN A OD1 1 
ATOM   365  N ND2 . ASN A 1 46  ? 10.01153  7.27769   -4.74982  1.000 20.27313 ? 46  ASN A ND2 1 
ATOM   366  N N   . THR A 1 47  ? 13.37617  10.34486  -6.31960  1.000 23.43294 ? 47  THR A N   1 
ATOM   367  C CA  . THR A 1 47  ? 14.25984  11.41393  -6.77678  1.000 25.16137 ? 47  THR A CA  1 
ATOM   368  C C   . THR A 1 47  ? 14.46882  12.47653  -5.70263  1.000 24.10186 ? 47  THR A C   1 
ATOM   369  O O   . THR A 1 47  ? 15.58221  12.99549  -5.53756  1.000 27.59853 ? 47  THR A O   1 
ATOM   370  C CB  . THR A 1 47  ? 13.65243  12.06857  -8.02129  1.000 27.03898 ? 47  THR A CB  1 
ATOM   371  O OG1 . THR A 1 47  ? 13.53001  11.09057  -9.06283  1.000 34.47752 ? 47  THR A OG1 1 
ATOM   372  C CG2 . THR A 1 47  ? 14.54178  13.20191  -8.49863  1.000 33.70892 ? 47  THR A CG2 1 
ATOM   373  N N   . ASP A 1 48  ? 13.40897  12.80874  -4.95874  1.000 23.01907 ? 48  ASP A N   1 
ATOM   374  C CA  . ASP A 1 48  ? 13.44028  13.88770  -3.98041  1.000 23.40188 ? 48  ASP A CA  1 
ATOM   375  C C   . ASP A 1 48  ? 14.16114  13.51374  -2.69497  1.000 27.31102 ? 48  ASP A C   1 
ATOM   376  O O   . ASP A 1 48  ? 14.17078  14.32445  -1.76578  1.000 29.52069 ? 48  ASP A O   1 
ATOM   377  C CB  . ASP A 1 48  ? 12.01493  14.41157  -3.70207  1.000 27.22298 ? 48  ASP A CB  1 
ATOM   378  C CG  . ASP A 1 48  ? 11.10939  13.39245  -2.98266  1.000 26.26655 ? 48  ASP A CG  1 
ATOM   379  O OD1 . ASP A 1 48  ? 11.57515  12.29139  -2.60660  1.000 22.87662 ? 48  ASP A OD1 1 
ATOM   380  O OD2 . ASP A 1 48  ? 9.91335   13.70345  -2.78063  1.000 28.27796 ? 48  ASP A OD2 1 
ATOM   381  N N   . GLY A 1 49  ? 14.74624  12.31257  -2.61652  1.000 21.31451 ? 49  GLY A N   1 
ATOM   382  C CA  . GLY A 1 49  ? 15.46412  11.86207  -1.44149  1.000 23.28804 ? 49  GLY A CA  1 
ATOM   383  C C   . GLY A 1 49  ? 14.65117  10.99908  -0.49782  1.000 21.77681 ? 49  GLY A C   1 
ATOM   384  O O   . GLY A 1 49  ? 15.23342  10.33703  0.37922   1.000 22.83442 ? 49  GLY A O   1 
ATOM   385  N N   . SER A 1 50  ? 13.33347  10.99362  -0.64312  1.000 19.34632 ? 50  SER A N   1 
ATOM   386  C CA  . SER A 1 50  ? 12.48660  10.14292  0.16621   1.000 15.15326 ? 50  SER A CA  1 
ATOM   387  C C   . SER A 1 50  ? 12.57152  8.70125   -0.34705  1.000 12.81370 ? 50  SER A C   1 
ATOM   388  O O   . SER A 1 50  ? 13.17088  8.43217   -1.37692  1.000 15.01856 ? 50  SER A O   1 
ATOM   389  C CB  . SER A 1 50  ? 11.05139  10.66310  0.13642   1.000 16.62042 ? 50  SER A CB  1 
ATOM   390  O OG  . SER A 1 50  ? 10.47444  10.50844  -1.15333  1.000 16.12592 ? 50  SER A OG  1 
ATOM   391  N N   . THR A 1 51  ? 11.97167  7.77865   0.40434   1.000 13.07242 ? 51  THR A N   1 
ATOM   392  C CA  . THR A 1 51  ? 11.96503  6.36475   0.05119   1.000 12.16878 ? 51  THR A CA  1 
ATOM   393  C C   . THR A 1 51  ? 10.55083  5.84323   0.27133   1.000 13.02963 ? 51  THR A C   1 
ATOM   394  O O   . THR A 1 51  ? 9.84589   6.27926   1.18947   1.000 13.00672 ? 51  THR A O   1 
ATOM   395  C CB  . THR A 1 51  ? 12.99325  5.58845   0.91032   1.000 11.85869 ? 51  THR A CB  1 
ATOM   396  O OG1 . THR A 1 51  ? 14.30216  6.13845   0.69477   1.000 13.19922 ? 51  THR A OG1 1 
ATOM   397  C CG2 . THR A 1 51  ? 13.03097  4.11200   0.55283   1.000 15.19292 ? 51  THR A CG2 1 
ATOM   398  N N   . ASP A 1 52  ? 10.12537  4.90586   -0.59061  1.000 12.20706 ? 52  ASP A N   1 
ATOM   399  C CA  . ASP A 1 52  ? 8.83994   4.20700   -0.48563  1.000 12.17897 ? 52  ASP A CA  1 
ATOM   400  C C   . ASP A 1 52  ? 9.07281   2.81974   0.11050   1.000 10.43378 ? 52  ASP A C   1 
ATOM   401  O O   . ASP A 1 52  ? 10.02274  2.11745   -0.28547  1.000 11.52301 ? 52  ASP A O   1 
ATOM   402  C CB  . ASP A 1 52  ? 8.21783   4.03339   -1.87042  1.000 12.82428 ? 52  ASP A CB  1 
ATOM   403  C CG  . ASP A 1 52  ? 7.71302   5.32538   -2.45548  1.000 15.88545 ? 52  ASP A CG  1 
ATOM   404  O OD1 . ASP A 1 52  ? 7.62083   6.34132   -1.75123  1.000 15.08192 ? 52  ASP A OD1 1 
ATOM   405  O OD2 . ASP A 1 52  ? 7.33957   5.29754   -3.65607  1.000 19.00042 ? 52  ASP A OD2 1 
ATOM   406  N N   . TYR A 1 53  ? 8.19472   2.41859   1.02158   1.000 11.70460 ? 53  TYR A N   1 
ATOM   407  C CA  . TYR A 1 53  ? 8.39028   1.21054   1.80745   1.000 10.80962 ? 53  TYR A CA  1 
ATOM   408  C C   . TYR A 1 53  ? 7.16952   0.29944   1.77778   1.000 13.58761 ? 53  TYR A C   1 
ATOM   409  O O   . TYR A 1 53  ? 6.04246   0.74864   1.98558   1.000 12.20028 ? 53  TYR A O   1 
ATOM   410  C CB  . TYR A 1 53  ? 8.59328   1.58736   3.29219   1.000 12.44111 ? 53  TYR A CB  1 
ATOM   411  C CG  . TYR A 1 53  ? 9.86358   2.35713   3.53450   1.000 12.44308 ? 53  TYR A CG  1 
ATOM   412  C CD1 . TYR A 1 53  ? 9.89014   3.74596   3.39838   1.000 12.25843 ? 53  TYR A CD1 1 
ATOM   413  C CD2 . TYR A 1 53  ? 11.04901  1.68991   3.89249   1.000 12.68287 ? 53  TYR A CD2 1 
ATOM   414  C CE1 . TYR A 1 53  ? 11.08613  4.45911   3.60340   1.000 12.48706 ? 53  TYR A CE1 1 
ATOM   415  C CE2 . TYR A 1 53  ? 12.23972  2.39856   4.09910   1.000 12.53572 ? 53  TYR A CE2 1 
ATOM   416  C CZ  . TYR A 1 53  ? 12.23808  3.77117   3.93386   1.000 11.53962 ? 53  TYR A CZ  1 
ATOM   417  O OH  . TYR A 1 53  ? 13.36572  4.48481   4.13507   1.000 13.19459 ? 53  TYR A OH  1 
ATOM   418  N N   . GLY A 1 54  ? 7.42272   -0.99215  1.59520   1.000 11.61100 ? 54  GLY A N   1 
ATOM   419  C CA  . GLY A 1 54  ? 6.43399   -2.03535  1.85262   1.000 12.34507 ? 54  GLY A CA  1 
ATOM   420  C C   . GLY A 1 54  ? 5.52163   -2.33053  0.68416   1.000 11.55284 ? 54  GLY A C   1 
ATOM   421  O O   . GLY A 1 54  ? 5.70631   -1.88072  -0.44246  1.000 11.68818 ? 54  GLY A O   1 
ATOM   422  N N   . ILE A 1 55  ? 4.51137   -3.15721  0.98832   1.000 13.72854 ? 55  ILE A N   1 
ATOM   423  C CA  . ILE A 1 55  ? 3.62011   -3.67775  -0.05168  1.000 13.31753 ? 55  ILE A CA  1 
ATOM   424  C C   . ILE A 1 55  ? 2.89319   -2.57506  -0.80162  1.000 13.34356 ? 55  ILE A C   1 
ATOM   425  O O   . ILE A 1 55  ? 2.51906   -2.75485  -1.96516  1.000 15.10096 ? 55  ILE A O   1 
ATOM   426  C CB  . ILE A 1 55  ? 2.57106   -4.67648  0.48621   1.000 22.55098 ? 55  ILE A CB  1 
ATOM   427  C CG1 . ILE A 1 55  ? 1.71250   -4.05100  1.59245   1.000 18.96641 ? 55  ILE A CG1 1 
ATOM   428  C CG2 . ILE A 1 55  ? 3.18801   -5.99842  0.85976   1.000 24.44256 ? 55  ILE A CG2 1 
ATOM   429  C CD1 . ILE A 1 55  ? 0.40299   -4.79737  1.79035   1.000 24.40748 ? 55  ILE A CD1 1 
ATOM   430  N N   . LEU A 1 56  ? 2.65697   -1.43153  -0.15414  1.000 13.39324 ? 56  LEU A N   1 
ATOM   431  C CA  . LEU A 1 56  ? 1.98057   -0.30871  -0.79076  1.000 14.55618 ? 56  LEU A CA  1 
ATOM   432  C C   . LEU A 1 56  ? 2.90372   0.88981   -0.97610  1.000 13.41140 ? 56  LEU A C   1 
ATOM   433  O O   . LEU A 1 56  ? 2.44375   1.99430   -1.31929  1.000 14.89115 ? 56  LEU A O   1 
ATOM   434  C CB  . LEU A 1 56  ? 0.67669   0.05917   -0.07556  1.000 15.14888 ? 56  LEU A CB  1 
ATOM   435  C CG  . LEU A 1 56  ? -0.43926  -0.97667  -0.31645  1.000 13.67742 ? 56  LEU A CG  1 
ATOM   436  C CD1 . LEU A 1 56  ? -1.55218  -0.71675  0.68815   1.000 18.67657 ? 56  LEU A CD1 1 
ATOM   437  C CD2 . LEU A 1 56  ? -0.97931  -0.99952  -1.74282  1.000 16.58750 ? 56  LEU A CD2 1 
ATOM   438  N N   . GLN A 1 57  ? 4.21254   0.69399   -0.80647  1.000 12.88147 ? 57  GLN A N   1 
ATOM   439  C CA  . GLN A 1 57  ? 5.20501   1.68350   -1.19727  1.000 13.13054 ? 57  GLN A CA  1 
ATOM   440  C C   . GLN A 1 57  ? 4.88627   3.06347   -0.60591  1.000 13.12045 ? 57  GLN A C   1 
ATOM   441  O O   . GLN A 1 57  ? 4.77885   4.06297   -1.31837  1.000 14.93173 ? 57  GLN A O   1 
ATOM   442  C CB  . GLN A 1 57  ? 5.35661   1.71456   -2.71680  1.000 12.68965 ? 57  GLN A CB  1 
ATOM   443  C CG  . GLN A 1 57  ? 6.07641   0.47735   -3.24782  1.000 12.17104 ? 57  GLN A CG  1 
ATOM   444  C CD  . GLN A 1 57  ? 7.50523   0.47031   -2.79955  1.000 12.49332 ? 57  GLN A CD  1 
ATOM   445  O OE1 . GLN A 1 57  ? 8.35519   1.13670   -3.38023  1.000 14.46031 ? 57  GLN A OE1 1 
ATOM   446  N NE2 . GLN A 1 57  ? 7.78296   -0.28967  -1.74121  1.000 12.81117 ? 57  GLN A NE2 1 
ATOM   447  N N   . ILE A 1 58  ? 4.70279   3.08978   0.70337   1.000 11.85454 ? 58  ILE A N   1 
ATOM   448  C CA  . ILE A 1 58  ? 4.34054   4.30327   1.42718   1.000 14.53991 ? 58  ILE A CA  1 
ATOM   449  C C   . ILE A 1 58  ? 5.58086   5.15750   1.64033   1.000 11.76113 ? 58  ILE A C   1 
ATOM   450  O O   . ILE A 1 58  ? 6.65600   4.66140   2.03027   1.000 14.01308 ? 58  ILE A O   1 
ATOM   451  C CB  . ILE A 1 58  ? 3.66117   3.91815   2.74010   1.000 13.83085 ? 58  ILE A CB  1 
ATOM   452  C CG1 . ILE A 1 58  ? 2.26837   3.35994   2.37412   1.000 15.28092 ? 58  ILE A CG1 1 
ATOM   453  C CG2 . ILE A 1 58  ? 3.55027   5.10701   3.66385   1.000 15.81384 ? 58  ILE A CG2 1 
ATOM   454  C CD1 . ILE A 1 58  ? 1.50960   2.73548   3.50071   1.000 19.38621 ? 58  ILE A CD1 1 
ATOM   455  N N   . ASN A 1 59  ? 5.42936   6.46074   1.39511   1.000 14.08199 ? 59  ASN A N   1 
ATOM   456  C CA  . ASN A 1 59  ? 6.54758   7.37285   1.21565   1.000 15.58995 ? 59  ASN A CA  1 
ATOM   457  C C   . ASN A 1 59  ? 6.95474   8.06236   2.51619   1.000 15.77612 ? 59  ASN A C   1 
ATOM   458  O O   . ASN A 1 59  ? 6.11045   8.55674   3.26354   1.000 20.60141 ? 59  ASN A O   1 
ATOM   459  C CB  . ASN A 1 59  ? 6.14049   8.41388   0.17318   1.000 18.42597 ? 59  ASN A CB  1 
ATOM   460  C CG  . ASN A 1 59  ? 7.22752   9.38358   -0.12426  1.000 22.32501 ? 59  ASN A CG  1 
ATOM   461  O OD1 . ASN A 1 59  ? 7.28489   10.46280  0.46813   1.000 28.47604 ? 59  ASN A OD1 1 
ATOM   462  N ND2 . ASN A 1 59  ? 8.08354   9.03637   -1.06097  1.000 28.77811 ? 59  ASN A ND2 1 
ATOM   463  N N   . SER A 1 60  ? 8.27102   8.14986   2.73825   1.000 14.70218 ? 60  SER A N   1 
ATOM   464  C CA  . SER A 1 60  ? 8.83085   8.73729   3.94401   1.000 14.90340 ? 60  SER A CA  1 
ATOM   465  C C   . SER A 1 60  ? 8.76477   10.25982  3.97319   1.000 17.56037 ? 60  SER A C   1 
ATOM   466  O O   . SER A 1 60  ? 9.07249   10.83110  5.02262   1.000 20.96405 ? 60  SER A O   1 
ATOM   467  C CB  . SER A 1 60  ? 10.28048  8.28347   4.12311   1.000 15.14900 ? 60  SER A CB  1 
ATOM   468  O OG  . SER A 1 60  ? 11.04611  8.74551   3.04874   1.000 13.33227 ? 60  SER A OG  1 
ATOM   469  N N   . ARG A 1 61  ? 8.41496   10.93157  2.87885   1.000 19.47892 ? 61  ARG A N   1 
ATOM   470  C CA  . ARG A 1 61  ? 8.29868   12.38729  2.98020   1.000 24.89496 ? 61  ARG A CA  1 
ATOM   471  C C   . ARG A 1 61  ? 7.09361   12.79328  3.80875   1.000 21.53816 ? 61  ARG A C   1 
ATOM   472  O O   . ARG A 1 61  ? 7.14549   13.79749  4.53204   1.000 25.86450 ? 61  ARG A O   1 
ATOM   473  C CB  . ARG A 1 61  ? 8.23509   13.04745  1.60383   1.000 26.94776 ? 61  ARG A CB  1 
ATOM   474  C CG  . ARG A 1 61  ? 8.04324   14.57596  1.67260   1.000 30.02295 ? 61  ARG A CG  1 
ATOM   475  C CD  . ARG A 1 61  ? 8.51124   15.25567  0.39192   1.000 38.25748 ? 61  ARG A CD  1 
ATOM   476  N NE  . ARG A 1 61  ? 9.85146   14.81997  0.02161   0.000 32.62047 ? 61  ARG A NE  1 
ATOM   477  C CZ  . ARG A 1 61  ? 10.95839  15.17470  0.65976   1.000 37.84982 ? 61  ARG A CZ  1 
ATOM   478  N NH1 . ARG A 1 61  ? 10.92386  15.96579  1.72316   1.000 43.42677 ? 61  ARG A NH1 1 
ATOM   479  N NH2 . ARG A 1 61  ? 12.13166  14.72740  0.22038   1.000 38.65817 ? 61  ARG A NH2 1 
ATOM   480  N N   . TRP A 1 62  ? 6.02343   12.01513  3.76419   1.000 18.40621 ? 62  TRP A N   1 
ATOM   481  C CA  . TRP A 1 62  ? 4.81024   12.37867  4.47721   1.000 19.39427 ? 62  TRP A CA  1 
ATOM   482  C C   . TRP A 1 62  ? 4.39667   11.40619  5.56412   1.000 20.47583 ? 62  TRP A C   1 
ATOM   483  O O   . TRP A 1 62  ? 3.85168   11.83554  6.58399   1.000 22.49955 ? 62  TRP A O   1 
ATOM   484  C CB  . TRP A 1 62  ? 3.62149   12.51986  3.49974   1.000 20.67245 ? 62  TRP A CB  1 
ATOM   485  C CG  . TRP A 1 62  ? 3.90657   13.40313  2.29338   1.000 26.61138 ? 62  TRP A CG  1 
ATOM   486  C CD1 . TRP A 1 62  ? 4.31638   12.99384  1.05734   1.000 29.71074 ? 62  TRP A CD1 1 
ATOM   487  C CD2 . TRP A 1 62  ? 3.81284   14.84086  2.22366   1.000 35.33935 ? 62  TRP A CD2 1 
ATOM   488  N NE1 . TRP A 1 62  ? 4.48075   14.07924  0.22368   1.000 39.65637 ? 62  TRP A NE1 1 
ATOM   489  C CE2 . TRP A 1 62  ? 4.17427   15.22170  0.91589   1.000 32.27175 ? 62  TRP A CE2 1 
ATOM   490  C CE3 . TRP A 1 62  ? 3.44624   15.83418  3.13488   1.000 38.11453 ? 62  TRP A CE3 1 
ATOM   491  C CZ2 . TRP A 1 62  ? 4.18576   16.55326  0.50153   0.748 44.70814 ? 62  TRP A CZ2 1 
ATOM   492  C CZ3 . TRP A 1 62  ? 3.46070   17.15450  2.72245   0.000 40.41272 ? 62  TRP A CZ3 1 
ATOM   493  C CH2 . TRP A 1 62  ? 3.82691   17.50159  1.41759   0.000 43.67847 ? 62  TRP A CH2 1 
ATOM   494  N N   . TRP A 1 63  ? 4.64033   10.10243  5.40208   1.000 16.75484 ? 63  TRP A N   1 
ATOM   495  C CA  . TRP A 1 63  ? 3.84625   9.13714   6.15062   1.000 16.77287 ? 63  TRP A CA  1 
ATOM   496  C C   . TRP A 1 63  ? 4.59737   8.38774   7.23425   1.000 13.94265 ? 63  TRP A C   1 
ATOM   497  O O   . TRP A 1 63  ? 3.97894   7.95438   8.19465   1.000 16.92694 ? 63  TRP A O   1 
ATOM   498  C CB  . TRP A 1 63  ? 3.17916   8.13063   5.20254   1.000 13.36479 ? 63  TRP A CB  1 
ATOM   499  C CG  . TRP A 1 63  ? 2.35830   8.85444   4.15588   1.000 16.38270 ? 63  TRP A CG  1 
ATOM   500  C CD1 . TRP A 1 63  ? 2.66234   9.00899   2.84375   1.000 15.95729 ? 63  TRP A CD1 1 
ATOM   501  C CD2 . TRP A 1 63  ? 1.13400   9.56081   4.36884   1.000 16.48411 ? 63  TRP A CD2 1 
ATOM   502  N NE1 . TRP A 1 63  ? 1.69914   9.76519   2.21496   1.000 18.57586 ? 63  TRP A NE1 1 
ATOM   503  C CE2 . TRP A 1 63  ? 0.76020   10.12049  3.14006   1.000 17.08511 ? 63  TRP A CE2 1 
ATOM   504  C CE3 . TRP A 1 63  ? 0.32737   9.77963   5.48314   1.000 16.12386 ? 63  TRP A CE3 1 
ATOM   505  C CZ2 . TRP A 1 63  ? -0.41247  10.86398  2.98412   1.000 18.23268 ? 63  TRP A CZ2 1 
ATOM   506  C CZ3 . TRP A 1 63  ? -0.83300  10.52020  5.32403   1.000 20.89856 ? 63  TRP A CZ3 1 
ATOM   507  C CH2 . TRP A 1 63  ? -1.17876  11.04905  4.09611   1.000 18.99076 ? 63  TRP A CH2 1 
ATOM   508  N N   . CYS A 1 64  ? 5.90398   8.18472   7.08779   1.000 16.15570 ? 64  CYS A N   1 
ATOM   509  C CA  . CYS A 1 64  ? 6.64724   7.40389   8.07044   1.000 15.08980 ? 64  CYS A CA  1 
ATOM   510  C C   . CYS A 1 64  ? 8.01965   8.02246   8.26546   1.000 12.78636 ? 64  CYS A C   1 
ATOM   511  O O   . CYS A 1 64  ? 8.48513   8.78304   7.42736   1.000 15.43063 ? 64  CYS A O   1 
ATOM   512  C CB  . CYS A 1 64  ? 6.76451   5.92650   7.66367   1.000 14.67659 ? 64  CYS A CB  1 
ATOM   513  S SG  . CYS A 1 64  ? 7.63948   5.64040   6.09112   1.000 13.83337 ? 64  CYS A SG  1 
ATOM   514  N N   . ASN A 1 65  ? 8.66697   7.68152   9.38665   1.000 15.20810 ? 65  ASN A N   1 
ATOM   515  C CA  . ASN A 1 65  ? 9.99417   8.20740   9.67098   1.000 16.64880 ? 65  ASN A CA  1 
ATOM   516  C C   . ASN A 1 65  ? 11.06045  7.18821   9.28989   1.000 13.40992 ? 65  ASN A C   1 
ATOM   517  O O   . ASN A 1 65  ? 11.08090  6.08810   9.84028   1.000 14.49788 ? 65  ASN A O   1 
ATOM   518  C CB  . ASN A 1 65  ? 10.14386  8.53434   11.15591  1.000 15.90895 ? 65  ASN A CB  1 
ATOM   519  C CG  . ASN A 1 65  ? 11.53824  8.94112   11.47083  1.000 19.19110 ? 65  ASN A CG  1 
ATOM   520  O OD1 . ASN A 1 65  ? 12.06775  9.85077   10.82739  1.000 24.27795 ? 65  ASN A OD1 1 
ATOM   521  N ND2 . ASN A 1 65  ? 12.19496  8.17802   12.32560  1.000 26.48832 ? 65  ASN A ND2 1 
ATOM   522  N N   . ASP A 1 66  ? 11.98202  7.58170   8.42023   1.000 13.85001 ? 66  ASP A N   1 
ATOM   523  C CA  . ASP A 1 66  ? 13.14735  6.74456   8.12510   1.000 14.66762 ? 66  ASP A CA  1 
ATOM   524  C C   . ASP A 1 66  ? 14.46625  7.37160   8.54914   1.000 15.08175 ? 66  ASP A C   1 
ATOM   525  O O   . ASP A 1 66  ? 15.52180  6.78409   8.27299   1.000 15.18106 ? 66  ASP A O   1 
ATOM   526  C CB  . ASP A 1 66  ? 13.16527  6.27029   6.65925   1.000 14.13265 ? 66  ASP A CB  1 
ATOM   527  C CG  . ASP A 1 66  ? 13.47065  7.35421   5.66133   1.000 11.54565 ? 66  ASP A CG  1 
ATOM   528  O OD1 . ASP A 1 66  ? 13.77334  8.52685   6.02449   1.000 13.42429 ? 66  ASP A OD1 1 
ATOM   529  O OD2 . ASP A 1 66  ? 13.43651  7.05592   4.44201   1.000 13.14787 ? 66  ASP A OD2 1 
ATOM   530  N N   . GLY A 1 67  ? 14.43061  8.51848   9.22719   1.000 15.66803 ? 67  GLY A N   1 
ATOM   531  C CA  . GLY A 1 67  ? 15.62239  9.17299   9.73136   1.000 16.71443 ? 67  GLY A CA  1 
ATOM   532  C C   . GLY A 1 67  ? 16.51297  9.81139   8.69405   1.000 16.33579 ? 67  GLY A C   1 
ATOM   533  O O   . GLY A 1 67  ? 17.57471  10.34829  9.05620   1.000 21.00949 ? 67  GLY A O   1 
ATOM   534  N N   . ARG A 1 68  ? 16.15309  9.77792   7.40600   1.000 16.11973 ? 68  ARG A N   1 
ATOM   535  C CA  . ARG A 1 68  ? 17.01550  10.36843  6.38799   1.000 15.87810 ? 68  ARG A CA  1 
ATOM   536  C C   . ARG A 1 68  ? 16.26367  11.21238  5.36525   1.000 16.51325 ? 68  ARG A C   1 
ATOM   537  O O   . ARG A 1 68  ? 16.82310  11.51829  4.30814   1.000 19.74382 ? 68  ARG A O   1 
ATOM   538  C CB  . ARG A 1 68  ? 17.88276  9.30778   5.67643   1.000 16.29246 ? 68  ARG A CB  1 
ATOM   539  C CG  . ARG A 1 68  ? 17.08328  8.31871   4.86849   1.000 14.57520 ? 68  ARG A CG  1 
ATOM   540  C CD  . ARG A 1 68  ? 17.98964  7.41637   4.10192   1.000 17.32259 ? 68  ARG A CD  1 
ATOM   541  N NE  . ARG A 1 68  ? 17.22698  6.69923   3.09271   1.000 15.24827 ? 68  ARG A NE  1 
ATOM   542  C CZ  . ARG A 1 68  ? 17.71644  5.69697   2.37561   1.000 14.19562 ? 68  ARG A CZ  1 
ATOM   543  N NH1 . ARG A 1 68  ? 18.92074  5.19564   2.62300   1.000 14.84603 ? 68  ARG A NH1 1 
ATOM   544  N NH2 . ARG A 1 68  ? 16.96587  5.17412   1.40302   1.000 15.67875 ? 68  ARG A NH2 1 
ATOM   545  N N   . THR A 1 69  ? 15.01866  11.60157  5.64375   1.000 15.93511 ? 69  THR A N   1 
ATOM   546  C CA  . THR A 1 69  ? 14.18899  12.34999  4.70434   1.000 16.14633 ? 69  THR A CA  1 
ATOM   547  C C   . THR A 1 69  ? 13.92457  13.72890  5.29080   1.000 18.66170 ? 69  THR A C   1 
ATOM   548  O O   . THR A 1 69  ? 12.99817  13.89656  6.09835   1.000 19.36830 ? 69  THR A O   1 
ATOM   549  C CB  . THR A 1 69  ? 12.87639  11.61576  4.42113   1.000 17.80956 ? 69  THR A CB  1 
ATOM   550  O OG1 . THR A 1 69  ? 13.18070  10.28119  4.00301   1.000 16.63471 ? 69  THR A OG1 1 
ATOM   551  C CG2 . THR A 1 69  ? 12.14055  12.29096  3.29839   1.000 17.18411 ? 69  THR A CG2 1 
ATOM   552  N N   . PRO A 1 70  ? 14.73671  14.72854  4.95375   1.000 21.84846 ? 70  PRO A N   1 
ATOM   553  C CA  . PRO A 1 70  ? 14.52102  16.07729  5.50374   1.000 25.73946 ? 70  PRO A CA  1 
ATOM   554  C C   . PRO A 1 70  ? 13.11959  16.59671  5.21878   1.000 30.51040 ? 70  PRO A C   1 
ATOM   555  O O   . PRO A 1 70  ? 12.61715  16.51297  4.09408   1.000 32.27903 ? 70  PRO A O   1 
ATOM   556  C CB  . PRO A 1 70  ? 15.58704  16.91471  4.78765   1.000 30.19529 ? 70  PRO A CB  1 
ATOM   557  C CG  . PRO A 1 70  ? 16.69069  15.93748  4.51959   1.000 28.98415 ? 70  PRO A CG  1 
ATOM   558  C CD  . PRO A 1 70  ? 15.98133  14.64800  4.16882   1.000 23.35502 ? 70  PRO A CD  1 
ATOM   559  N N   . GLY A 1 71  ? 12.48806  17.13783  6.25972   1.000 28.78916 ? 71  GLY A N   1 
ATOM   560  C CA  . GLY A 1 71  ? 11.14040  17.65844  6.14000   1.000 31.45123 ? 71  GLY A CA  1 
ATOM   561  C C   . GLY A 1 71  ? 10.03671  16.65064  6.36049   1.000 30.81616 ? 71  GLY A C   1 
ATOM   562  O O   . GLY A 1 71  ? 8.86015   17.00059  6.20615   1.000 31.91227 ? 71  GLY A O   1 
ATOM   563  N N   . SER A 1 72  ? 10.36128  15.41593  6.73060   1.000 25.76248 ? 72  SER A N   1 
ATOM   564  C CA  . SER A 1 72  ? 9.33135   14.39174  6.82748   1.000 33.95306 ? 72  SER A CA  1 
ATOM   565  C C   . SER A 1 72  ? 8.34240   14.73110  7.93469   1.000 32.56384 ? 72  SER A C   1 
ATOM   566  O O   . SER A 1 72  ? 8.71760   15.25268  8.98752   1.000 30.45591 ? 72  SER A O   1 
ATOM   567  C CB  . SER A 1 72  ? 9.96481   13.02622  7.09335   1.000 35.35271 ? 72  SER A CB  1 
ATOM   568  O OG  . SER A 1 72  ? 10.23769  12.84507  8.46984   1.000 42.56100 ? 72  SER A OG  1 
ATOM   569  N N   . ARG A 1 73  ? 7.06771   14.42816  7.68907   1.000 26.24960 ? 73  ARG A N   1 
ATOM   570  C CA  . ARG A 1 73  ? 5.99945   14.72895  8.63071   1.000 30.89068 ? 73  ARG A CA  1 
ATOM   571  C C   . ARG A 1 73  ? 5.58005   13.55617  9.51580   1.000 30.28040 ? 73  ARG A C   1 
ATOM   572  O O   . ARG A 1 73  ? 4.93187   13.78576  10.54602  1.000 32.86598 ? 73  ARG A O   1 
ATOM   573  C CB  . ARG A 1 73  ? 4.77365   15.25831  7.87708   1.000 28.12914 ? 73  ARG A CB  1 
ATOM   574  C CG  . ARG A 1 73  ? 4.95879   16.63222  7.27234   1.000 31.61664 ? 73  ARG A CG  1 
ATOM   575  C CD  . ARG A 1 73  ? 5.23281   17.67708  8.34424   0.000 29.76319 ? 73  ARG A CD  1 
ATOM   576  N NE  . ARG A 1 73  ? 4.49846   17.41274  9.57677   0.000 27.76436 ? 73  ARG A NE  1 
ATOM   577  C CZ  . ARG A 1 73  ? 3.25589   17.80903  9.81522   0.000 26.74889 ? 73  ARG A CZ  1 
ATOM   578  N NH1 . ARG A 1 73  ? 2.56443   18.49432  8.91961   0.000 26.95761 ? 73  ARG A NH1 1 
ATOM   579  N NH2 . ARG A 1 73  ? 2.69255   17.50901  10.98216  0.000 25.80874 ? 73  ARG A NH2 1 
ATOM   580  N N   . ASN A 1 74  ? 5.90705   12.32252  9.13726   1.000 22.15935 ? 74  ASN A N   1 
ATOM   581  C CA  . ASN A 1 74  ? 5.54383   11.10031  9.87125   1.000 20.38701 ? 74  ASN A CA  1 
ATOM   582  C C   . ASN A 1 74  ? 4.06846   11.06316  10.29018  1.000 18.62235 ? 74  ASN A C   1 
ATOM   583  O O   . ASN A 1 74  ? 3.72818   10.80633  11.44934  1.000 20.67498 ? 74  ASN A O   1 
ATOM   584  C CB  . ASN A 1 74  ? 6.47251   10.82833  11.06011  1.000 22.11751 ? 74  ASN A CB  1 
ATOM   585  C CG  . ASN A 1 74  ? 6.31226   9.41786   11.61797  1.000 21.26750 ? 74  ASN A CG  1 
ATOM   586  O OD1 . ASN A 1 74  ? 5.66948   8.57161   10.99062  1.000 19.14371 ? 74  ASN A OD1 1 
ATOM   587  N ND2 . ASN A 1 74  ? 6.87041   9.15743   12.79278  1.000 20.56676 ? 74  ASN A ND2 1 
ATOM   588  N N   . LEU A 1 75  ? 3.19314   11.22060  9.29630   1.000 20.08829 ? 75  LEU A N   1 
ATOM   589  C CA  . LEU A 1 75  ? 1.76912   11.35278  9.60275   1.000 20.95839 ? 75  LEU A CA  1 
ATOM   590  C C   . LEU A 1 75  ? 1.14294   10.05503  10.11108  1.000 20.62596 ? 75  LEU A C   1 
ATOM   591  O O   . LEU A 1 75  ? 0.11005   10.09862  10.79759  1.000 22.67918 ? 75  LEU A O   1 
ATOM   592  C CB  . LEU A 1 75  ? 1.01187   11.95326  8.41724   1.000 21.35306 ? 75  LEU A CB  1 
ATOM   593  C CG  . LEU A 1 75  ? 1.37717   13.39084  8.05300   1.000 21.82569 ? 75  LEU A CG  1 
ATOM   594  C CD1 . LEU A 1 75  ? 0.72280   13.79399  6.75230   1.000 25.13801 ? 75  LEU A CD1 1 
ATOM   595  C CD2 . LEU A 1 75  ? 1.02641   14.36352  9.18604   1.000 26.89274 ? 75  LEU A CD2 1 
ATOM   596  N N   . CYS A 1 76  ? 1.73251   8.89842   9.80123   1.000 18.83353 ? 76  CYS A N   1 
ATOM   597  C CA  . CYS A 1 76  ? 1.25265   7.64208   10.35101  1.000 17.22929 ? 76  CYS A CA  1 
ATOM   598  C C   . CYS A 1 76  ? 1.90612   7.28337   11.68115  1.000 20.91041 ? 76  CYS A C   1 
ATOM   599  O O   . CYS A 1 76  ? 1.57129   6.24747   12.26214  1.000 19.20995 ? 76  CYS A O   1 
ATOM   600  C CB  . CYS A 1 76  ? 1.43321   6.50067   9.34035   1.000 18.80937 ? 76  CYS A CB  1 
ATOM   601  S SG  . CYS A 1 76  ? 0.36328   6.71543   7.87053   1.000 18.01493 ? 76  CYS A SG  1 
ATOM   602  N N   . ASN A 1 77  ? 2.83656   8.11455   12.15989  1.000 20.40461 ? 77  ASN A N   1 
ATOM   603  C CA  . ASN A 1 77  ? 3.48638   7.93626   13.46048  1.000 20.47965 ? 77  ASN A CA  1 
ATOM   604  C C   . ASN A 1 77  ? 4.10926   6.54802   13.60845  1.000 22.52875 ? 77  ASN A C   1 
ATOM   605  O O   . ASN A 1 77  ? 3.85582   5.81844   14.56891  1.000 22.49037 ? 77  ASN A O   1 
ATOM   606  C CB  . ASN A 1 77  ? 2.53381   8.28473   14.61368  1.000 22.76054 ? 77  ASN A CB  1 
ATOM   607  C CG  . ASN A 1 77  ? 2.12207   9.75273   14.59160  1.000 31.10266 ? 77  ASN A CG  1 
ATOM   608  O OD1 . ASN A 1 77  ? 2.94106   10.64304  14.83724  0.346 26.43594 ? 77  ASN A OD1 1 
ATOM   609  N ND2 . ASN A 1 77  ? 0.84988   10.01249  14.27534  1.000 39.12279 ? 77  ASN A ND2 1 
ATOM   610  N N   . ILE A 1 78  ? 4.94481   6.18644   12.63361  1.000 17.77599 ? 78  ILE A N   1 
ATOM   611  C CA  . ILE A 1 78  ? 5.57853   4.86914   12.62111  1.000 21.09960 ? 78  ILE A CA  1 
ATOM   612  C C   . ILE A 1 78  ? 6.96775   4.99226   12.01673  1.000 17.40425 ? 78  ILE A C   1 
ATOM   613  O O   . ILE A 1 78  ? 7.19066   5.82176   11.11578  1.000 16.61162 ? 78  ILE A O   1 
ATOM   614  C CB  . ILE A 1 78  ? 4.77129   3.84587   11.80004  1.000 20.31260 ? 78  ILE A CB  1 
ATOM   615  C CG1 . ILE A 1 78  ? 4.40535   4.44466   10.43989  1.000 18.70571 ? 78  ILE A CG1 1 
ATOM   616  C CG2 . ILE A 1 78  ? 3.58663   3.28356   12.60237  1.000 24.25944 ? 78  ILE A CG2 1 
ATOM   617  C CD1 . ILE A 1 78  ? 3.88161   3.41696   9.46293   1.000 24.00014 ? 78  ILE A CD1 1 
ATOM   618  N N   . PRO A 1 79  ? 7.91533   4.16577   12.43223  1.000 18.24446 ? 79  PRO A N   1 
ATOM   619  C CA  . PRO A 1 79  ? 9.13387   4.01590   11.63165  1.000 18.01405 ? 79  PRO A CA  1 
ATOM   620  C C   . PRO A 1 79  ? 8.80715   3.34813   10.30116  1.000 14.29850 ? 79  PRO A C   1 
ATOM   621  O O   . PRO A 1 79  ? 7.98079   2.43609   10.22471  1.000 14.67077 ? 79  PRO A O   1 
ATOM   622  C CB  . PRO A 1 79  ? 10.01087  3.10957   12.49253  1.000 15.92097 ? 79  PRO A CB  1 
ATOM   623  C CG  . PRO A 1 79  ? 9.06162   2.30988   13.27176  1.000 20.54150 ? 79  PRO A CG  1 
ATOM   624  C CD  . PRO A 1 79  ? 7.85196   3.19836   13.53929  1.000 19.25443 ? 79  PRO A CD  1 
ATOM   625  N N   . CYS A 1 80  ? 9.45525   3.82300   9.24025   1.000 12.74966 ? 80  CYS A N   1 
ATOM   626  C CA  . CYS A 1 80  ? 9.24011   3.19462   7.93860   1.000 11.88383 ? 80  CYS A CA  1 
ATOM   627  C C   . CYS A 1 80  ? 9.52007   1.69722   7.96329   1.000 14.29889 ? 80  CYS A C   1 
ATOM   628  O O   . CYS A 1 80  ? 8.86032   0.94840   7.23902   1.000 13.32592 ? 80  CYS A O   1 
ATOM   629  C CB  . CYS A 1 80  ? 10.03822  3.89911   6.84654   1.000 13.12194 ? 80  CYS A CB  1 
ATOM   630  S SG  . CYS A 1 80  ? 9.59797   5.65229   6.65643   1.000 13.14719 ? 80  CYS A SG  1 
ATOM   631  N N   . SER A 1 81  ? 10.47114  1.23964   8.78473   1.000 13.45896 ? 81  SER A N   1 
ATOM   632  C CA  . SER A 1 81  ? 10.74905  -0.18736  8.86761   1.000 14.76479 ? 81  SER A CA  1 
ATOM   633  C C   . SER A 1 81  ? 9.52125   -0.99446  9.28328   1.000 15.16458 ? 81  SER A C   1 
ATOM   634  O O   . SER A 1 81  ? 9.40802   -2.17359  8.91409   1.000 15.12486 ? 81  SER A O   1 
ATOM   635  C CB  . SER A 1 81  ? 11.88311  -0.43043  9.85021   1.000 15.42072 ? 81  SER A CB  1 
ATOM   636  O OG  . SER A 1 81  ? 11.48060  -0.06986  11.16675  1.000 17.07287 ? 81  SER A OG  1 
ATOM   637  N N   . ALA A 1 82  ? 8.58385   -0.39255  10.03468  1.000 15.07996 ? 82  ALA A N   1 
ATOM   638  C CA  . ALA A 1 82  ? 7.35201   -1.10255  10.38857  1.000 17.73251 ? 82  ALA A CA  1 
ATOM   639  C C   . ALA A 1 82  ? 6.54414   -1.49734  9.15843   1.000 17.04115 ? 82  ALA A C   1 
ATOM   640  O O   . ALA A 1 82  ? 5.75206   -2.44850  9.22118   1.000 18.37050 ? 82  ALA A O   1 
ATOM   641  C CB  . ALA A 1 82  ? 6.48551   -0.27624  11.35345  1.000 18.22127 ? 82  ALA A CB  1 
ATOM   642  N N   . LEU A 1 83  ? 6.70652   -0.78149  8.05286   1.000 14.82338 ? 83  LEU A N   1 
ATOM   643  C CA  . LEU A 1 83  ? 6.01075   -1.07748  6.81128   1.000 15.83880 ? 83  LEU A CA  1 
ATOM   644  C C   . LEU A 1 83  ? 6.62412   -2.24681  6.04482   1.000 14.99979 ? 83  LEU A C   1 
ATOM   645  O O   . LEU A 1 83  ? 6.14814   -2.57587  4.95612   1.000 16.52521 ? 83  LEU A O   1 
ATOM   646  C CB  . LEU A 1 83  ? 5.97432   0.19198   5.95814   1.000 14.55693 ? 83  LEU A CB  1 
ATOM   647  C CG  . LEU A 1 83  ? 5.31305   1.41450   6.60911   1.000 15.84674 ? 83  LEU A CG  1 
ATOM   648  C CD1 . LEU A 1 83  ? 5.56326   2.67164   5.76910   1.000 17.58533 ? 83  LEU A CD1 1 
ATOM   649  C CD2 . LEU A 1 83  ? 3.80832   1.16692   6.72158   1.000 19.23751 ? 83  LEU A CD2 1 
ATOM   650  N N   . LEU A 1 84  ? 7.70980   -2.84940  6.53991   1.000 14.10693 ? 84  LEU A N   1 
ATOM   651  C CA  . LEU A 1 84  ? 8.36452   -3.95337  5.84745   1.000 14.95094 ? 84  LEU A CA  1 
ATOM   652  C C   . LEU A 1 84  ? 8.06497   -5.30376  6.48210   1.000 15.96278 ? 84  LEU A C   1 
ATOM   653  O O   . LEU A 1 84  ? 8.52802   -6.33040  5.96745   1.000 15.71633 ? 84  LEU A O   1 
ATOM   654  C CB  . LEU A 1 84  ? 9.88644   -3.72418  5.80107   1.000 13.89679 ? 84  LEU A CB  1 
ATOM   655  C CG  . LEU A 1 84  ? 10.29362  -2.39653  5.18414   1.000 14.00866 ? 84  LEU A CG  1 
ATOM   656  C CD1 . LEU A 1 84  ? 11.79631  -2.28958  5.15114   1.000 20.00528 ? 84  LEU A CD1 1 
ATOM   657  C CD2 . LEU A 1 84  ? 9.74451   -2.16129  3.79172   1.000 13.82438 ? 84  LEU A CD2 1 
ATOM   658  N N   . SER A 1 85  ? 7.32199   -5.32094  7.58284   1.000 17.01336 ? 85  SER A N   1 
ATOM   659  C CA  . SER A 1 85  ? 7.03292   -6.53962  8.32711   1.000 16.74164 ? 85  SER A CA  1 
ATOM   660  C C   . SER A 1 85  ? 6.19470   -7.53999  7.52466   1.000 17.98016 ? 85  SER A C   1 
ATOM   661  O O   . SER A 1 85  ? 5.43451   -7.18802  6.62002   1.000 18.12553 ? 85  SER A O   1 
ATOM   662  C CB  . SER A 1 85  ? 6.27111   -6.13056  9.58518   1.000 18.05649 ? 85  SER A CB  1 
ATOM   663  O OG  . SER A 1 85  ? 5.90244   -7.25983  10.34254  1.000 21.80304 ? 85  SER A OG  1 
ATOM   664  N N   . SER A 1 86  ? 6.31454   -8.81724  7.88619   1.000 16.68503 ? 86  SER A N   1 
ATOM   665  C CA  . SER A 1 86  ? 5.41909   -9.82083  7.33671   1.000 18.23007 ? 86  SER A CA  1 
ATOM   666  C C   . SER A 1 86  ? 3.98658   -9.60080  7.80594   1.000 19.30371 ? 86  SER A C   1 
ATOM   667  O O   . SER A 1 86  ? 3.04976   -10.02713 7.12431   1.000 20.89106 ? 86  SER A O   1 
ATOM   668  C CB  . SER A 1 86  ? 5.90831   -11.21569 7.71062   1.000 20.00104 ? 86  SER A CB  1 
ATOM   669  O OG  . SER A 1 86  ? 5.99659   -11.31550 9.11116   1.000 28.44595 ? 86  SER A OG  1 
ATOM   670  N N   . ASP A 1 87  ? 3.80043   -8.91793  8.93201   1.000 18.11956 ? 87  ASP A N   1 
ATOM   671  C CA  . ASP A 1 87  ? 2.48743   -8.51177  9.41840   1.000 19.42562 ? 87  ASP A CA  1 
ATOM   672  C C   . ASP A 1 87  ? 2.11724   -7.20096  8.73192   1.000 18.62745 ? 87  ASP A C   1 
ATOM   673  O O   . ASP A 1 87  ? 2.77592   -6.18341  8.96023   1.000 17.99885 ? 87  ASP A O   1 
ATOM   674  C CB  . ASP A 1 87  ? 2.62207   -8.30914  10.92683  1.000 21.25985 ? 87  ASP A CB  1 
ATOM   675  C CG  . ASP A 1 87  ? 1.32917   -7.86729  11.60770  1.000 24.99157 ? 87  ASP A CG  1 
ATOM   676  O OD1 . ASP A 1 87  ? 0.34867   -7.48760  10.93983  1.000 22.29920 ? 87  ASP A OD1 1 
ATOM   677  O OD2 . ASP A 1 87  ? 1.29595   -7.90685  12.85665  1.000 30.96301 ? 87  ASP A OD2 1 
ATOM   678  N N   . ILE A 1 88  ? 1.04198   -7.21047  7.93124   1.000 14.79563 ? 88  ILE A N   1 
ATOM   679  C CA  . ILE A 1 88  ? 0.70078   -6.04063  7.12120   1.000 15.74659 ? 88  ILE A CA  1 
ATOM   680  C C   . ILE A 1 88  ? -0.05841  -4.98642  7.89320   1.000 16.16975 ? 88  ILE A C   1 
ATOM   681  O O   . ILE A 1 88  ? -0.46482  -3.98259  7.29260   1.000 15.45944 ? 88  ILE A O   1 
ATOM   682  C CB  . ILE A 1 88  ? -0.02074  -6.40927  5.81077   1.000 16.16800 ? 88  ILE A CB  1 
ATOM   683  C CG1 . ILE A 1 88  ? -1.44018  -6.95514  6.07411   1.000 17.36569 ? 88  ILE A CG1 1 
ATOM   684  C CG2 . ILE A 1 88  ? 0.83170   -7.35175  4.98252   1.000 19.09634 ? 88  ILE A CG2 1 
ATOM   685  C CD1 . ILE A 1 88  ? -2.28463  -7.04069  4.79260   1.000 18.16788 ? 88  ILE A CD1 1 
ATOM   686  N N   . THR A 1 89  ? -0.28183  -5.17599  9.19903   1.000 17.26477 ? 89  THR A N   1 
ATOM   687  C CA  . THR A 1 89  ? -1.09602  -4.23578  9.98161   1.000 16.63501 ? 89  THR A CA  1 
ATOM   688  C C   . THR A 1 89  ? -0.66178  -2.77411  9.82661   1.000 18.00680 ? 89  THR A C   1 
ATOM   689  O O   . THR A 1 89  ? -1.48399  -1.90243  9.52573   1.000 16.49192 ? 89  THR A O   1 
ATOM   690  C CB  . THR A 1 89  ? -1.09058  -4.63193  11.45956  1.000 18.79241 ? 89  THR A CB  1 
ATOM   691  O OG1 . THR A 1 89  ? -1.68353  -5.92205  11.58904  1.000 21.83950 ? 89  THR A OG1 1 
ATOM   692  C CG2 . THR A 1 89  ? -1.86433  -3.60616  12.29160  1.000 19.91352 ? 89  THR A CG2 1 
ATOM   693  N N   . ALA A 1 90  ? 0.62132   -2.48033  10.03575  1.000 15.74796 ? 90  ALA A N   1 
ATOM   694  C CA  . ALA A 1 90  ? 1.06247   -1.09710  9.96069   1.000 16.32755 ? 90  ALA A CA  1 
ATOM   695  C C   . ALA A 1 90  ? 0.84678   -0.51967  8.56594   1.000 15.94241 ? 90  ALA A C   1 
ATOM   696  O O   . ALA A 1 90  ? 0.40613   0.62708   8.44050   1.000 16.26896 ? 90  ALA A O   1 
ATOM   697  C CB  . ALA A 1 90  ? 2.52339   -0.99577  10.41074  1.000 18.45071 ? 90  ALA A CB  1 
ATOM   698  N N   . SER A 1 91  ? 1.14112   -1.29666  7.51256   1.000 14.74935 ? 91  SER A N   1 
ATOM   699  C CA  . SER A 1 91  ? 0.92154   -0.81789  6.14099   1.000 14.09058 ? 91  SER A CA  1 
ATOM   700  C C   . SER A 1 91  ? -0.55078  -0.52350  5.89050   1.000 14.73787 ? 91  SER A C   1 
ATOM   701  O O   . SER A 1 91  ? -0.88681  0.50041   5.27663   1.000 13.54112 ? 91  SER A O   1 
ATOM   702  C CB  . SER A 1 91  ? 1.44742   -1.81447  5.10707   1.000 13.99791 ? 91  SER A CB  1 
ATOM   703  O OG  . SER A 1 91  ? 2.85195   -1.65352  4.95632   1.000 13.86512 ? 91  SER A OG  1 
ATOM   704  N N   . VAL A 1 92  ? -1.44685  -1.39154  6.37828   1.000 15.30804 ? 92  VAL A N   1 
ATOM   705  C CA  . VAL A 1 92  ? -2.87808  -1.18583  6.14942   1.000 15.90678 ? 92  VAL A CA  1 
ATOM   706  C C   . VAL A 1 92  ? -3.37404  0.03884   6.89246   1.000 17.71953 ? 92  VAL A C   1 
ATOM   707  O O   . VAL A 1 92  ? -4.10274  0.86867   6.33338   1.000 15.25654 ? 92  VAL A O   1 
ATOM   708  C CB  . VAL A 1 92  ? -3.69118  -2.43287  6.52800   1.000 14.73191 ? 92  VAL A CB  1 
ATOM   709  C CG1 . VAL A 1 92  ? -5.20725  -2.12443  6.49981   1.000 18.10964 ? 92  VAL A CG1 1 
ATOM   710  C CG2 . VAL A 1 92  ? -3.36285  -3.56218  5.58349   1.000 15.91933 ? 92  VAL A CG2 1 
ATOM   711  N N   . ASN A 1 93  ? -3.01253  0.16958   8.16769   1.000 15.90711 ? 93  ASN A N   1 
ATOM   712  C CA  . ASN A 1 93  ? -3.49410  1.30946   8.93376   1.000 18.14797 ? 93  ASN A CA  1 
ATOM   713  C C   . ASN A 1 93  ? -3.00767  2.61476   8.33327   1.000 17.65764 ? 93  ASN A C   1 
ATOM   714  O O   . ASN A 1 93  ? -3.75434  3.60066   8.27533   1.000 16.48646 ? 93  ASN A O   1 
ATOM   715  C CB  . ASN A 1 93  ? -3.03297  1.20765   10.38577  1.000 22.62255 ? 93  ASN A CB  1 
ATOM   716  C CG  . ASN A 1 93  ? -3.67257  0.05526   11.11309  1.000 28.73676 ? 93  ASN A CG  1 
ATOM   717  O OD1 . ASN A 1 93  ? -4.57141  -0.59152  10.58175  1.000 27.28245 ? 93  ASN A OD1 1 
ATOM   718  N ND2 . ASN A 1 93  ? -3.20483  -0.21669  12.32650  1.000 29.19701 ? 93  ASN A ND2 1 
ATOM   719  N N   . CYS A 1 94  ? -1.76336  2.64172   7.85450   1.000 14.69373 ? 94  CYS A N   1 
ATOM   720  C CA  . CYS A 1 94  ? -1.27305  3.85595   7.23394   1.000 14.50846 ? 94  CYS A CA  1 
ATOM   721  C C   . CYS A 1 94  ? -1.97551  4.10275   5.90318   1.000 16.29222 ? 94  CYS A C   1 
ATOM   722  O O   . CYS A 1 94  ? -2.38068  5.23423   5.61394   1.000 15.33957 ? 94  CYS A O   1 
ATOM   723  C CB  . CYS A 1 94  ? 0.24555   3.77957   7.09245   1.000 17.31107 ? 94  CYS A CB  1 
ATOM   724  S SG  . CYS A 1 94  ? 1.01240   5.30906   6.56427   1.000 16.46095 ? 94  CYS A SG  1 
ATOM   725  N N   . ALA A 1 95  ? -2.16926  3.05110   5.09908   1.000 14.48455 ? 95  ALA A N   1 
ATOM   726  C CA  . ALA A 1 95  ? -2.91434  3.18810   3.84728   1.000 14.97332 ? 95  ALA A CA  1 
ATOM   727  C C   . ALA A 1 95  ? -4.31902  3.72878   4.06759   1.000 12.41495 ? 95  ALA A C   1 
ATOM   728  O O   . ALA A 1 95  ? -4.80206  4.52737   3.25813   1.000 14.57515 ? 95  ALA A O   1 
ATOM   729  C CB  . ALA A 1 95  ? -2.96229  1.85911   3.11534   1.000 15.64808 ? 95  ALA A CB  1 
ATOM   730  N N   . LYS A 1 96  ? -4.99241  3.30651   5.14030   1.000 14.37938 ? 96  LYS A N   1 
ATOM   731  C CA  . LYS A 1 96  ? -6.31922  3.84966   5.42312   1.000 14.31382 ? 96  LYS A CA  1 
ATOM   732  C C   . LYS A 1 96  ? -6.28212  5.35547   5.63117   1.000 18.35945 ? 96  LYS A C   1 
ATOM   733  O O   . LYS A 1 96  ? -7.17312  6.07295   5.15873   1.000 18.51875 ? 96  LYS A O   1 
ATOM   734  C CB  . LYS A 1 96  ? -6.89916  3.16326   6.65143   1.000 15.35759 ? 96  LYS A CB  1 
ATOM   735  C CG  . LYS A 1 96  ? -7.38020  1.75614   6.37475   1.000 16.16513 ? 96  LYS A CG  1 
ATOM   736  C CD  . LYS A 1 96  ? -7.85604  1.05015   7.66769   1.000 16.13246 ? 96  LYS A CD  1 
ATOM   737  C CE  . LYS A 1 96  ? -8.43382  -0.32993  7.35040   1.000 18.64822 ? 96  LYS A CE  1 
ATOM   738  N NZ  . LYS A 1 96  ? -8.85903  -1.07268  8.58728   1.000 25.40725 ? 96  LYS A NZ  1 
ATOM   739  N N   . LYS A 1 97  ? -5.26799  5.85832   6.33701   1.000 15.55462 ? 97  LYS A N   1 
ATOM   740  C CA  . LYS A 1 97  ? -5.12421  7.29908   6.49369   1.000 18.07014 ? 97  LYS A CA  1 
ATOM   741  C C   . LYS A 1 97  ? -4.85562  7.97459   5.15030   1.000 16.96650 ? 97  LYS A C   1 
ATOM   742  O O   . LYS A 1 97  ? -5.44452  9.01235   4.83659   1.000 18.04270 ? 97  LYS A O   1 
ATOM   743  C CB  . LYS A 1 97  ? -4.01398  7.59912   7.50403   1.000 17.87575 ? 97  LYS A CB  1 
ATOM   744  C CG  . LYS A 1 97  ? -3.90640  9.07192   7.84941   0.805 22.02672 ? 97  LYS A CG  1 
ATOM   745  C CD  . LYS A 1 97  ? -3.01020  9.32506   9.06393   1.000 27.43988 ? 97  LYS A CD  1 
ATOM   746  C CE  . LYS A 1 97  ? -2.96892  10.81027  9.39033   0.000 24.70262 ? 97  LYS A CE  1 
ATOM   747  N NZ  . LYS A 1 97  ? -2.22128  11.10151  10.64293  0.000 24.95949 ? 97  LYS A NZ  1 
ATOM   748  N N   . ILE A 1 98  ? -3.95116  7.40675   4.34329   1.000 14.74710 ? 98  ILE A N   1 
ATOM   749  C CA  . ILE A 1 98  ? -3.60545  8.00115   3.05033   1.000 15.40262 ? 98  ILE A CA  1 
ATOM   750  C C   . ILE A 1 98  ? -4.84564  8.11648   2.15732   1.000 15.70312 ? 98  ILE A C   1 
ATOM   751  O O   . ILE A 1 98  ? -5.13313  9.18523   1.60052   1.000 15.95724 ? 98  ILE A O   1 
ATOM   752  C CB  . ILE A 1 98  ? -2.49106  7.17968   2.37327   1.000 15.11718 ? 98  ILE A CB  1 
ATOM   753  C CG1 . ILE A 1 98  ? -1.17994  7.24058   3.16729   1.000 15.01368 ? 98  ILE A CG1 1 
ATOM   754  C CG2 . ILE A 1 98  ? -2.24220  7.68830   0.97183   1.000 14.80110 ? 98  ILE A CG2 1 
ATOM   755  C CD1 . ILE A 1 98  ? -0.12158  6.23065   2.68168   1.000 16.24702 ? 98  ILE A CD1 1 
ATOM   756  N N   . VAL A 1 99  ? -5.59738  7.02216   2.01523   1.000 14.62106 ? 99  VAL A N   1 
ATOM   757  C CA  . VAL A 1 99  ? -6.72213  6.97570   1.08107   1.000 15.28057 ? 99  VAL A CA  1 
ATOM   758  C C   . VAL A 1 99  ? -7.86190  7.86129   1.54716   1.000 16.69459 ? 99  VAL A C   1 
ATOM   759  O O   . VAL A 1 99  ? -8.71860  8.23488   0.74087   1.000 18.92077 ? 99  VAL A O   1 
ATOM   760  C CB  . VAL A 1 99  ? -7.14383  5.51517   0.81004   1.000 14.14509 ? 99  VAL A CB  1 
ATOM   761  C CG1 . VAL A 1 99  ? -7.92602  4.90790   1.98936   1.000 14.15514 ? 99  VAL A CG1 1 
ATOM   762  C CG2 . VAL A 1 99  ? -7.97783  5.43267   -0.44397  1.000 14.41805 ? 99  VAL A CG2 1 
ATOM   763  N N   . SER A 1 100 ? -7.87455  8.23010   2.81976   1.000 18.31783 ? 100 SER A N   1 
ATOM   764  C CA  . SER A 1 100 ? -8.93259  9.05347   3.39116   1.000 20.98194 ? 100 SER A CA  1 
ATOM   765  C C   . SER A 1 100 ? -8.63434  10.53688  3.29895   1.000 23.11332 ? 100 SER A C   1 
ATOM   766  O O   . SER A 1 100 ? -9.44873  11.34619  3.75183   1.000 25.97498 ? 100 SER A O   1 
ATOM   767  C CB  . SER A 1 100 ? -9.13910  8.70048   4.86846   1.000 20.20554 ? 100 SER A CB  1 
ATOM   768  O OG  . SER A 1 100 ? -9.57446  7.35797   5.04531   1.000 22.27097 ? 100 SER A OG  1 
ATOM   769  N N   . ASP A 1 101 ? -7.49771  10.92316  2.74938   1.000 21.00813 ? 101 ASP A N   1 
ATOM   770  C CA  . ASP A 1 101 ? -7.06052  12.30924  2.86151   1.000 26.63941 ? 101 ASP A CA  1 
ATOM   771  C C   . ASP A 1 101 ? -7.60975  13.21362  1.76370   1.000 29.66329 ? 101 ASP A C   1 
ATOM   772  O O   . ASP A 1 101 ? -7.19393  14.37360  1.67452   1.000 33.32827 ? 101 ASP A O   1 
ATOM   773  C CB  . ASP A 1 101 ? -5.53458  12.40356  2.96766   1.000 26.51697 ? 101 ASP A CB  1 
ATOM   774  C CG  . ASP A 1 101 ? -4.82710  12.17847  1.64353   1.000 30.01850 ? 101 ASP A CG  1 
ATOM   775  O OD1 . ASP A 1 101 ? -5.49318  12.07582  0.58584   1.000 27.11219 ? 101 ASP A OD1 1 
ATOM   776  O OD2 . ASP A 1 101 ? -3.57643  12.09772  1.66061   1.000 32.88251 ? 101 ASP A OD2 1 
ATOM   777  N N   . GLY A 1 102 ? -8.48791  12.70061  0.89789   1.000 26.97507 ? 102 GLY A N   1 
ATOM   778  C CA  . GLY A 1 102 ? -9.15330  13.49656  -0.12282  1.000 30.81932 ? 102 GLY A CA  1 
ATOM   779  C C   . GLY A 1 102 ? -8.85674  13.06950  -1.55114  1.000 25.61957 ? 102 GLY A C   1 
ATOM   780  O O   . GLY A 1 102 ? -9.69862  13.27083  -2.43604  1.000 26.45942 ? 102 GLY A O   1 
ATOM   781  N N   . ASN A 1 103 ? -7.67475  12.49408  -1.80006  1.000 24.70657 ? 103 ASN A N   1 
ATOM   782  C CA  . ASN A 1 103 ? -7.28847  12.12215  -3.15891  1.000 23.85907 ? 103 ASN A CA  1 
ATOM   783  C C   . ASN A 1 103 ? -7.52813  10.65001  -3.45807  1.000 16.56087 ? 103 ASN A C   1 
ATOM   784  O O   . ASN A 1 103 ? -7.30723  10.20484  -4.59651  1.000 17.36743 ? 103 ASN A O   1 
ATOM   785  C CB  . ASN A 1 103 ? -5.83464  12.49583  -3.43267  1.000 30.81243 ? 103 ASN A CB  1 
ATOM   786  C CG  . ASN A 1 103 ? -5.65595  13.98399  -3.65713  1.000 37.84102 ? 103 ASN A CG  1 
ATOM   787  O OD1 . ASN A 1 103 ? -5.21140  14.69970  -2.76597  1.000 42.39373 ? 103 ASN A OD1 1 
ATOM   788  N ND2 . ASN A 1 103 ? -6.00302  14.45682  -4.85280  1.000 38.20593 ? 103 ASN A ND2 1 
ATOM   789  N N   . GLY A 1 104 ? -8.03105  9.91625   -2.48112  1.000 16.90672 ? 104 GLY A N   1 
ATOM   790  C CA  . GLY A 1 104 ? -8.33059  8.50795   -2.68150  1.000 16.32821 ? 104 GLY A CA  1 
ATOM   791  C C   . GLY A 1 104 ? -7.09297  7.73640   -3.08522  1.000 15.54875 ? 104 GLY A C   1 
ATOM   792  O O   . GLY A 1 104 ? -5.96473  8.04977   -2.68530  1.000 16.63881 ? 104 GLY A O   1 
ATOM   793  N N   . MET A 1 105 ? -7.29311  6.75073   -3.94414  1.000 12.43525 ? 105 MET A N   1 
ATOM   794  C CA  . MET A 1 105 ? -6.18042  5.89918   -4.35499  1.000 11.61187 ? 105 MET A CA  1 
ATOM   795  C C   . MET A 1 105 ? -5.28865  6.52938   -5.39942  1.000 12.56862 ? 105 MET A C   1 
ATOM   796  O O   . MET A 1 105 ? -4.25772  5.93091   -5.72735  1.000 12.50233 ? 105 MET A O   1 
ATOM   797  C CB  . MET A 1 105 ? -6.66521  4.52314   -4.78584  1.000 12.62967 ? 105 MET A CB  1 
ATOM   798  C CG  . MET A 1 105 ? -7.16873  3.66719   -3.60630  1.000 12.48771 ? 105 MET A CG  1 
ATOM   799  S SD  . MET A 1 105 ? -7.34113  1.93047   -4.02392  1.000 13.81822 ? 105 MET A SD  1 
ATOM   800  C CE  . MET A 1 105 ? -5.60796  1.42437   -4.05937  1.000 13.70680 ? 105 MET A CE  1 
ATOM   801  N N   . ASN A 1 106 ? -5.60954  7.73790   -5.87688  1.000 13.74747 ? 106 ASN A N   1 
ATOM   802  C CA  . ASN A 1 106 ? -4.70127  8.44247   -6.77730  1.000 13.56521 ? 106 ASN A CA  1 
ATOM   803  C C   . ASN A 1 106 ? -3.36747  8.74660   -6.10913  1.000 16.72518 ? 106 ASN A C   1 
ATOM   804  O O   . ASN A 1 106 ? -2.40505  9.06403   -6.81609  1.000 17.69148 ? 106 ASN A O   1 
ATOM   805  C CB  . ASN A 1 106 ? -5.36017  9.70873   -7.30484  1.000 14.99463 ? 106 ASN A CB  1 
ATOM   806  C CG  . ASN A 1 106 ? -6.56570  9.40114   -8.14066  1.000 14.16197 ? 106 ASN A CG  1 
ATOM   807  O OD1 . ASN A 1 106 ? -6.46777  8.87299   -9.22996  1.000 16.31567 ? 106 ASN A OD1 1 
ATOM   808  N ND2 . ASN A 1 106 ? -7.74600  9.67818   -7.57987  1.000 16.72764 ? 106 ASN A ND2 1 
ATOM   809  N N   . ALA A 1 107 ? -3.28753  8.61184   -4.77870  1.000 14.04530 ? 107 ALA A N   1 
ATOM   810  C CA  . ALA A 1 107 ? -2.03044  8.75658   -4.04444  1.000 15.81097 ? 107 ALA A CA  1 
ATOM   811  C C   . ALA A 1 107 ? -0.99761  7.72980   -4.48485  1.000 17.68755 ? 107 ALA A C   1 
ATOM   812  O O   . ALA A 1 107 ? 0.21016   7.94877   -4.32123  1.000 17.65213 ? 107 ALA A O   1 
ATOM   813  C CB  . ALA A 1 107 ? -2.29664  8.57566   -2.54783  1.000 17.49704 ? 107 ALA A CB  1 
ATOM   814  N N   . TRP A 1 108 ? -1.43610  6.59642   -5.01258  1.000 13.90082 ? 108 TRP A N   1 
ATOM   815  C CA  . TRP A 1 108 ? -0.55507  5.52920   -5.47186  1.000 14.63099 ? 108 TRP A CA  1 
ATOM   816  C C   . TRP A 1 108 ? -0.40172  5.60958   -6.98531  1.000 15.12703 ? 108 TRP A C   1 
ATOM   817  O O   . TRP A 1 108 ? -1.33898  5.31192   -7.72910  1.000 13.93256 ? 108 TRP A O   1 
ATOM   818  C CB  . TRP A 1 108 ? -1.08089  4.16034   -5.04935  1.000 13.38565 ? 108 TRP A CB  1 
ATOM   819  C CG  . TRP A 1 108 ? -0.91322  3.91040   -3.61579  1.000 13.02525 ? 108 TRP A CG  1 
ATOM   820  C CD1 . TRP A 1 108 ? 0.23559   3.48598   -3.00331  1.000 14.84017 ? 108 TRP A CD1 1 
ATOM   821  C CD2 . TRP A 1 108 ? -1.87440  4.10514   -2.55974  1.000 12.95044 ? 108 TRP A CD2 1 
ATOM   822  N NE1 . TRP A 1 108 ? 0.04344   3.38842   -1.66339  1.000 14.47715 ? 108 TRP A NE1 1 
ATOM   823  C CE2 . TRP A 1 108 ? -1.24053  3.75797   -1.35817  1.000 14.76769 ? 108 TRP A CE2 1 
ATOM   824  C CE3 . TRP A 1 108 ? -3.21153  4.52500   -2.52261  1.000 14.14946 ? 108 TRP A CE3 1 
ATOM   825  C CZ2 . TRP A 1 108 ? -1.87400  3.81732   -0.13720  1.000 13.14074 ? 108 TRP A CZ2 1 
ATOM   826  C CZ3 . TRP A 1 108 ? -3.84842  4.60043   -1.29726  1.000 13.67316 ? 108 TRP A CZ3 1 
ATOM   827  C CH2 . TRP A 1 108 ? -3.18082  4.23785   -0.11707  1.000 15.09384 ? 108 TRP A CH2 1 
ATOM   828  N N   . VAL A 1 109 ? 0.79832   5.99594   -7.44049  1.000 14.34922 ? 109 VAL A N   1 
ATOM   829  C CA  . VAL A 1 109 ? 1.07005   6.15149   -8.86224  1.000 15.41056 ? 109 VAL A CA  1 
ATOM   830  C C   . VAL A 1 109 ? 0.80001   4.86079   -9.61911  1.000 11.87863 ? 109 VAL A C   1 
ATOM   831  O O   . VAL A 1 109 ? 0.24077   4.88918   -10.71901 1.000 13.17844 ? 109 VAL A O   1 
ATOM   832  C CB  . VAL A 1 109 ? 2.50933   6.67070   -9.08104  1.000 17.71167 ? 109 VAL A CB  1 
ATOM   833  C CG1 . VAL A 1 109 ? 3.53161   5.72789   -8.48704  1.000 20.23557 ? 109 VAL A CG1 1 
ATOM   834  C CG2 . VAL A 1 109 ? 2.77910   6.87141   -10.56009 1.000 20.40740 ? 109 VAL A CG2 1 
ATOM   835  N N   . ALA A 1 110 ? 1.18480   3.71283   -9.05632  1.000 14.35099 ? 110 ALA A N   1 
ATOM   836  C CA  . ALA A 1 110 ? 0.94025   2.47518   -9.77927  1.000 16.03416 ? 110 ALA A CA  1 
ATOM   837  C C   . ALA A 1 110 ? -0.54154  2.18923   -9.87670  1.000 14.38176 ? 110 ALA A C   1 
ATOM   838  O O   . ALA A 1 110 ? -0.98687  1.63804   -10.89169 1.000 14.72234 ? 110 ALA A O   1 
ATOM   839  C CB  . ALA A 1 110 ? 1.66010   1.30137   -9.12737  1.000 15.87279 ? 110 ALA A CB  1 
ATOM   840  N N   . TRP A 1 111 ? -1.32140  2.58043   -8.86477  1.000 13.34009 ? 111 TRP A N   1 
ATOM   841  C CA  . TRP A 1 111 ? -2.76772  2.39543   -8.98818  1.000 13.98356 ? 111 TRP A CA  1 
ATOM   842  C C   . TRP A 1 111 ? -3.33900  3.25954   -10.10767 1.000 13.56526 ? 111 TRP A C   1 
ATOM   843  O O   . TRP A 1 111 ? -4.07715  2.77383   -10.96894 1.000 13.45957 ? 111 TRP A O   1 
ATOM   844  C CB  . TRP A 1 111 ? -3.49725  2.64613   -7.66353  1.000 13.32160 ? 111 TRP A CB  1 
ATOM   845  C CG  . TRP A 1 111 ? -4.98904  2.44671   -7.81131  1.000 11.98861 ? 111 TRP A CG  1 
ATOM   846  C CD1 . TRP A 1 111 ? -5.67144  1.27325   -7.72939  1.000 12.79643 ? 111 TRP A CD1 1 
ATOM   847  C CD2 . TRP A 1 111 ? -5.94951  3.45293   -8.07991  1.000 11.78438 ? 111 TRP A CD2 1 
ATOM   848  N NE1 . TRP A 1 111 ? -7.01333  1.49087   -7.94806  1.000 14.37063 ? 111 TRP A NE1 1 
ATOM   849  C CE2 . TRP A 1 111 ? -7.21199  2.81939   -8.17580  1.000 12.70488 ? 111 TRP A CE2 1 
ATOM   850  C CE3 . TRP A 1 111 ? -5.87241  4.83302   -8.25598  1.000 12.33149 ? 111 TRP A CE3 1 
ATOM   851  C CZ2 . TRP A 1 111 ? -8.38681  3.52188   -8.41132  1.000 14.49973 ? 111 TRP A CZ2 1 
ATOM   852  C CZ3 . TRP A 1 111 ? -7.05234  5.52993   -8.50946  1.000 14.17595 ? 111 TRP A CZ3 1 
ATOM   853  C CH2 . TRP A 1 111 ? -8.28328  4.86899   -8.58591  1.000 13.88545 ? 111 TRP A CH2 1 
ATOM   854  N N   . ARG A 1 112 ? -2.98509  4.54249   -10.12280 1.000 12.89236 ? 112 ARG A N   1 
ATOM   855  C CA  . ARG A 1 112 ? -3.45196  5.44552   -11.16876 1.000 17.20535 ? 112 ARG A CA  1 
ATOM   856  C C   . ARG A 1 112 ? -3.08923  4.94123   -12.55836 1.000 15.59137 ? 112 ARG A C   1 
ATOM   857  O O   . ARG A 1 112 ? -3.92380  4.95830   -13.46114 1.000 16.13263 ? 112 ARG A O   1 
ATOM   858  C CB  . ARG A 1 112 ? -2.80943  6.80263   -10.93354 1.000 18.83358 ? 112 ARG A CB  1 
ATOM   859  C CG  . ARG A 1 112 ? -3.57036  7.98639   -11.42800 1.000 27.86463 ? 112 ARG A CG  1 
ATOM   860  C CD  . ARG A 1 112 ? -3.02153  9.22342   -10.71412 1.000 28.05680 ? 112 ARG A CD  1 
ATOM   861  N NE  . ARG A 1 112 ? -1.64970  9.50157   -11.12729 1.000 28.41494 ? 112 ARG A NE  1 
ATOM   862  C CZ  . ARG A 1 112 ? -0.60113  9.61775   -10.31425 1.000 28.73804 ? 112 ARG A CZ  1 
ATOM   863  N NH1 . ARG A 1 112 ? -0.72102  9.51772   -8.99854  1.000 28.69057 ? 112 ARG A NH1 1 
ATOM   864  N NH2 . ARG A 1 112 ? 0.60321   9.85259   -10.83654 1.000 25.77104 ? 112 ARG A NH2 1 
ATOM   865  N N   . ASN A 1 113 ? -1.85425  4.47070   -12.74612 1.000 13.77449 ? 113 ASN A N   1 
ATOM   866  C CA  . ASN A 1 113 ? -1.37659  4.20709   -14.09316 1.000 16.62456 ? 113 ASN A CA  1 
ATOM   867  C C   . ASN A 1 113 ? -1.59691  2.77696   -14.54696 1.000 17.98980 ? 113 ASN A C   1 
ATOM   868  O O   . ASN A 1 113 ? -1.52057  2.51319   -15.75418 1.000 19.09453 ? 113 ASN A O   1 
ATOM   869  C CB  . ASN A 1 113 ? 0.11024   4.55761   -14.18866 1.000 15.95977 ? 113 ASN A CB  1 
ATOM   870  C CG  . ASN A 1 113 ? 0.35291   6.04739   -14.13497 1.000 16.87531 ? 113 ASN A CG  1 
ATOM   871  O OD1 . ASN A 1 113 ? -0.51946  6.82523   -14.49144 1.000 20.32881 ? 113 ASN A OD1 1 
ATOM   872  N ND2 . ASN A 1 113 ? 1.56169   6.44995   -13.75264 1.000 17.05394 ? 113 ASN A ND2 1 
ATOM   873  N N   . ARG A 1 114 ? -1.88352  1.84865   -13.63500 1.000 15.85437 ? 114 ARG A N   1 
ATOM   874  C CA  . ARG A 1 114 ? -1.99639  0.44446   -13.99884 1.000 16.45109 ? 114 ARG A CA  1 
ATOM   875  C C   . ARG A 1 114 ? -3.26114  -0.25137  -13.52126 1.000 18.52568 ? 114 ARG A C   1 
ATOM   876  O O   . ARG A 1 114 ? -3.54699  -1.35645  -13.99320 1.000 19.20549 ? 114 ARG A O   1 
ATOM   877  C CB  . ARG A 1 114 ? -0.75247  -0.31407  -13.54466 1.000 20.41858 ? 114 ARG A CB  1 
ATOM   878  C CG  . ARG A 1 114 ? 0.48208   0.41910   -14.07164 1.000 19.58068 ? 114 ARG A CG  1 
ATOM   879  C CD  . ARG A 1 114 ? 1.73496   -0.23741  -13.74729 1.000 23.00548 ? 114 ARG A CD  1 
ATOM   880  N NE  . ARG A 1 114 ? 1.90290   -1.47234  -14.49078 1.000 17.03811 ? 114 ARG A NE  1 
ATOM   881  C CZ  . ARG A 1 114 ? 2.96576   -2.24624  -14.32397 1.000 15.86662 ? 114 ARG A CZ  1 
ATOM   882  N NH1 . ARG A 1 114 ? 3.91451   -1.92401  -13.46339 1.000 18.91769 ? 114 ARG A NH1 1 
ATOM   883  N NH2 . ARG A 1 114 ? 3.06268   -3.36266  -15.03067 1.000 17.82570 ? 114 ARG A NH2 1 
ATOM   884  N N   . CYS A 1 115 ? -4.04598  0.36485   -12.65071 1.000 14.01858 ? 115 CYS A N   1 
ATOM   885  C CA  . CYS A 1 115 ? -5.23857  -0.26829  -12.08969 1.000 16.65683 ? 115 CYS A CA  1 
ATOM   886  C C   . CYS A 1 115 ? -6.50316  0.50760   -12.38901 1.000 14.21087 ? 115 CYS A C   1 
ATOM   887  O O   . CYS A 1 115 ? -7.51555  -0.09022  -12.78892 1.000 15.87666 ? 115 CYS A O   1 
ATOM   888  C CB  . CYS A 1 115 ? -5.08940  -0.40367  -10.57581 1.000 13.97162 ? 115 CYS A CB  1 
ATOM   889  S SG  . CYS A 1 115 ? -3.65053  -1.39536  -10.09206 1.000 13.88370 ? 115 CYS A SG  1 
ATOM   890  N N   . LYS A 1 116 ? -6.48696  1.82029   -12.17305 1.000 13.02897 ? 116 LYS A N   1 
ATOM   891  C CA  . LYS A 1 116 ? -7.64601  2.66788   -12.38499 1.000 16.93154 ? 116 LYS A CA  1 
ATOM   892  C C   . LYS A 1 116 ? -8.16669  2.51079   -13.81092 1.000 18.67527 ? 116 LYS A C   1 
ATOM   893  O O   . LYS A 1 116 ? -7.41499  2.64344   -14.77685 1.000 17.23583 ? 116 LYS A O   1 
ATOM   894  C CB  . LYS A 1 116 ? -7.22167  4.11552   -12.13169 1.000 16.33233 ? 116 LYS A CB  1 
ATOM   895  C CG  . LYS A 1 116 ? -8.35153  5.13385   -12.20057 1.000 14.60378 ? 116 LYS A CG  1 
ATOM   896  C CD  . LYS A 1 116 ? -7.79413  6.52413   -11.96517 1.000 14.21883 ? 116 LYS A CD  1 
ATOM   897  C CE  . LYS A 1 116 ? -8.89365  7.51823   -11.69099 1.000 16.12882 ? 116 LYS A CE  1 
ATOM   898  N NZ  . LYS A 1 116 ? -8.38851  8.89182   -11.49514 1.000 16.64761 ? 116 LYS A NZ  1 
ATOM   899  N N   . GLY A 1 117 ? -9.46973  2.24019   -13.94074 1.000 18.03514 ? 117 GLY A N   1 
ATOM   900  C CA  . GLY A 1 117 ? -10.07622 2.05373   -15.24611 1.000 21.20485 ? 117 GLY A CA  1 
ATOM   901  C C   . GLY A 1 117 ? -9.93639  0.67055   -15.83729 1.000 24.41727 ? 117 GLY A C   1 
ATOM   902  O O   . GLY A 1 117 ? -10.36863 0.45081   -16.98194 1.000 26.27963 ? 117 GLY A O   1 
ATOM   903  N N   . THR A 1 118 ? -9.36166  -0.26674  -15.11035 1.000 20.76464 ? 118 THR A N   1 
ATOM   904  C CA  . THR A 1 118 ? -9.22029  -1.64143  -15.55683 1.000 20.79060 ? 118 THR A CA  1 
ATOM   905  C C   . THR A 1 118 ? -10.15154 -2.52933  -14.74811 1.000 20.09790 ? 118 THR A C   1 
ATOM   906  O O   . THR A 1 118 ? -10.79179 -2.09153  -13.79084 1.000 21.43497 ? 118 THR A O   1 
ATOM   907  C CB  . THR A 1 118 ? -7.77176  -2.11719  -15.40542 1.000 23.41606 ? 118 THR A CB  1 
ATOM   908  O OG1 . THR A 1 118 ? -7.50542  -2.37199  -14.01717 1.000 18.66186 ? 118 THR A OG1 1 
ATOM   909  C CG2 . THR A 1 118 ? -6.80564  -1.04608  -15.90675 1.000 20.44241 ? 118 THR A CG2 1 
ATOM   910  N N   . ASP A 1 119 ? -10.21009 -3.79319  -15.16209 1.000 26.12282 ? 119 ASP A N   1 
ATOM   911  C CA  . ASP A 1 119 ? -11.02812 -4.80162  -14.49235 1.000 26.44513 ? 119 ASP A CA  1 
ATOM   912  C C   . ASP A 1 119 ? -10.27160 -5.23538  -13.24155 1.000 25.29058 ? 119 ASP A C   1 
ATOM   913  O O   . ASP A 1 119 ? -9.61611  -6.27997  -13.20049 1.000 29.45890 ? 119 ASP A O   1 
ATOM   914  C CB  . ASP A 1 119 ? -11.28160 -5.97728  -15.43099 1.000 28.96553 ? 119 ASP A CB  1 
ATOM   915  C CG  . ASP A 1 119 ? -12.11179 -7.08455  -14.78748 1.000 33.54975 ? 119 ASP A CG  1 
ATOM   916  O OD1 . ASP A 1 119 ? -12.76243 -6.83181  -13.74624 1.000 34.26628 ? 119 ASP A OD1 1 
ATOM   917  O OD2 . ASP A 1 119 ? -12.11491 -8.21421  -15.33811 1.000 35.94996 ? 119 ASP A OD2 1 
ATOM   918  N N   . VAL A 1 120 ? -10.34615 -4.39149  -12.20487 1.000 22.73297 ? 120 VAL A N   1 
ATOM   919  C CA  . VAL A 1 120 ? -9.58988  -4.67657  -10.98816 1.000 20.67401 ? 120 VAL A CA  1 
ATOM   920  C C   . VAL A 1 120 ? -10.13614 -5.89908  -10.26021 1.000 20.89517 ? 120 VAL A C   1 
ATOM   921  O O   . VAL A 1 120 ? -9.40664  -6.54359  -9.49746  1.000 20.54426 ? 120 VAL A O   1 
ATOM   922  C CB  . VAL A 1 120 ? -9.50299  -3.46254  -10.03786 1.000 19.08489 ? 120 VAL A CB  1 
ATOM   923  C CG1 . VAL A 1 120 ? -8.73593  -2.32963  -10.67839 1.000 18.18741 ? 120 VAL A CG1 1 
ATOM   924  C CG2 . VAL A 1 120 ? -10.88461 -2.99921  -9.64054  1.000 22.07106 ? 120 VAL A CG2 1 
ATOM   925  N N   . GLN A 1 121 ? -11.40709 -6.24867  -10.48017 1.000 20.91288 ? 121 GLN A N   1 
ATOM   926  C CA  . GLN A 1 121 ? -11.96129 -7.44325  -9.84915  1.000 25.80388 ? 121 GLN A CA  1 
ATOM   927  C C   . GLN A 1 121 ? -11.20429 -8.70016  -10.25043 1.000 21.83071 ? 121 GLN A C   1 
ATOM   928  O O   . GLN A 1 121 ? -11.20926 -9.68479  -9.50541  1.000 23.88854 ? 121 GLN A O   1 
ATOM   929  C CB  . GLN A 1 121 ? -13.44914 -7.57660  -10.18410 1.000 25.39447 ? 121 GLN A CB  1 
ATOM   930  C CG  . GLN A 1 121 ? -14.37076 -6.87483  -9.19055  1.000 34.58470 ? 121 GLN A CG  1 
ATOM   931  C CD  . GLN A 1 121 ? -14.84116 -7.80566  -8.07924  0.000 32.38401 ? 121 GLN A CD  1 
ATOM   932  O OE1 . GLN A 1 121 ? -15.00876 -9.01014  -8.28599  1.000 47.51719 ? 121 GLN A OE1 1 
ATOM   933  N NE2 . GLN A 1 121 ? -15.05365 -7.24848  -6.89314  0.000 30.60676 ? 121 GLN A NE2 1 
ATOM   934  N N   . ALA A 1 122 ? -10.56768 -8.69305  -11.42180 1.000 20.54887 ? 122 ALA A N   1 
ATOM   935  C CA  . ALA A 1 122 ? -9.75594  -9.82798  -11.84371 1.000 21.38513 ? 122 ALA A CA  1 
ATOM   936  C C   . ALA A 1 122 ? -8.71526  -10.19432 -10.79824 1.000 22.15277 ? 122 ALA A C   1 
ATOM   937  O O   . ALA A 1 122 ? -8.35847  -11.37092 -10.65023 1.000 22.58244 ? 122 ALA A O   1 
ATOM   938  C CB  . ALA A 1 122 ? -9.05533  -9.49653  -13.16078 1.000 24.92496 ? 122 ALA A CB  1 
ATOM   939  N N   . TRP A 1 123 ? -8.21233  -9.20035  -10.05659 1.000 20.41372 ? 123 TRP A N   1 
ATOM   940  C CA  . TRP A 1 123 ? -7.14650  -9.46963  -9.10262  1.000 19.94444 ? 123 TRP A CA  1 
ATOM   941  C C   . TRP A 1 123 ? -7.59667  -10.33451 -7.93628  1.000 19.51603 ? 123 TRP A C   1 
ATOM   942  O O   . TRP A 1 123 ? -6.74155  -10.88737 -7.24117  1.000 19.65004 ? 123 TRP A O   1 
ATOM   943  C CB  . TRP A 1 123 ? -6.50546  -8.15483  -8.63111  1.000 18.89175 ? 123 TRP A CB  1 
ATOM   944  C CG  . TRP A 1 123 ? -5.65004  -7.64658  -9.69900  1.000 21.52137 ? 123 TRP A CG  1 
ATOM   945  C CD1 . TRP A 1 123 ? -5.95665  -6.68381  -10.60901 1.000 24.09491 ? 123 TRP A CD1 1 
ATOM   946  C CD2 . TRP A 1 123 ? -4.38389  -8.16617  -10.06887 1.000 20.26058 ? 123 TRP A CD2 1 
ATOM   947  N NE1 . TRP A 1 123 ? -4.93338  -6.53441  -11.49394 1.000 23.41997 ? 123 TRP A NE1 1 
ATOM   948  C CE2 . TRP A 1 123 ? -3.95562  -7.44636  -11.19561 1.000 20.09555 ? 123 TRP A CE2 1 
ATOM   949  C CE3 . TRP A 1 123 ? -3.55337  -9.16240  -9.53912  1.000 18.30868 ? 123 TRP A CE3 1 
ATOM   950  C CZ2 . TRP A 1 123 ? -2.71552  -7.67370  -11.78901 1.000 21.57715 ? 123 TRP A CZ2 1 
ATOM   951  C CZ3 . TRP A 1 123 ? -2.33695  -9.40880  -10.14037 1.000 21.09172 ? 123 TRP A CZ3 1 
ATOM   952  C CH2 . TRP A 1 123 ? -1.93569  -8.66843  -11.26683 1.000 23.32953 ? 123 TRP A CH2 1 
ATOM   953  N N   . ILE A 1 124 ? -8.90548  -10.45361 -7.70173  1.000 19.61545 ? 124 ILE A N   1 
ATOM   954  C CA  . ILE A 1 124 ? -9.41531  -11.29691 -6.62573  1.000 21.89523 ? 124 ILE A CA  1 
ATOM   955  C C   . ILE A 1 124 ? -10.13552 -12.53608 -7.13033  1.000 22.41231 ? 124 ILE A C   1 
ATOM   956  O O   . ILE A 1 124 ? -10.62858 -13.32862 -6.30784  1.000 24.06215 ? 124 ILE A O   1 
ATOM   957  C CB  . ILE A 1 124 ? -10.26728 -10.52140 -5.59656  1.000 21.05330 ? 124 ILE A CB  1 
ATOM   958  C CG1 . ILE A 1 124 ? -11.52617 -9.93090  -6.25191  1.000 22.15945 ? 124 ILE A CG1 1 
ATOM   959  C CG2 . ILE A 1 124 ? -9.42500  -9.45103  -4.87049  1.000 20.40986 ? 124 ILE A CG2 1 
ATOM   960  C CD1 . ILE A 1 124 ? -12.60047 -9.47724  -5.26465  1.000 28.49862 ? 124 ILE A CD1 1 
ATOM   961  N N   . ARG A 1 125 ? -10.20682 -12.73692 -8.43906  1.000 21.61578 ? 125 ARG A N   1 
ATOM   962  C CA  . ARG A 1 125 ? -10.95988 -13.87273 -8.96312  1.000 25.89072 ? 125 ARG A CA  1 
ATOM   963  C C   . ARG A 1 125 ? -10.27613 -15.18281 -8.60806  1.000 26.07380 ? 125 ARG A C   1 
ATOM   964  O O   . ARG A 1 125 ? -9.04958  -15.27440 -8.55208  1.000 27.08950 ? 125 ARG A O   1 
ATOM   965  C CB  . ARG A 1 125 ? -11.14084 -13.75580 -10.47237 1.000 32.86471 ? 125 ARG A CB  1 
ATOM   966  C CG  . ARG A 1 125 ? -12.27833 -12.82725 -10.84616 1.000 40.58631 ? 125 ARG A CG  1 
ATOM   967  C CD  . ARG A 1 125 ? -12.74957 -13.01872 -12.27705 1.000 40.27335 ? 125 ARG A CD  1 
ATOM   968  N NE  . ARG A 1 125 ? -13.40415 -11.80234 -12.73949 1.000 44.15711 ? 125 ARG A NE  1 
ATOM   969  C CZ  . ARG A 1 125 ? -12.92294 -11.00853 -13.68449 0.336 36.58289 ? 125 ARG A CZ  1 
ATOM   970  N NH1 . ARG A 1 125 ? -11.85975 -11.34626 -14.39337 1.000 37.83933 ? 125 ARG A NH1 1 
ATOM   971  N NH2 . ARG A 1 125 ? -13.52793 -9.85006  -13.92763 1.000 42.32289 ? 125 ARG A NH2 1 
ATOM   972  N N   . GLY A 1 126 ? -11.08982 -16.19823 -8.32723  1.000 27.30452 ? 126 GLY A N   1 
ATOM   973  C CA  . GLY A 1 126 ? -10.58028 -17.48759 -7.91665  1.000 29.46359 ? 126 GLY A CA  1 
ATOM   974  C C   . GLY A 1 126 ? -10.14064 -17.59722 -6.47346  1.000 29.65091 ? 126 GLY A C   1 
ATOM   975  O O   . GLY A 1 126 ? -9.68386  -18.67326 -6.06799  1.000 34.33554 ? 126 GLY A O   1 
ATOM   976  N N   . CYS A 1 127 ? -10.26565 -16.54010 -5.67826  1.000 24.93269 ? 127 CYS A N   1 
ATOM   977  C CA  . CYS A 1 127 ? -9.75055  -16.54001 -4.31570  1.000 25.50635 ? 127 CYS A CA  1 
ATOM   978  C C   . CYS A 1 127 ? -10.83947 -16.89878 -3.31150  1.000 27.30297 ? 127 CYS A C   1 
ATOM   979  O O   . CYS A 1 127 ? -11.97790 -16.42905 -3.41259  1.000 25.63971 ? 127 CYS A O   1 
ATOM   980  C CB  . CYS A 1 127 ? -9.17666  -15.16738 -3.94412  1.000 23.19263 ? 127 CYS A CB  1 
ATOM   981  S SG  . CYS A 1 127 ? -7.82127  -14.50540 -5.00989  1.000 23.43027 ? 127 CYS A SG  1 
ATOM   982  N N   . ARG A 1 128 ? -10.47593 -17.70709 -2.31867  1.000 27.62225 ? 128 ARG A N   1 
ATOM   983  C CA  . ARG A 1 128 ? -11.37544 -17.97895 -1.20993  1.000 31.45536 ? 128 ARG A CA  1 
ATOM   984  C C   . ARG A 1 128 ? -11.37004 -16.74929 -0.31352  1.000 28.97339 ? 128 ARG A C   1 
ATOM   985  O O   . ARG A 1 128 ? -10.33335 -16.39418 0.26048   1.000 34.98490 ? 128 ARG A O   1 
ATOM   986  C CB  . ARG A 1 128 ? -10.91306 -19.22808 -0.46628  1.000 32.39212 ? 128 ARG A CB  1 
ATOM   987  C CG  . ARG A 1 128 ? -12.00708 -19.92984 0.30760   1.000 33.53257 ? 128 ARG A CG  1 
ATOM   988  C CD  . ARG A 1 128 ? -11.85935 -21.43957 0.17760   1.000 37.00740 ? 128 ARG A CD  1 
ATOM   989  N NE  . ARG A 1 128 ? -10.47185 -21.85608 0.32512   1.000 38.69436 ? 128 ARG A NE  1 
ATOM   990  C CZ  . ARG A 1 128 ? -9.94655  -22.94475 -0.22359  1.000 35.69261 ? 128 ARG A CZ  1 
ATOM   991  N NH1 . ARG A 1 128 ? -10.66217 -23.74283 -0.99945  1.000 42.84332 ? 128 ARG A NH1 1 
ATOM   992  N NH2 . ARG A 1 128 ? -8.66900  -23.23816 0.01201   1.000 32.55924 ? 128 ARG A NH2 1 
ATOM   993  N N   . LEU A 1 129 ? -12.50984 -16.07305 -0.22525  1.000 33.48410 ? 129 LEU A N   1 
ATOM   994  C CA  . LEU A 1 129 ? -12.62796 -14.87774 0.60133   1.000 35.32561 ? 129 LEU A CA  1 
ATOM   995  C C   . LEU A 1 129 ? -13.92276 -14.90469 1.39187   0.000 35.41886 ? 129 LEU A C   1 
ATOM   996  O O   . LEU A 1 129 ? -14.06418 -14.12623 2.32792   1.000 37.96613 ? 129 LEU A O   1 
ATOM   997  C CB  . LEU A 1 129 ? -12.59397 -13.60814 -0.24901  1.000 31.88723 ? 129 LEU A CB  1 
ATOM   998  C CG  . LEU A 1 129 ? -11.41168 -13.36858 -1.18479  1.000 28.48519 ? 129 LEU A CG  1 
ATOM   999  C CD1 . LEU A 1 129 ? -11.76271 -12.26359 -2.15540  1.000 32.79849 ? 129 LEU A CD1 1 
ATOM   1000 C CD2 . LEU A 1 129 ? -10.14157 -13.00963 -0.42302  1.000 33.77781 ? 129 LEU A CD2 1 
ATOM   1001 O OXT . LEU A 1 129 ? -14.84593 -15.67166 1.10598   1.000 43.11587 ? 129 LEU A OXT 1 
HETATM 1002 O OAA . GTQ B 2 .   ? -2.68521  -10.86027 8.57458   0.750 33.90541 ? 201 GTQ A OAA 1 
HETATM 1003 O OAB . GTQ B 2 .   ? -4.67374  -11.52560 7.82020   0.750 29.07964 ? 201 GTQ A OAB 1 
HETATM 1004 O OAC . GTQ B 2 .   ? 0.63101   -13.98322 6.46006   0.750 34.44874 ? 201 GTQ A OAC 1 
HETATM 1005 O OAD . GTQ B 2 .   ? -4.81502  -13.31888 6.07328   0.750 34.64560 ? 201 GTQ A OAD 1 
HETATM 1006 C CAE . GTQ B 2 .   ? -1.45320  -14.60106 5.51696   0.750 26.66741 ? 201 GTQ A CAE 1 
HETATM 1007 C CAF . GTQ B 2 .   ? -2.82851  -14.44432 5.40106   0.750 28.76791 ? 201 GTQ A CAF 1 
HETATM 1008 C CAG . GTQ B 2 .   ? -1.35710  -12.83746 7.15225   0.750 31.02351 ? 201 GTQ A CAG 1 
HETATM 1009 C CAH . GTQ B 2 .   ? -3.44069  -11.61704 7.88224   0.750 27.39582 ? 201 GTQ A CAH 1 
HETATM 1010 C CAI . GTQ B 2 .   ? -0.71504  -13.80065 6.38864   0.750 27.53659 ? 201 GTQ A CAI 1 
HETATM 1011 C CAJ . GTQ B 2 .   ? -3.48630  -13.47913 6.17222   0.750 27.80398 ? 201 GTQ A CAJ 1 
HETATM 1012 C CAK . GTQ B 2 .   ? -2.72846  -12.66946 7.06023   0.750 26.63079 ? 201 GTQ A CAK 1 
HETATM 1013 O OAA . GTQ C 2 .   ? 3.22929   -6.38542  -15.76228 1.000 23.25702 ? 202 GTQ A OAA 1 
HETATM 1014 O OAB . GTQ C 2 .   ? 4.68614   -7.62742  -14.62251 1.000 26.59726 ? 202 GTQ A OAB 1 
HETATM 1015 O OAC . GTQ C 2 .   ? -1.17497  -8.78485  -15.39122 1.000 46.96164 ? 202 GTQ A OAC 1 
HETATM 1016 O OAD . GTQ C 2 .   ? 3.90572   -9.80476  -13.52626 1.000 41.75341 ? 202 GTQ A OAD 1 
HETATM 1017 C CAE . GTQ C 2 .   ? 0.34738   -10.13670 -14.20392 1.000 31.13582 ? 202 GTQ A CAE 1 
HETATM 1018 C CAF . GTQ C 2 .   ? 1.61971   -10.40664 -13.73119 1.000 28.98199 ? 202 GTQ A CAF 1 
HETATM 1019 C CAG . GTQ C 2 .   ? 1.14197   -8.11485  -15.23499 1.000 29.79798 ? 202 GTQ A CAG 1 
HETATM 1020 C CAH . GTQ C 2 .   ? 3.55258   -7.40469  -15.06377 1.000 26.85458 ? 202 GTQ A CAH 1 
HETATM 1021 C CAI . GTQ C 2 .   ? 0.09788   -8.99592  -14.95233 1.000 36.66827 ? 202 GTQ A CAI 1 
HETATM 1022 C CAJ . GTQ C 2 .   ? 2.67701   -9.53326  -14.00002 1.000 35.68060 ? 202 GTQ A CAJ 1 
HETATM 1023 C CAK . GTQ C 2 .   ? 2.42261   -8.36689  -14.76799 1.000 26.92376 ? 202 GTQ A CAK 1 
HETATM 1024 C C1  . EDO D 3 .   ? -5.39582  -10.90922 -12.67895 1.000 32.71691 ? 203 EDO A C1  1 
HETATM 1025 O O1  . EDO D 3 .   ? -4.87628  -12.14865 -12.17866 1.000 37.07155 ? 203 EDO A O1  1 
HETATM 1026 C C2  . EDO D 3 .   ? -4.64589  -10.52152 -13.94750 1.000 30.48419 ? 203 EDO A C2  1 
HETATM 1027 O O2  . EDO D 3 .   ? -5.39398  -9.56614  -14.69992 1.000 40.58770 ? 203 EDO A O2  1 
HETATM 1028 C C1  . EDO E 3 .   ? 0.63393   14.54861  1.24393   1.000 33.48693 ? 204 EDO A C1  1 
HETATM 1029 O O1  . EDO E 3 .   ? -0.61642  14.85758  1.86392   1.000 43.58865 ? 204 EDO A O1  1 
HETATM 1030 C C2  . EDO E 3 .   ? 0.38047   13.98035  -0.14307  1.000 36.40097 ? 204 EDO A C2  1 
HETATM 1031 O O2  . EDO E 3 .   ? 0.81844   14.92064  -1.13322  1.000 45.26744 ? 204 EDO A O2  1 
HETATM 1032 C C1  . EDO F 3 .   ? -2.08278  -18.10650 -3.42967  1.000 31.51112 ? 205 EDO A C1  1 
HETATM 1033 O O1  . EDO F 3 .   ? -2.16378  -16.95668 -2.58946  1.000 24.82340 ? 205 EDO A O1  1 
HETATM 1034 C C2  . EDO F 3 .   ? -1.86235  -17.62387 -4.85654  1.000 32.14495 ? 205 EDO A C2  1 
HETATM 1035 O O2  . EDO F 3 .   ? -2.92234  -16.73452 -5.25489  1.000 25.75506 ? 205 EDO A O2  1 
HETATM 1036 C C1  . EDO G 3 .   ? 5.14323   20.48073  5.09446   1.000 43.62289 ? 206 EDO A C1  1 
HETATM 1037 O O1  . EDO G 3 .   ? 5.97728   21.32570  5.89540   1.000 47.33055 ? 206 EDO A O1  1 
HETATM 1038 C C2  . EDO G 3 .   ? 3.71107   20.57664  5.59977   1.000 37.66810 ? 206 EDO A C2  1 
HETATM 1039 O O2  . EDO G 3 .   ? 2.89148   21.16298  4.58368   1.000 44.33219 ? 206 EDO A O2  1 
HETATM 1040 C C1  . EDO H 3 .   ? -12.98349 8.29602   -4.05375  1.000 28.02220 ? 207 EDO A C1  1 
HETATM 1041 O O1  . EDO H 3 .   ? -11.80934 8.49910   -3.27760  1.000 19.62564 ? 207 EDO A O1  1 
HETATM 1042 C C2  . EDO H 3 .   ? -14.09465 7.59559   -3.27691  1.000 22.33669 ? 207 EDO A C2  1 
HETATM 1043 O O2  . EDO H 3 .   ? -13.98766 7.92261   -1.87631  1.000 30.76167 ? 207 EDO A O2  1 
HETATM 1044 O O   . HOH I 4 .   ? -2.29054  -6.91016  -15.65954 1.000 35.33360 ? 301 HOH A O   1 
HETATM 1045 O O   . HOH I 4 .   ? 5.63246   -8.70308  -12.23818 1.000 36.31224 ? 302 HOH A O   1 
HETATM 1046 O O   . HOH I 4 .   ? -2.55324  11.41842  -0.49418  1.000 30.72490 ? 303 HOH A O   1 
HETATM 1047 O O   . HOH I 4 .   ? -12.84015 -14.53250 -4.86496  1.000 32.32810 ? 304 HOH A O   1 
HETATM 1048 O O   . HOH I 4 .   ? -0.50942  -9.61488  8.16242   1.000 29.32858 ? 305 HOH A O   1 
HETATM 1049 O O   . HOH I 4 .   ? 8.58071   15.62105  -3.79691  1.000 33.19866 ? 306 HOH A O   1 
HETATM 1050 O O   . HOH I 4 .   ? 5.45470   0.65291   -9.19003  1.000 30.78860 ? 307 HOH A O   1 
HETATM 1051 O O   . HOH I 4 .   ? -4.93210  10.12968  -1.03844  1.000 23.15925 ? 308 HOH A O   1 
HETATM 1052 O O   . HOH I 4 .   ? 6.34192   7.56389   -4.45333  1.000 33.65446 ? 309 HOH A O   1 
HETATM 1053 O O   . HOH I 4 .   ? -9.89347  10.39618  -0.13927  1.000 25.05692 ? 310 HOH A O   1 
HETATM 1054 O O   . HOH I 4 .   ? 5.46114   4.01841   -6.15692  1.000 20.93284 ? 311 HOH A O   1 
HETATM 1055 O O   . HOH I 4 .   ? -1.20662  9.33939   -13.70616 1.000 33.12439 ? 312 HOH A O   1 
HETATM 1056 O O   . HOH I 4 .   ? 4.23965   -3.83883  3.66725   1.000 18.72838 ? 313 HOH A O   1 
HETATM 1057 O O   . HOH I 4 .   ? 9.56953   4.94816   -5.89040  1.000 29.27480 ? 314 HOH A O   1 
HETATM 1058 O O   . HOH I 4 .   ? -1.01761  8.52151   13.11684  1.000 35.14265 ? 315 HOH A O   1 
HETATM 1059 O O   . HOH I 4 .   ? 13.90917  -3.54650  -0.35228  1.000 13.15601 ? 316 HOH A O   1 
HETATM 1060 O O   . HOH I 4 .   ? 14.78971  8.21932   2.32008   1.000 13.70906 ? 317 HOH A O   1 
HETATM 1061 O O   . HOH I 4 .   ? 3.37060   -13.54864 -5.39690  1.000 25.20241 ? 318 HOH A O   1 
HETATM 1062 O O   . HOH I 4 .   ? -2.81526  -3.09740  -15.91787 1.000 21.01931 ? 319 HOH A O   1 
HETATM 1063 O O   . HOH I 4 .   ? -5.64563  4.22256   10.09842  1.000 31.52637 ? 320 HOH A O   1 
HETATM 1064 O O   . HOH I 4 .   ? 3.70559   -5.28258  5.77286   1.000 16.31947 ? 321 HOH A O   1 
HETATM 1065 O O   . HOH I 4 .   ? -7.77137  -16.15143 -0.59053  1.000 30.31274 ? 322 HOH A O   1 
HETATM 1066 O O   . HOH I 4 .   ? -11.29629 0.36715   -12.73906 1.000 28.01097 ? 323 HOH A O   1 
HETATM 1067 O O   . HOH I 4 .   ? 15.95117  1.23961   -0.91975  0.50  16.47147 ? 324 HOH A O   1 
HETATM 1068 O O   . HOH I 4 .   ? 13.70494  0.43562   12.66778  1.000 21.31118 ? 325 HOH A O   1 
HETATM 1069 O O   . HOH I 4 .   ? -6.51605  10.99976  6.37809   1.000 30.22619 ? 326 HOH A O   1 
HETATM 1070 O O   . HOH I 4 .   ? 10.15476  -10.68227 1.45762   1.000 16.93144 ? 327 HOH A O   1 
HETATM 1071 O O   . HOH I 4 .   ? 9.87823   -1.76059  12.66829  1.000 23.76276 ? 328 HOH A O   1 
HETATM 1072 O O   . HOH I 4 .   ? 7.85903   2.84205   -5.52790  1.000 19.94743 ? 329 HOH A O   1 
HETATM 1073 O O   . HOH I 4 .   ? -10.48590 1.10062   -10.33593 1.000 27.77582 ? 330 HOH A O   1 
HETATM 1074 O O   . HOH I 4 .   ? -3.49727  -7.10072  13.37444  1.000 37.26599 ? 331 HOH A O   1 
HETATM 1075 O O   . HOH I 4 .   ? -12.58368 -5.95679  -6.57829  1.000 21.92582 ? 332 HOH A O   1 
HETATM 1076 O O   . HOH I 4 .   ? 5.10958   -11.75037 -6.55027  1.000 26.97599 ? 333 HOH A O   1 
HETATM 1077 O O   . HOH I 4 .   ? -12.43354 -5.77382  4.31336   1.000 23.04347 ? 334 HOH A O   1 
HETATM 1078 O O   . HOH I 4 .   ? 10.45918  -4.69924  9.61518   1.000 21.39686 ? 335 HOH A O   1 
HETATM 1079 O O   . HOH I 4 .   ? 0.65082   2.32566   10.68374  1.000 23.23802 ? 336 HOH A O   1 
HETATM 1080 O O   . HOH I 4 .   ? 9.22164   -10.98620 6.07729   1.000 24.75249 ? 337 HOH A O   1 
HETATM 1081 O O   . HOH I 4 .   ? -4.63723  2.81487   -15.27553 1.000 19.33650 ? 338 HOH A O   1 
HETATM 1082 O O   . HOH I 4 .   ? 2.45874   -4.43381  11.16666  1.000 21.08610 ? 339 HOH A O   1 
HETATM 1083 O O   . HOH I 4 .   ? 4.70298   -6.15109  -10.38990 1.000 30.80906 ? 340 HOH A O   1 
HETATM 1084 O O   . HOH I 4 .   ? -9.17861  -4.53318  -17.72642 1.000 30.94526 ? 341 HOH A O   1 
HETATM 1085 O O   . HOH I 4 .   ? -13.40504 -4.64120  -11.99660 1.000 34.71755 ? 342 HOH A O   1 
HETATM 1086 O O   . HOH I 4 .   ? -0.62381  4.70022   11.23067  1.000 25.56802 ? 343 HOH A O   1 
HETATM 1087 O O   . HOH I 4 .   ? 3.40855   -0.31842  2.45142   1.000 13.61065 ? 344 HOH A O   1 
HETATM 1088 O O   . HOH I 4 .   ? 21.16678  6.39472   3.97751   1.000 20.19944 ? 345 HOH A O   1 
HETATM 1089 O O   . HOH I 4 .   ? 9.54745   -6.62878  -4.73231  1.000 18.68032 ? 346 HOH A O   1 
HETATM 1090 O O   . HOH I 4 .   ? 11.32743  10.14784  7.27184   1.000 17.29186 ? 347 HOH A O   1 
HETATM 1091 O O   . HOH I 4 .   ? -14.73468 3.11031   4.50393   1.000 25.98572 ? 348 HOH A O   1 
HETATM 1092 O O   . HOH I 4 .   ? -6.19437  -4.93218  -13.61629 1.000 27.49669 ? 349 HOH A O   1 
HETATM 1093 O O   . HOH I 4 .   ? 8.77935   11.18455  13.62090  1.000 32.18011 ? 350 HOH A O   1 
HETATM 1094 O O   . HOH I 4 .   ? -9.93737  -12.77197 5.33886   1.000 30.04157 ? 351 HOH A O   1 
HETATM 1095 O O   . HOH I 4 .   ? -0.07773  -2.59662  -16.29688 1.000 21.76244 ? 352 HOH A O   1 
HETATM 1096 O O   . HOH I 4 .   ? 10.70303  12.25801  -5.87190  1.000 26.90610 ? 353 HOH A O   1 
HETATM 1097 O O   . HOH I 4 .   ? 13.52892  11.73366  8.13953   1.000 23.46193 ? 354 HOH A O   1 
HETATM 1098 O O   . HOH I 4 .   ? 2.74818   6.59684   -5.36495  1.000 26.56162 ? 355 HOH A O   1 
HETATM 1099 O O   . HOH I 4 .   ? 5.34172   -4.88760  -13.86175 1.000 19.01253 ? 356 HOH A O   1 
HETATM 1100 O O   . HOH I 4 .   ? 4.97101   -3.46721  11.84204  1.000 25.05629 ? 357 HOH A O   1 
HETATM 1101 O O   . HOH I 4 .   ? 3.24403   -3.48939  7.93871   1.000 17.10949 ? 358 HOH A O   1 
HETATM 1102 O O   . HOH I 4 .   ? 15.07861  8.03030   12.81021  1.000 22.49838 ? 359 HOH A O   1 
HETATM 1103 O O   . HOH I 4 .   ? 13.61102  16.94408  9.00271   0.50  30.91791 ? 360 HOH A O   1 
HETATM 1104 O O   . HOH I 4 .   ? 16.59783  16.04994  -2.00794  1.000 36.82059 ? 361 HOH A O   1 
HETATM 1105 O O   . HOH I 4 .   ? 3.03804   7.11728   -0.34614  1.000 28.94523 ? 362 HOH A O   1 
HETATM 1106 O O   . HOH I 4 .   ? 7.43198   0.68024   -7.44311  1.000 31.57649 ? 363 HOH A O   1 
HETATM 1107 O O   . HOH I 4 .   ? 8.67862   -9.29451  9.75520   1.000 26.54317 ? 364 HOH A O   1 
HETATM 1108 O O   . HOH I 4 .   ? 16.14897  2.71640   -5.20013  1.000 23.78662 ? 365 HOH A O   1 
HETATM 1109 O O   . HOH I 4 .   ? 7.74417   6.81722   14.62408  1.000 30.33215 ? 366 HOH A O   1 
HETATM 1110 O O   . HOH I 4 .   ? 8.15001   -15.14532 1.50257   1.000 28.83113 ? 367 HOH A O   1 
HETATM 1111 O O   . HOH I 4 .   ? 10.17328  7.00651   14.44565  1.000 32.30105 ? 368 HOH A O   1 
HETATM 1112 O O   . HOH I 4 .   ? 4.62838   -11.65900 11.94872  1.000 38.17923 ? 369 HOH A O   1 
HETATM 1113 O O   . HOH I 4 .   ? 1.61812   -4.86429  13.73972  1.000 33.43683 ? 370 HOH A O   1 
HETATM 1114 O O   . HOH I 4 .   ? 9.81431   -8.65350  -6.69642  1.000 26.86126 ? 371 HOH A O   1 
HETATM 1115 O O   . HOH I 4 .   ? 4.96958   21.21563  8.96459   1.000 30.63166 ? 372 HOH A O   1 
HETATM 1116 O O   . HOH I 4 .   ? -10.62404 5.09991   -15.15605 1.000 28.38218 ? 373 HOH A O   1 
HETATM 1117 O O   . HOH I 4 .   ? 9.50773   -7.32021  10.92604  1.000 32.58717 ? 374 HOH A O   1 
HETATM 1118 O O   . HOH I 4 .   ? -3.76574  -5.44682  -14.86963 1.000 36.26373 ? 375 HOH A O   1 
HETATM 1119 O O   . HOH I 4 .   ? 0.33670   0.91993   12.97165  1.000 32.49837 ? 376 HOH A O   1 
HETATM 1120 O O   . HOH I 4 .   ? 6.47106   0.42026   14.98622  1.000 34.00054 ? 377 HOH A O   1 
HETATM 1121 O O   . HOH I 4 .   ? 8.54435   -1.00806  14.92587  1.000 36.30292 ? 378 HOH A O   1 
HETATM 1122 O O   . HOH I 4 .   ? 18.10354  4.01827   -6.52977  0.50  28.29181 ? 379 HOH A O   1 
HETATM 1123 O O   . HOH I 4 .   ? 4.18136   -1.53618  13.91761  1.000 37.85911 ? 380 HOH A O   1 
# 
